data_5A4O
# 
_entry.id   5A4O 
# 
_audit_conform.dict_name       mmcif_pdbx.dic 
_audit_conform.dict_version    5.391 
_audit_conform.dict_location   http://mmcif.pdb.org/dictionaries/ascii/mmcif_pdbx.dic 
# 
loop_
_database_2.database_id 
_database_2.database_code 
_database_2.pdbx_database_accession 
_database_2.pdbx_DOI 
PDB   5A4O         pdb_00005a4o 10.2210/pdb5a4o/pdb 
PDBE  EBI-63994    ?            ?                   
WWPDB D_1290063994 ?            ?                   
# 
loop_
_pdbx_audit_revision_history.ordinal 
_pdbx_audit_revision_history.data_content_type 
_pdbx_audit_revision_history.major_revision 
_pdbx_audit_revision_history.minor_revision 
_pdbx_audit_revision_history.revision_date 
1 'Structure model' 1 0 2016-04-06 
2 'Structure model' 1 1 2019-03-06 
3 'Structure model' 1 2 2024-05-01 
# 
_pdbx_audit_revision_details.ordinal             1 
_pdbx_audit_revision_details.revision_ordinal    1 
_pdbx_audit_revision_details.data_content_type   'Structure model' 
_pdbx_audit_revision_details.provider            repository 
_pdbx_audit_revision_details.type                'Initial release' 
_pdbx_audit_revision_details.description         ? 
_pdbx_audit_revision_details.details             ? 
# 
loop_
_pdbx_audit_revision_group.ordinal 
_pdbx_audit_revision_group.revision_ordinal 
_pdbx_audit_revision_group.data_content_type 
_pdbx_audit_revision_group.group 
1 2 'Structure model' 'Data collection'          
2 2 'Structure model' 'Experimental preparation' 
3 2 'Structure model' Other                      
4 3 'Structure model' 'Data collection'          
5 3 'Structure model' 'Database references'      
6 3 'Structure model' 'Derived calculations'     
7 3 'Structure model' Other                      
8 3 'Structure model' 'Refinement description'   
# 
loop_
_pdbx_audit_revision_category.ordinal 
_pdbx_audit_revision_category.revision_ordinal 
_pdbx_audit_revision_category.data_content_type 
_pdbx_audit_revision_category.category 
1 2 'Structure model' exptl_crystal_grow            
2 2 'Structure model' pdbx_database_proc            
3 2 'Structure model' pdbx_database_status          
4 3 'Structure model' chem_comp_atom                
5 3 'Structure model' chem_comp_bond                
6 3 'Structure model' database_2                    
7 3 'Structure model' pdbx_database_status          
8 3 'Structure model' pdbx_initial_refinement_model 
9 3 'Structure model' struct_site                   
# 
loop_
_pdbx_audit_revision_item.ordinal 
_pdbx_audit_revision_item.revision_ordinal 
_pdbx_audit_revision_item.data_content_type 
_pdbx_audit_revision_item.item 
1 2 'Structure model' '_exptl_crystal_grow.temp'                    
2 2 'Structure model' '_pdbx_database_status.recvd_author_approval' 
3 3 'Structure model' '_database_2.pdbx_DOI'                        
4 3 'Structure model' '_database_2.pdbx_database_accession'         
5 3 'Structure model' '_pdbx_database_status.status_code_sf'        
6 3 'Structure model' '_struct_site.pdbx_auth_asym_id'              
7 3 'Structure model' '_struct_site.pdbx_auth_comp_id'              
8 3 'Structure model' '_struct_site.pdbx_auth_seq_id'               
# 
_pdbx_database_status.status_code                     REL 
_pdbx_database_status.entry_id                        5A4O 
_pdbx_database_status.deposit_site                    PDBE 
_pdbx_database_status.process_site                    PDBE 
_pdbx_database_status.SG_entry                        . 
_pdbx_database_status.recvd_initial_deposition_date   2015-06-11 
_pdbx_database_status.pdb_format_compatible           Y 
_pdbx_database_status.status_code_sf                  REL 
_pdbx_database_status.status_code_mr                  ? 
_pdbx_database_status.status_code_cs                  ? 
_pdbx_database_status.methods_development_category    ? 
_pdbx_database_status.status_code_nmr_data            ? 
# 
_pdbx_database_related.db_name        PDB 
_pdbx_database_related.db_id          5A4N 
_pdbx_database_related.content_type   unspecified 
_pdbx_database_related.details        
'CRYSTAL STRUCTURE OF BPSL1147, A PC4 HOMOLOG FROM BURKHOLDERIA PSEUDOMALLEI K96243 (TETRAGONAL CRYSTAL FORM)' 
# 
loop_
_audit_author.name 
_audit_author.pdbx_ordinal 
'Werten, S.'   1 
'Bayer, N.'    2 
'Hinrichs, W.' 3 
# 
_citation.id                        primary 
_citation.title                     
'Structural Analysis and Knock-Out of a Burkholderia Pseudomallei Homolog of the Eukaryotic Transcription Coactivator Pc4.' 
_citation.journal_abbrev            Gene 
_citation.journal_volume            557 
_citation.page_first                140 
_citation.page_last                 ? 
_citation.year                      2016 
_citation.journal_id_ASTM           GENED6 
_citation.country                   NE 
_citation.journal_id_ISSN           0378-1119 
_citation.journal_id_CSD            0861 
_citation.book_publisher            ? 
_citation.pdbx_database_id_PubMed   26625975 
_citation.pdbx_database_id_DOI      10.1016/J.GENE.2015.11.037 
# 
loop_
_citation_author.citation_id 
_citation_author.name 
_citation_author.ordinal 
_citation_author.identifier_ORCID 
primary 'Werten, S.'    1 ? 
primary 'Kohler, C.'    2 ? 
primary 'Bayer, N.'     3 ? 
primary 'Steinmetz, I.' 4 ? 
primary 'Hinrichs, W.'  5 ? 
# 
loop_
_entity.id 
_entity.type 
_entity.src_method 
_entity.pdbx_description 
_entity.formula_weight 
_entity.pdbx_number_of_molecules 
_entity.pdbx_ec 
_entity.pdbx_mutation 
_entity.pdbx_fragment 
_entity.details 
1 polymer     man BPSL1147       8555.798 2   ? ? ? ? 
2 non-polymer syn 'CHLORIDE ION' 35.453   6   ? ? ? ? 
3 water       nat water          18.015   112 ? ? ? ? 
# 
_entity_poly.entity_id                      1 
_entity_poly.type                           'polypeptide(L)' 
_entity_poly.nstd_linkage                   no 
_entity_poly.nstd_monomer                   no 
_entity_poly.pdbx_seq_one_letter_code       MSAYDSGKTIADVQKSATQRIRISHRWYRGRRYVDVRLVVVDRDGDFVPTRQGISIRPELLAQVIQGLLLASREG 
_entity_poly.pdbx_seq_one_letter_code_can   MSAYDSGKTIADVQKSATQRIRISHRWYRGRRYVDVRLVVVDRDGDFVPTRQGISIRPELLAQVIQGLLLASREG 
_entity_poly.pdbx_strand_id                 A,B 
_entity_poly.pdbx_target_identifier         ? 
# 
loop_
_pdbx_entity_nonpoly.entity_id 
_pdbx_entity_nonpoly.name 
_pdbx_entity_nonpoly.comp_id 
2 'CHLORIDE ION' CL  
3 water          HOH 
# 
loop_
_entity_poly_seq.entity_id 
_entity_poly_seq.num 
_entity_poly_seq.mon_id 
_entity_poly_seq.hetero 
1 1  MET n 
1 2  SER n 
1 3  ALA n 
1 4  TYR n 
1 5  ASP n 
1 6  SER n 
1 7  GLY n 
1 8  LYS n 
1 9  THR n 
1 10 ILE n 
1 11 ALA n 
1 12 ASP n 
1 13 VAL n 
1 14 GLN n 
1 15 LYS n 
1 16 SER n 
1 17 ALA n 
1 18 THR n 
1 19 GLN n 
1 20 ARG n 
1 21 ILE n 
1 22 ARG n 
1 23 ILE n 
1 24 SER n 
1 25 HIS n 
1 26 ARG n 
1 27 TRP n 
1 28 TYR n 
1 29 ARG n 
1 30 GLY n 
1 31 ARG n 
1 32 ARG n 
1 33 TYR n 
1 34 VAL n 
1 35 ASP n 
1 36 VAL n 
1 37 ARG n 
1 38 LEU n 
1 39 VAL n 
1 40 VAL n 
1 41 VAL n 
1 42 ASP n 
1 43 ARG n 
1 44 ASP n 
1 45 GLY n 
1 46 ASP n 
1 47 PHE n 
1 48 VAL n 
1 49 PRO n 
1 50 THR n 
1 51 ARG n 
1 52 GLN n 
1 53 GLY n 
1 54 ILE n 
1 55 SER n 
1 56 ILE n 
1 57 ARG n 
1 58 PRO n 
1 59 GLU n 
1 60 LEU n 
1 61 LEU n 
1 62 ALA n 
1 63 GLN n 
1 64 VAL n 
1 65 ILE n 
1 66 GLN n 
1 67 GLY n 
1 68 LEU n 
1 69 LEU n 
1 70 LEU n 
1 71 ALA n 
1 72 SER n 
1 73 ARG n 
1 74 GLU n 
1 75 GLY n 
# 
_entity_src_gen.entity_id                          1 
_entity_src_gen.pdbx_src_id                        1 
_entity_src_gen.pdbx_alt_source_flag               sample 
_entity_src_gen.pdbx_seq_type                      ? 
_entity_src_gen.pdbx_beg_seq_num                   ? 
_entity_src_gen.pdbx_end_seq_num                   ? 
_entity_src_gen.gene_src_common_name               ? 
_entity_src_gen.gene_src_genus                     ? 
_entity_src_gen.pdbx_gene_src_gene                 ? 
_entity_src_gen.gene_src_species                   ? 
_entity_src_gen.gene_src_strain                    K96243 
_entity_src_gen.gene_src_tissue                    ? 
_entity_src_gen.gene_src_tissue_fraction           ? 
_entity_src_gen.gene_src_details                   ? 
_entity_src_gen.pdbx_gene_src_fragment             ? 
_entity_src_gen.pdbx_gene_src_scientific_name      'BURKHOLDERIA PSEUDOMALLEI' 
_entity_src_gen.pdbx_gene_src_ncbi_taxonomy_id     272560 
_entity_src_gen.pdbx_gene_src_variant              ? 
_entity_src_gen.pdbx_gene_src_cell_line            ? 
_entity_src_gen.pdbx_gene_src_atcc                 ? 
_entity_src_gen.pdbx_gene_src_organ                ? 
_entity_src_gen.pdbx_gene_src_organelle            ? 
_entity_src_gen.pdbx_gene_src_cell                 ? 
_entity_src_gen.pdbx_gene_src_cellular_location    ? 
_entity_src_gen.host_org_common_name               ? 
_entity_src_gen.pdbx_host_org_scientific_name      'ESCHERICHIA COLI' 
_entity_src_gen.pdbx_host_org_ncbi_taxonomy_id     469008 
_entity_src_gen.host_org_genus                     ? 
_entity_src_gen.pdbx_host_org_gene                 ? 
_entity_src_gen.pdbx_host_org_organ                ? 
_entity_src_gen.host_org_species                   ? 
_entity_src_gen.pdbx_host_org_tissue               ? 
_entity_src_gen.pdbx_host_org_tissue_fraction      ? 
_entity_src_gen.pdbx_host_org_strain               'BL21(DE3)' 
_entity_src_gen.pdbx_host_org_variant              ? 
_entity_src_gen.pdbx_host_org_cell_line            ? 
_entity_src_gen.pdbx_host_org_atcc                 ? 
_entity_src_gen.pdbx_host_org_culture_collection   ? 
_entity_src_gen.pdbx_host_org_cell                 ? 
_entity_src_gen.pdbx_host_org_organelle            ? 
_entity_src_gen.pdbx_host_org_cellular_location    ? 
_entity_src_gen.pdbx_host_org_vector_type          PLASMID 
_entity_src_gen.pdbx_host_org_vector               ? 
_entity_src_gen.host_org_details                   ? 
_entity_src_gen.expression_system_id               ? 
_entity_src_gen.plasmid_name                       PET-11A 
_entity_src_gen.plasmid_details                    ? 
_entity_src_gen.pdbx_description                   ? 
# 
loop_
_chem_comp.id 
_chem_comp.type 
_chem_comp.mon_nstd_flag 
_chem_comp.name 
_chem_comp.pdbx_synonyms 
_chem_comp.formula 
_chem_comp.formula_weight 
ALA 'L-peptide linking' y ALANINE         ? 'C3 H7 N O2'     89.093  
ARG 'L-peptide linking' y ARGININE        ? 'C6 H15 N4 O2 1' 175.209 
ASP 'L-peptide linking' y 'ASPARTIC ACID' ? 'C4 H7 N O4'     133.103 
CL  non-polymer         . 'CHLORIDE ION'  ? 'Cl -1'          35.453  
GLN 'L-peptide linking' y GLUTAMINE       ? 'C5 H10 N2 O3'   146.144 
GLU 'L-peptide linking' y 'GLUTAMIC ACID' ? 'C5 H9 N O4'     147.129 
GLY 'peptide linking'   y GLYCINE         ? 'C2 H5 N O2'     75.067  
HIS 'L-peptide linking' y HISTIDINE       ? 'C6 H10 N3 O2 1' 156.162 
HOH non-polymer         . WATER           ? 'H2 O'           18.015  
ILE 'L-peptide linking' y ISOLEUCINE      ? 'C6 H13 N O2'    131.173 
LEU 'L-peptide linking' y LEUCINE         ? 'C6 H13 N O2'    131.173 
LYS 'L-peptide linking' y LYSINE          ? 'C6 H15 N2 O2 1' 147.195 
MET 'L-peptide linking' y METHIONINE      ? 'C5 H11 N O2 S'  149.211 
PHE 'L-peptide linking' y PHENYLALANINE   ? 'C9 H11 N O2'    165.189 
PRO 'L-peptide linking' y PROLINE         ? 'C5 H9 N O2'     115.130 
SER 'L-peptide linking' y SERINE          ? 'C3 H7 N O3'     105.093 
THR 'L-peptide linking' y THREONINE       ? 'C4 H9 N O3'     119.119 
TRP 'L-peptide linking' y TRYPTOPHAN      ? 'C11 H12 N2 O2'  204.225 
TYR 'L-peptide linking' y TYROSINE        ? 'C9 H11 N O3'    181.189 
VAL 'L-peptide linking' y VALINE          ? 'C5 H11 N O2'    117.146 
# 
loop_
_pdbx_poly_seq_scheme.asym_id 
_pdbx_poly_seq_scheme.entity_id 
_pdbx_poly_seq_scheme.seq_id 
_pdbx_poly_seq_scheme.mon_id 
_pdbx_poly_seq_scheme.ndb_seq_num 
_pdbx_poly_seq_scheme.pdb_seq_num 
_pdbx_poly_seq_scheme.auth_seq_num 
_pdbx_poly_seq_scheme.pdb_mon_id 
_pdbx_poly_seq_scheme.auth_mon_id 
_pdbx_poly_seq_scheme.pdb_strand_id 
_pdbx_poly_seq_scheme.pdb_ins_code 
_pdbx_poly_seq_scheme.hetero 
A 1 1  MET 1  1  ?  ?   ?   A . n 
A 1 2  SER 2  2  2  SER SER A . n 
A 1 3  ALA 3  3  3  ALA ALA A . n 
A 1 4  TYR 4  4  4  TYR TYR A . n 
A 1 5  ASP 5  5  5  ASP ASP A . n 
A 1 6  SER 6  6  6  SER SER A . n 
A 1 7  GLY 7  7  7  GLY GLY A . n 
A 1 8  LYS 8  8  8  LYS LYS A . n 
A 1 9  THR 9  9  9  THR THR A . n 
A 1 10 ILE 10 10 10 ILE ILE A . n 
A 1 11 ALA 11 11 11 ALA ALA A . n 
A 1 12 ASP 12 12 12 ASP ASP A . n 
A 1 13 VAL 13 13 13 VAL VAL A . n 
A 1 14 GLN 14 14 14 GLN GLN A . n 
A 1 15 LYS 15 15 15 LYS LYS A . n 
A 1 16 SER 16 16 16 SER SER A . n 
A 1 17 ALA 17 17 17 ALA ALA A . n 
A 1 18 THR 18 18 18 THR THR A . n 
A 1 19 GLN 19 19 19 GLN GLN A . n 
A 1 20 ARG 20 20 20 ARG ARG A . n 
A 1 21 ILE 21 21 21 ILE ILE A . n 
A 1 22 ARG 22 22 22 ARG ARG A . n 
A 1 23 ILE 23 23 23 ILE ILE A . n 
A 1 24 SER 24 24 24 SER SER A . n 
A 1 25 HIS 25 25 25 HIS HIS A . n 
A 1 26 ARG 26 26 26 ARG ARG A . n 
A 1 27 TRP 27 27 27 TRP TRP A . n 
A 1 28 TYR 28 28 28 TYR TYR A . n 
A 1 29 ARG 29 29 29 ARG ARG A . n 
A 1 30 GLY 30 30 30 GLY GLY A . n 
A 1 31 ARG 31 31 31 ARG ARG A . n 
A 1 32 ARG 32 32 32 ARG ARG A . n 
A 1 33 TYR 33 33 33 TYR TYR A . n 
A 1 34 VAL 34 34 34 VAL VAL A . n 
A 1 35 ASP 35 35 35 ASP ASP A . n 
A 1 36 VAL 36 36 36 VAL VAL A . n 
A 1 37 ARG 37 37 37 ARG ARG A . n 
A 1 38 LEU 38 38 38 LEU LEU A . n 
A 1 39 VAL 39 39 39 VAL VAL A . n 
A 1 40 VAL 40 40 40 VAL VAL A . n 
A 1 41 VAL 41 41 41 VAL VAL A . n 
A 1 42 ASP 42 42 42 ASP ASP A . n 
A 1 43 ARG 43 43 43 ARG ARG A . n 
A 1 44 ASP 44 44 44 ASP ASP A . n 
A 1 45 GLY 45 45 45 GLY GLY A . n 
A 1 46 ASP 46 46 46 ASP ASP A . n 
A 1 47 PHE 47 47 47 PHE PHE A . n 
A 1 48 VAL 48 48 48 VAL VAL A . n 
A 1 49 PRO 49 49 49 PRO PRO A . n 
A 1 50 THR 50 50 50 THR THR A . n 
A 1 51 ARG 51 51 51 ARG ARG A . n 
A 1 52 GLN 52 52 52 GLN GLN A . n 
A 1 53 GLY 53 53 53 GLY GLY A . n 
A 1 54 ILE 54 54 54 ILE ILE A . n 
A 1 55 SER 55 55 55 SER SER A . n 
A 1 56 ILE 56 56 56 ILE ILE A . n 
A 1 57 ARG 57 57 57 ARG ARG A . n 
A 1 58 PRO 58 58 58 PRO PRO A . n 
A 1 59 GLU 59 59 59 GLU GLU A . n 
A 1 60 LEU 60 60 60 LEU LEU A . n 
A 1 61 LEU 61 61 61 LEU LEU A . n 
A 1 62 ALA 62 62 62 ALA ALA A . n 
A 1 63 GLN 63 63 63 GLN GLN A . n 
A 1 64 VAL 64 64 64 VAL VAL A . n 
A 1 65 ILE 65 65 65 ILE ILE A . n 
A 1 66 GLN 66 66 66 GLN GLN A . n 
A 1 67 GLY 67 67 67 GLY GLY A . n 
A 1 68 LEU 68 68 68 LEU LEU A . n 
A 1 69 LEU 69 69 69 LEU LEU A . n 
A 1 70 LEU 70 70 70 LEU LEU A . n 
A 1 71 ALA 71 71 71 ALA ALA A . n 
A 1 72 SER 72 72 72 SER SER A . n 
A 1 73 ARG 73 73 73 ARG ARG A . n 
A 1 74 GLU 74 74 74 GLU GLU A . n 
A 1 75 GLY 75 75 75 GLY GLY A . n 
B 1 1  MET 1  1  ?  ?   ?   B . n 
B 1 2  SER 2  2  2  SER SER B . n 
B 1 3  ALA 3  3  3  ALA ALA B . n 
B 1 4  TYR 4  4  4  TYR TYR B . n 
B 1 5  ASP 5  5  5  ASP ASP B . n 
B 1 6  SER 6  6  6  SER SER B . n 
B 1 7  GLY 7  7  7  GLY GLY B . n 
B 1 8  LYS 8  8  8  LYS LYS B . n 
B 1 9  THR 9  9  9  THR THR B . n 
B 1 10 ILE 10 10 10 ILE ILE B . n 
B 1 11 ALA 11 11 11 ALA ALA B . n 
B 1 12 ASP 12 12 12 ASP ASP B . n 
B 1 13 VAL 13 13 13 VAL VAL B . n 
B 1 14 GLN 14 14 14 GLN GLN B . n 
B 1 15 LYS 15 15 15 LYS LYS B . n 
B 1 16 SER 16 16 16 SER SER B . n 
B 1 17 ALA 17 17 17 ALA ALA B . n 
B 1 18 THR 18 18 18 THR THR B . n 
B 1 19 GLN 19 19 19 GLN GLN B . n 
B 1 20 ARG 20 20 20 ARG ARG B . n 
B 1 21 ILE 21 21 21 ILE ILE B . n 
B 1 22 ARG 22 22 22 ARG ARG B . n 
B 1 23 ILE 23 23 23 ILE ILE B . n 
B 1 24 SER 24 24 24 SER SER B . n 
B 1 25 HIS 25 25 25 HIS HIS B . n 
B 1 26 ARG 26 26 26 ARG ARG B . n 
B 1 27 TRP 27 27 27 TRP TRP B . n 
B 1 28 TYR 28 28 28 TYR TYR B . n 
B 1 29 ARG 29 29 29 ARG ARG B . n 
B 1 30 GLY 30 30 30 GLY GLY B . n 
B 1 31 ARG 31 31 31 ARG ARG B . n 
B 1 32 ARG 32 32 32 ARG ARG B . n 
B 1 33 TYR 33 33 33 TYR TYR B . n 
B 1 34 VAL 34 34 34 VAL VAL B . n 
B 1 35 ASP 35 35 35 ASP ASP B . n 
B 1 36 VAL 36 36 36 VAL VAL B . n 
B 1 37 ARG 37 37 37 ARG ARG B . n 
B 1 38 LEU 38 38 38 LEU LEU B . n 
B 1 39 VAL 39 39 39 VAL VAL B . n 
B 1 40 VAL 40 40 40 VAL VAL B . n 
B 1 41 VAL 41 41 41 VAL VAL B . n 
B 1 42 ASP 42 42 42 ASP ASP B . n 
B 1 43 ARG 43 43 43 ARG ARG B . n 
B 1 44 ASP 44 44 44 ASP ASP B . n 
B 1 45 GLY 45 45 45 GLY GLY B . n 
B 1 46 ASP 46 46 46 ASP ASP B . n 
B 1 47 PHE 47 47 47 PHE PHE B . n 
B 1 48 VAL 48 48 48 VAL VAL B . n 
B 1 49 PRO 49 49 49 PRO PRO B . n 
B 1 50 THR 50 50 50 THR THR B . n 
B 1 51 ARG 51 51 51 ARG ARG B . n 
B 1 52 GLN 52 52 52 GLN GLN B . n 
B 1 53 GLY 53 53 53 GLY GLY B . n 
B 1 54 ILE 54 54 54 ILE ILE B . n 
B 1 55 SER 55 55 55 SER SER B . n 
B 1 56 ILE 56 56 56 ILE ILE B . n 
B 1 57 ARG 57 57 57 ARG ARG B . n 
B 1 58 PRO 58 58 58 PRO PRO B . n 
B 1 59 GLU 59 59 59 GLU GLU B . n 
B 1 60 LEU 60 60 60 LEU LEU B . n 
B 1 61 LEU 61 61 61 LEU LEU B . n 
B 1 62 ALA 62 62 62 ALA ALA B . n 
B 1 63 GLN 63 63 63 GLN GLN B . n 
B 1 64 VAL 64 64 64 VAL VAL B . n 
B 1 65 ILE 65 65 65 ILE ILE B . n 
B 1 66 GLN 66 66 66 GLN GLN B . n 
B 1 67 GLY 67 67 67 GLY GLY B . n 
B 1 68 LEU 68 68 68 LEU LEU B . n 
B 1 69 LEU 69 69 69 LEU LEU B . n 
B 1 70 LEU 70 70 70 LEU LEU B . n 
B 1 71 ALA 71 71 71 ALA ALA B . n 
B 1 72 SER 72 72 72 SER SER B . n 
B 1 73 ARG 73 73 73 ARG ARG B . n 
B 1 74 GLU 74 74 74 GLU GLU B . n 
B 1 75 GLY 75 75 75 GLY GLY B . n 
# 
loop_
_pdbx_nonpoly_scheme.asym_id 
_pdbx_nonpoly_scheme.entity_id 
_pdbx_nonpoly_scheme.mon_id 
_pdbx_nonpoly_scheme.ndb_seq_num 
_pdbx_nonpoly_scheme.pdb_seq_num 
_pdbx_nonpoly_scheme.auth_seq_num 
_pdbx_nonpoly_scheme.pdb_mon_id 
_pdbx_nonpoly_scheme.auth_mon_id 
_pdbx_nonpoly_scheme.pdb_strand_id 
_pdbx_nonpoly_scheme.pdb_ins_code 
C 2 CL  1  1076 1076 CL  CL  A . 
D 2 CL  1  1077 1077 CL  CL  A . 
E 2 CL  1  1076 1076 CL  CL  B . 
F 2 CL  1  1077 1077 CL  CL  B . 
G 2 CL  1  1078 1078 CL  CL  B . 
H 2 CL  1  1079 1079 CL  CL  B . 
I 3 HOH 1  2001 2001 HOH HOH A . 
I 3 HOH 2  2002 2002 HOH HOH A . 
I 3 HOH 3  2003 2003 HOH HOH A . 
I 3 HOH 4  2004 2004 HOH HOH A . 
I 3 HOH 5  2005 2005 HOH HOH A . 
I 3 HOH 6  2006 2006 HOH HOH A . 
I 3 HOH 7  2007 2007 HOH HOH A . 
I 3 HOH 8  2008 2008 HOH HOH A . 
I 3 HOH 9  2009 2009 HOH HOH A . 
I 3 HOH 10 2010 2010 HOH HOH A . 
I 3 HOH 11 2011 2011 HOH HOH A . 
I 3 HOH 12 2012 2012 HOH HOH A . 
I 3 HOH 13 2013 2013 HOH HOH A . 
I 3 HOH 14 2014 2014 HOH HOH A . 
I 3 HOH 15 2015 2015 HOH HOH A . 
I 3 HOH 16 2016 2016 HOH HOH A . 
I 3 HOH 17 2017 2017 HOH HOH A . 
I 3 HOH 18 2018 2018 HOH HOH A . 
I 3 HOH 19 2019 2019 HOH HOH A . 
I 3 HOH 20 2020 2020 HOH HOH A . 
I 3 HOH 21 2021 2021 HOH HOH A . 
I 3 HOH 22 2022 2022 HOH HOH A . 
I 3 HOH 23 2023 2023 HOH HOH A . 
I 3 HOH 24 2024 2024 HOH HOH A . 
I 3 HOH 25 2025 2025 HOH HOH A . 
I 3 HOH 26 2026 2026 HOH HOH A . 
I 3 HOH 27 2027 2027 HOH HOH A . 
I 3 HOH 28 2028 2028 HOH HOH A . 
I 3 HOH 29 2029 2029 HOH HOH A . 
I 3 HOH 30 2030 2030 HOH HOH A . 
I 3 HOH 31 2031 2031 HOH HOH A . 
I 3 HOH 32 2032 2032 HOH HOH A . 
I 3 HOH 33 2033 2033 HOH HOH A . 
I 3 HOH 34 2034 2034 HOH HOH A . 
I 3 HOH 35 2035 2035 HOH HOH A . 
I 3 HOH 36 2036 2036 HOH HOH A . 
I 3 HOH 37 2037 2037 HOH HOH A . 
I 3 HOH 38 2038 2038 HOH HOH A . 
I 3 HOH 39 2039 2039 HOH HOH A . 
I 3 HOH 40 2040 2040 HOH HOH A . 
I 3 HOH 41 2041 2041 HOH HOH A . 
I 3 HOH 42 2042 2042 HOH HOH A . 
I 3 HOH 43 2043 2043 HOH HOH A . 
I 3 HOH 44 2044 2044 HOH HOH A . 
I 3 HOH 45 2045 2045 HOH HOH A . 
I 3 HOH 46 2046 2046 HOH HOH A . 
I 3 HOH 47 2047 2047 HOH HOH A . 
I 3 HOH 48 2048 2048 HOH HOH A . 
I 3 HOH 49 2049 2049 HOH HOH A . 
I 3 HOH 50 2050 2050 HOH HOH A . 
I 3 HOH 51 2051 2051 HOH HOH A . 
I 3 HOH 52 2052 2052 HOH HOH A . 
I 3 HOH 53 2053 2053 HOH HOH A . 
I 3 HOH 54 2054 2054 HOH HOH A . 
J 3 HOH 1  2001 2001 HOH HOH B . 
J 3 HOH 2  2002 2002 HOH HOH B . 
J 3 HOH 3  2003 2003 HOH HOH B . 
J 3 HOH 4  2004 2004 HOH HOH B . 
J 3 HOH 5  2005 2005 HOH HOH B . 
J 3 HOH 6  2006 2006 HOH HOH B . 
J 3 HOH 7  2007 2007 HOH HOH B . 
J 3 HOH 8  2008 2008 HOH HOH B . 
J 3 HOH 9  2009 2009 HOH HOH B . 
J 3 HOH 10 2010 2010 HOH HOH B . 
J 3 HOH 11 2011 2011 HOH HOH B . 
J 3 HOH 12 2012 2012 HOH HOH B . 
J 3 HOH 13 2013 2013 HOH HOH B . 
J 3 HOH 14 2014 2014 HOH HOH B . 
J 3 HOH 15 2015 2015 HOH HOH B . 
J 3 HOH 16 2016 2016 HOH HOH B . 
J 3 HOH 17 2017 2017 HOH HOH B . 
J 3 HOH 18 2018 2018 HOH HOH B . 
J 3 HOH 19 2019 2019 HOH HOH B . 
J 3 HOH 20 2020 2020 HOH HOH B . 
J 3 HOH 21 2021 2021 HOH HOH B . 
J 3 HOH 22 2022 2022 HOH HOH B . 
J 3 HOH 23 2023 2023 HOH HOH B . 
J 3 HOH 24 2024 2024 HOH HOH B . 
J 3 HOH 25 2025 2025 HOH HOH B . 
J 3 HOH 26 2026 2026 HOH HOH B . 
J 3 HOH 27 2027 2027 HOH HOH B . 
J 3 HOH 28 2028 2028 HOH HOH B . 
J 3 HOH 29 2029 2029 HOH HOH B . 
J 3 HOH 30 2030 2030 HOH HOH B . 
J 3 HOH 31 2031 2031 HOH HOH B . 
J 3 HOH 32 2032 2032 HOH HOH B . 
J 3 HOH 33 2033 2033 HOH HOH B . 
J 3 HOH 34 2034 2034 HOH HOH B . 
J 3 HOH 35 2035 2035 HOH HOH B . 
J 3 HOH 36 2036 2036 HOH HOH B . 
J 3 HOH 37 2037 2037 HOH HOH B . 
J 3 HOH 38 2038 2038 HOH HOH B . 
J 3 HOH 39 2039 2039 HOH HOH B . 
J 3 HOH 40 2040 2040 HOH HOH B . 
J 3 HOH 41 2041 2041 HOH HOH B . 
J 3 HOH 42 2042 2042 HOH HOH B . 
J 3 HOH 43 2043 2043 HOH HOH B . 
J 3 HOH 44 2044 2044 HOH HOH B . 
J 3 HOH 45 2045 2045 HOH HOH B . 
J 3 HOH 46 2046 2046 HOH HOH B . 
J 3 HOH 47 2047 2047 HOH HOH B . 
J 3 HOH 48 2048 2048 HOH HOH B . 
J 3 HOH 49 2049 2049 HOH HOH B . 
J 3 HOH 50 2050 2050 HOH HOH B . 
J 3 HOH 51 2051 2051 HOH HOH B . 
J 3 HOH 52 2052 2052 HOH HOH B . 
J 3 HOH 53 2053 2053 HOH HOH B . 
J 3 HOH 54 2054 2054 HOH HOH B . 
J 3 HOH 55 2055 2055 HOH HOH B . 
J 3 HOH 56 2056 2056 HOH HOH B . 
J 3 HOH 57 2057 2057 HOH HOH B . 
J 3 HOH 58 2058 2058 HOH HOH B . 
# 
loop_
_pdbx_unobs_or_zero_occ_atoms.id 
_pdbx_unobs_or_zero_occ_atoms.PDB_model_num 
_pdbx_unobs_or_zero_occ_atoms.polymer_flag 
_pdbx_unobs_or_zero_occ_atoms.occupancy_flag 
_pdbx_unobs_or_zero_occ_atoms.auth_asym_id 
_pdbx_unobs_or_zero_occ_atoms.auth_comp_id 
_pdbx_unobs_or_zero_occ_atoms.auth_seq_id 
_pdbx_unobs_or_zero_occ_atoms.PDB_ins_code 
_pdbx_unobs_or_zero_occ_atoms.auth_atom_id 
_pdbx_unobs_or_zero_occ_atoms.label_alt_id 
_pdbx_unobs_or_zero_occ_atoms.label_asym_id 
_pdbx_unobs_or_zero_occ_atoms.label_comp_id 
_pdbx_unobs_or_zero_occ_atoms.label_seq_id 
_pdbx_unobs_or_zero_occ_atoms.label_atom_id 
1  1 Y 1 B TYR 28 ? CG  ? B TYR 28 CG  
2  1 Y 1 B TYR 28 ? CD1 ? B TYR 28 CD1 
3  1 Y 1 B TYR 28 ? CD2 ? B TYR 28 CD2 
4  1 Y 1 B TYR 28 ? CE1 ? B TYR 28 CE1 
5  1 Y 1 B TYR 28 ? CE2 ? B TYR 28 CE2 
6  1 Y 1 B TYR 28 ? CZ  ? B TYR 28 CZ  
7  1 Y 1 B TYR 28 ? OH  ? B TYR 28 OH  
8  1 Y 1 B ARG 29 ? CG  ? B ARG 29 CG  
9  1 Y 1 B ARG 29 ? CD  ? B ARG 29 CD  
10 1 Y 1 B ARG 29 ? NE  ? B ARG 29 NE  
11 1 Y 1 B ARG 29 ? CZ  ? B ARG 29 CZ  
12 1 Y 1 B ARG 29 ? NH1 ? B ARG 29 NH1 
13 1 Y 1 B ARG 29 ? NH2 ? B ARG 29 NH2 
14 1 Y 1 B ARG 31 ? CG  ? B ARG 31 CG  
15 1 Y 1 B ARG 31 ? CD  ? B ARG 31 CD  
16 1 Y 1 B ARG 31 ? NE  ? B ARG 31 NE  
17 1 Y 1 B ARG 31 ? CZ  ? B ARG 31 CZ  
18 1 Y 1 B ARG 31 ? NH1 ? B ARG 31 NH1 
19 1 Y 1 B ARG 31 ? NH2 ? B ARG 31 NH2 
# 
loop_
_software.name 
_software.classification 
_software.version 
_software.citation_id 
_software.pdbx_ordinal 
REFMAC refinement       5.8.0073 ? 1 
XDS    'data reduction' .        ? 2 
XDS    'data scaling'   .        ? 3 
PHASER phasing          .        ? 4 
# 
_cell.entry_id           5A4O 
_cell.length_a           38.374 
_cell.length_b           50.149 
_cell.length_c           63.533 
_cell.angle_alpha        90.00 
_cell.angle_beta         90.00 
_cell.angle_gamma        90.00 
_cell.Z_PDB              8 
_cell.pdbx_unique_axis   ? 
# 
_symmetry.entry_id                         5A4O 
_symmetry.space_group_name_H-M             'P 21 21 21' 
_symmetry.pdbx_full_space_group_name_H-M   ? 
_symmetry.cell_setting                     ? 
_symmetry.Int_Tables_number                19 
# 
_exptl.entry_id          5A4O 
_exptl.method            'X-RAY DIFFRACTION' 
_exptl.crystals_number   1 
# 
_exptl_crystal.id                    1 
_exptl_crystal.density_meas          ? 
_exptl_crystal.density_Matthews      1.8 
_exptl_crystal.density_percent_sol   32 
_exptl_crystal.description           NONE 
# 
_exptl_crystal_grow.crystal_id      1 
_exptl_crystal_grow.method          ? 
_exptl_crystal_grow.temp            277 
_exptl_crystal_grow.temp_details    ? 
_exptl_crystal_grow.pH              9.0 
_exptl_crystal_grow.pdbx_pH_range   ? 
_exptl_crystal_grow.pdbx_details    '20 MM TRIS/HCL PH 9.0, 600 MM KCL, TEMPERATURE 277 K' 
# 
_diffrn.id                     1 
_diffrn.ambient_temp           100 
_diffrn.ambient_temp_details   ? 
_diffrn.crystal_id             1 
# 
_diffrn_detector.diffrn_id              1 
_diffrn_detector.detector               CCD 
_diffrn_detector.type                   'MARMOSAIC 225 mm CCD' 
_diffrn_detector.pdbx_collection_date   2012-11-28 
_diffrn_detector.details                MIRRORS 
# 
_diffrn_radiation.diffrn_id                        1 
_diffrn_radiation.wavelength_id                    1 
_diffrn_radiation.pdbx_monochromatic_or_laue_m_l   M 
_diffrn_radiation.monochromator                    'SI(111)' 
_diffrn_radiation.pdbx_diffrn_protocol             'SINGLE WAVELENGTH' 
_diffrn_radiation.pdbx_scattering_type             x-ray 
# 
_diffrn_radiation_wavelength.id           1 
_diffrn_radiation_wavelength.wavelength   0.91841 
_diffrn_radiation_wavelength.wt           1.0 
# 
_diffrn_source.diffrn_id                   1 
_diffrn_source.source                      SYNCHROTRON 
_diffrn_source.type                        'BESSY BEAMLINE 14.1' 
_diffrn_source.pdbx_synchrotron_site       BESSY 
_diffrn_source.pdbx_synchrotron_beamline   14.1 
_diffrn_source.pdbx_wavelength             0.91841 
_diffrn_source.pdbx_wavelength_list        ? 
# 
_reflns.pdbx_diffrn_id               1 
_reflns.pdbx_ordinal                 1 
_reflns.entry_id                     5A4O 
_reflns.observed_criterion_sigma_I   -3.0 
_reflns.observed_criterion_sigma_F   ? 
_reflns.d_resolution_low             39.40 
_reflns.d_resolution_high            1.76 
_reflns.number_obs                   12701 
_reflns.number_all                   ? 
_reflns.percent_possible_obs         99.7 
_reflns.pdbx_Rmerge_I_obs            0.12 
_reflns.pdbx_Rsym_value              ? 
_reflns.pdbx_netI_over_sigmaI        14.30 
_reflns.B_iso_Wilson_estimate        25.8 
_reflns.pdbx_redundancy              7.1 
# 
_reflns_shell.pdbx_diffrn_id         1 
_reflns_shell.pdbx_ordinal           1 
_reflns_shell.d_res_high             1.76 
_reflns_shell.d_res_low              1.86 
_reflns_shell.percent_possible_all   98.0 
_reflns_shell.Rmerge_I_obs           1.02 
_reflns_shell.pdbx_Rsym_value        ? 
_reflns_shell.meanI_over_sigI_obs    2.00 
_reflns_shell.pdbx_redundancy        7.1 
# 
_refine.pdbx_refine_id                           'X-RAY DIFFRACTION' 
_refine.entry_id                                 5A4O 
_refine.pdbx_diffrn_id                           1 
_refine.pdbx_TLS_residual_ADP_flag               ? 
_refine.ls_number_reflns_obs                     11449 
_refine.ls_number_reflns_all                     ? 
_refine.pdbx_ls_sigma_I                          ? 
_refine.pdbx_ls_sigma_F                          . 
_refine.pdbx_data_cutoff_high_absF               ? 
_refine.pdbx_data_cutoff_low_absF                ? 
_refine.pdbx_data_cutoff_high_rms_absF           ? 
_refine.ls_d_res_low                             39.36 
_refine.ls_d_res_high                            1.76 
_refine.ls_percent_reflns_obs                    99.65 
_refine.ls_R_factor_obs                          0.19614 
_refine.ls_R_factor_all                          ? 
_refine.ls_R_factor_R_work                       0.19126 
_refine.ls_R_factor_R_free                       0.24092 
_refine.ls_R_factor_R_free_error                 ? 
_refine.ls_R_factor_R_free_error_details         ? 
_refine.ls_percent_reflns_R_free                 9.9 
_refine.ls_number_reflns_R_free                  1252 
_refine.ls_number_parameters                     ? 
_refine.ls_number_restraints                     ? 
_refine.occupancy_min                            ? 
_refine.occupancy_max                            ? 
_refine.correlation_coeff_Fo_to_Fc               0.952 
_refine.correlation_coeff_Fo_to_Fc_free          0.920 
_refine.B_iso_mean                               21.059 
_refine.aniso_B[1][1]                            -1.17 
_refine.aniso_B[2][2]                            0.55 
_refine.aniso_B[3][3]                            0.62 
_refine.aniso_B[1][2]                            0.00 
_refine.aniso_B[1][3]                            0.00 
_refine.aniso_B[2][3]                            0.00 
_refine.solvent_model_details                    MASK 
_refine.solvent_model_param_ksol                 ? 
_refine.solvent_model_param_bsol                 ? 
_refine.pdbx_solvent_vdw_probe_radii             1.20 
_refine.pdbx_solvent_ion_probe_radii             0.80 
_refine.pdbx_solvent_shrinkage_radii             0.80 
_refine.pdbx_ls_cross_valid_method               THROUGHOUT 
_refine.details                                  'HYDROGENS HAVE BEEN ADDED IN THE RIDING POSITIONS.' 
_refine.pdbx_starting_model                      'TETRAGONAL CRYSTAL FORM OF THE SAME PROTEIN, HOMODIMER' 
_refine.pdbx_method_to_determine_struct          'MOLECULAR REPLACEMENT' 
_refine.pdbx_isotropic_thermal_model             ? 
_refine.pdbx_stereochemistry_target_values       'MAXIMUM LIKELIHOOD' 
_refine.pdbx_stereochem_target_val_spec_case     ? 
_refine.pdbx_R_Free_selection_details            RANDOM 
_refine.pdbx_overall_ESU_R                       0.158 
_refine.pdbx_overall_ESU_R_Free                  0.147 
_refine.overall_SU_ML                            ? 
_refine.pdbx_overall_phase_error                 ? 
_refine.overall_SU_B                             ? 
_refine.overall_SU_R_Cruickshank_DPI             ? 
_refine.pdbx_overall_SU_R_free_Cruickshank_DPI   ? 
_refine.pdbx_overall_SU_R_Blow_DPI               ? 
_refine.pdbx_overall_SU_R_free_Blow_DPI          ? 
# 
_refine_hist.pdbx_refine_id                   'X-RAY DIFFRACTION' 
_refine_hist.cycle_id                         LAST 
_refine_hist.pdbx_number_atoms_protein        1169 
_refine_hist.pdbx_number_atoms_nucleic_acid   0 
_refine_hist.pdbx_number_atoms_ligand         6 
_refine_hist.number_atoms_solvent             112 
_refine_hist.number_atoms_total               1287 
_refine_hist.d_res_high                       1.76 
_refine_hist.d_res_low                        39.36 
# 
loop_
_refine_ls_restr.type 
_refine_ls_restr.dev_ideal 
_refine_ls_restr.dev_ideal_target 
_refine_ls_restr.weight 
_refine_ls_restr.number 
_refine_ls_restr.pdbx_refine_id 
_refine_ls_restr.pdbx_restraint_function 
r_bond_refined_d             0.013  0.019  ? 1188 'X-RAY DIFFRACTION' ? 
r_bond_other_d               0.000  0.020  ? 1180 'X-RAY DIFFRACTION' ? 
r_angle_refined_deg          1.699  1.961  ? 1606 'X-RAY DIFFRACTION' ? 
r_angle_other_deg            3.617  3.000  ? 2679 'X-RAY DIFFRACTION' ? 
r_dihedral_angle_1_deg       6.790  5.000  ? 148  'X-RAY DIFFRACTION' ? 
r_dihedral_angle_2_deg       36.969 21.053 ? 57   'X-RAY DIFFRACTION' ? 
r_dihedral_angle_3_deg       14.874 15.000 ? 210  'X-RAY DIFFRACTION' ? 
r_dihedral_angle_4_deg       14.786 15.000 ? 20   'X-RAY DIFFRACTION' ? 
r_chiral_restr               0.109  0.200  ? 183  'X-RAY DIFFRACTION' ? 
r_gen_planes_refined         0.007  0.020  ? 1351 'X-RAY DIFFRACTION' ? 
r_gen_planes_other           0.010  0.020  ? 293  'X-RAY DIFFRACTION' ? 
r_nbd_refined                ?      ?      ? ?    'X-RAY DIFFRACTION' ? 
r_nbd_other                  ?      ?      ? ?    'X-RAY DIFFRACTION' ? 
r_nbtor_refined              ?      ?      ? ?    'X-RAY DIFFRACTION' ? 
r_nbtor_other                ?      ?      ? ?    'X-RAY DIFFRACTION' ? 
r_xyhbond_nbd_refined        ?      ?      ? ?    'X-RAY DIFFRACTION' ? 
r_xyhbond_nbd_other          ?      ?      ? ?    'X-RAY DIFFRACTION' ? 
r_metal_ion_refined          ?      ?      ? ?    'X-RAY DIFFRACTION' ? 
r_metal_ion_other            ?      ?      ? ?    'X-RAY DIFFRACTION' ? 
r_symmetry_vdw_refined       ?      ?      ? ?    'X-RAY DIFFRACTION' ? 
r_symmetry_vdw_other         ?      ?      ? ?    'X-RAY DIFFRACTION' ? 
r_symmetry_hbond_refined     ?      ?      ? ?    'X-RAY DIFFRACTION' ? 
r_symmetry_hbond_other       ?      ?      ? ?    'X-RAY DIFFRACTION' ? 
r_symmetry_metal_ion_refined ?      ?      ? ?    'X-RAY DIFFRACTION' ? 
r_symmetry_metal_ion_other   ?      ?      ? ?    'X-RAY DIFFRACTION' ? 
r_mcbond_it                  1.727  1.965  ? 592  'X-RAY DIFFRACTION' ? 
r_mcbond_other               1.727  1.963  ? 591  'X-RAY DIFFRACTION' ? 
r_mcangle_it                 2.857  2.929  ? 737  'X-RAY DIFFRACTION' ? 
r_mcangle_other              ?      ?      ? ?    'X-RAY DIFFRACTION' ? 
r_scbond_it                  1.983  2.259  ? 596  'X-RAY DIFFRACTION' ? 
r_scbond_other               ?      ?      ? ?    'X-RAY DIFFRACTION' ? 
r_scangle_it                 ?      ?      ? ?    'X-RAY DIFFRACTION' ? 
r_scangle_other              ?      ?      ? ?    'X-RAY DIFFRACTION' ? 
r_long_range_B_refined       ?      ?      ? ?    'X-RAY DIFFRACTION' ? 
r_long_range_B_other         ?      ?      ? ?    'X-RAY DIFFRACTION' ? 
r_rigid_bond_restr           ?      ?      ? ?    'X-RAY DIFFRACTION' ? 
r_sphericity_free            ?      ?      ? ?    'X-RAY DIFFRACTION' ? 
r_sphericity_bonded          ?      ?      ? ?    'X-RAY DIFFRACTION' ? 
# 
_refine_ls_shell.pdbx_refine_id                   'X-RAY DIFFRACTION' 
_refine_ls_shell.pdbx_total_number_of_bins_used   20 
_refine_ls_shell.d_res_high                       1.757 
_refine_ls_shell.d_res_low                        1.802 
_refine_ls_shell.number_reflns_R_work             785 
_refine_ls_shell.R_factor_R_work                  0.276 
_refine_ls_shell.percent_reflns_obs               95.66 
_refine_ls_shell.R_factor_R_free                  0.357 
_refine_ls_shell.R_factor_R_free_error            ? 
_refine_ls_shell.percent_reflns_R_free            ? 
_refine_ls_shell.number_reflns_R_free             96 
_refine_ls_shell.number_reflns_all                ? 
_refine_ls_shell.R_factor_all                     ? 
# 
_struct.entry_id                  5A4O 
_struct.title                     
'Crystal structure of BPSL1147, a PC4 homolog from Burkholderia pseudomallei K96243 (orthorhombic crystal form)' 
_struct.pdbx_model_details        ? 
_struct.pdbx_CASP_flag            ? 
_struct.pdbx_model_type_details   ? 
# 
_struct_keywords.entry_id        5A4O 
_struct_keywords.pdbx_keywords   'DNA BINDING PROTEIN' 
_struct_keywords.text            
'DNA-BINDING PROTEIN, SSDNA-BINDING PROTEIN, DNA REPLICATION, RECOMBINATION AND REPAIR, DNA BINDING PROTEIN' 
# 
loop_
_struct_asym.id 
_struct_asym.pdbx_blank_PDB_chainid_flag 
_struct_asym.pdbx_modified 
_struct_asym.entity_id 
_struct_asym.details 
A N N 1 ? 
B N N 1 ? 
C N N 2 ? 
D N N 2 ? 
E N N 2 ? 
F N N 2 ? 
G N N 2 ? 
H N N 2 ? 
I N N 3 ? 
J N N 3 ? 
# 
_struct_ref.id                         1 
_struct_ref.db_name                    UNP 
_struct_ref.db_code                    Q63VU8_BURPS 
_struct_ref.entity_id                  1 
_struct_ref.pdbx_seq_one_letter_code   ? 
_struct_ref.pdbx_align_begin           ? 
_struct_ref.pdbx_db_accession          Q63VU8 
_struct_ref.pdbx_db_isoform            ? 
# 
loop_
_struct_ref_seq.align_id 
_struct_ref_seq.ref_id 
_struct_ref_seq.pdbx_PDB_id_code 
_struct_ref_seq.pdbx_strand_id 
_struct_ref_seq.seq_align_beg 
_struct_ref_seq.pdbx_seq_align_beg_ins_code 
_struct_ref_seq.seq_align_end 
_struct_ref_seq.pdbx_seq_align_end_ins_code 
_struct_ref_seq.pdbx_db_accession 
_struct_ref_seq.db_align_beg 
_struct_ref_seq.pdbx_db_align_beg_ins_code 
_struct_ref_seq.db_align_end 
_struct_ref_seq.pdbx_db_align_end_ins_code 
_struct_ref_seq.pdbx_auth_seq_align_beg 
_struct_ref_seq.pdbx_auth_seq_align_end 
1 1 5A4O A 1 ? 75 ? Q63VU8 1 ? 75 ? 1 75 
2 1 5A4O B 1 ? 75 ? Q63VU8 1 ? 75 ? 1 75 
# 
_pdbx_struct_assembly.id                   1 
_pdbx_struct_assembly.details              author_and_software_defined_assembly 
_pdbx_struct_assembly.method_details       PISA 
_pdbx_struct_assembly.oligomeric_details   dimeric 
_pdbx_struct_assembly.oligomeric_count     2 
# 
loop_
_pdbx_struct_assembly_prop.biol_id 
_pdbx_struct_assembly_prop.type 
_pdbx_struct_assembly_prop.value 
_pdbx_struct_assembly_prop.details 
1 'ABSA (A^2)' 3800  ? 
1 MORE         -80.2 ? 
1 'SSA (A^2)'  8240  ? 
# 
_pdbx_struct_assembly_gen.assembly_id       1 
_pdbx_struct_assembly_gen.oper_expression   1 
_pdbx_struct_assembly_gen.asym_id_list      A,B,C,D,E,F,G,H,I,J 
# 
_pdbx_struct_oper_list.id                   1 
_pdbx_struct_oper_list.type                 'identity operation' 
_pdbx_struct_oper_list.name                 1_555 
_pdbx_struct_oper_list.symmetry_operation   x,y,z 
_pdbx_struct_oper_list.matrix[1][1]         1.0000000000 
_pdbx_struct_oper_list.matrix[1][2]         0.0000000000 
_pdbx_struct_oper_list.matrix[1][3]         0.0000000000 
_pdbx_struct_oper_list.vector[1]            0.0000000000 
_pdbx_struct_oper_list.matrix[2][1]         0.0000000000 
_pdbx_struct_oper_list.matrix[2][2]         1.0000000000 
_pdbx_struct_oper_list.matrix[2][3]         0.0000000000 
_pdbx_struct_oper_list.vector[2]            0.0000000000 
_pdbx_struct_oper_list.matrix[3][1]         0.0000000000 
_pdbx_struct_oper_list.matrix[3][2]         0.0000000000 
_pdbx_struct_oper_list.matrix[3][3]         1.0000000000 
_pdbx_struct_oper_list.vector[3]            0.0000000000 
# 
_struct_biol.id   1 
# 
loop_
_struct_conf.conf_type_id 
_struct_conf.id 
_struct_conf.pdbx_PDB_helix_id 
_struct_conf.beg_label_comp_id 
_struct_conf.beg_label_asym_id 
_struct_conf.beg_label_seq_id 
_struct_conf.pdbx_beg_PDB_ins_code 
_struct_conf.end_label_comp_id 
_struct_conf.end_label_asym_id 
_struct_conf.end_label_seq_id 
_struct_conf.pdbx_end_PDB_ins_code 
_struct_conf.beg_auth_comp_id 
_struct_conf.beg_auth_asym_id 
_struct_conf.beg_auth_seq_id 
_struct_conf.end_auth_comp_id 
_struct_conf.end_auth_asym_id 
_struct_conf.end_auth_seq_id 
_struct_conf.pdbx_PDB_helix_class 
_struct_conf.details 
_struct_conf.pdbx_PDB_helix_length 
HELX_P HELX_P1 1 ARG A 57 ? GLU A 59 ? ARG A 57 GLU A 59 5 ? 3  
HELX_P HELX_P2 2 LEU A 60 ? GLU A 74 ? LEU A 60 GLU A 74 1 ? 15 
HELX_P HELX_P3 3 ARG B 57 ? GLU B 59 ? ARG B 57 GLU B 59 5 ? 3  
HELX_P HELX_P4 4 LEU B 60 ? SER B 72 ? LEU B 60 SER B 72 1 ? 13 
# 
_struct_conf_type.id          HELX_P 
_struct_conf_type.criteria    ? 
_struct_conf_type.reference   ? 
# 
loop_
_struct_sheet.id 
_struct_sheet.type 
_struct_sheet.number_strands 
_struct_sheet.details 
AA ? 4 ? 
BA ? 4 ? 
# 
loop_
_struct_sheet_order.sheet_id 
_struct_sheet_order.range_id_1 
_struct_sheet_order.range_id_2 
_struct_sheet_order.offset 
_struct_sheet_order.sense 
AA 1 2 ? anti-parallel 
AA 2 3 ? anti-parallel 
AA 3 4 ? anti-parallel 
BA 1 2 ? anti-parallel 
BA 2 3 ? anti-parallel 
BA 3 4 ? anti-parallel 
# 
loop_
_struct_sheet_range.sheet_id 
_struct_sheet_range.id 
_struct_sheet_range.beg_label_comp_id 
_struct_sheet_range.beg_label_asym_id 
_struct_sheet_range.beg_label_seq_id 
_struct_sheet_range.pdbx_beg_PDB_ins_code 
_struct_sheet_range.end_label_comp_id 
_struct_sheet_range.end_label_asym_id 
_struct_sheet_range.end_label_seq_id 
_struct_sheet_range.pdbx_end_PDB_ins_code 
_struct_sheet_range.beg_auth_comp_id 
_struct_sheet_range.beg_auth_asym_id 
_struct_sheet_range.beg_auth_seq_id 
_struct_sheet_range.end_auth_comp_id 
_struct_sheet_range.end_auth_asym_id 
_struct_sheet_range.end_auth_seq_id 
AA 1 LYS A 8  ? SER A 16 ? LYS A 8  SER A 16 
AA 2 GLN A 19 ? TYR A 28 ? GLN A 19 TYR A 28 
AA 3 ARG A 31 ? VAL A 41 ? ARG A 31 VAL A 41 
AA 4 PHE A 47 ? ILE A 56 ? PHE A 47 ILE A 56 
BA 1 LYS B 8  ? GLN B 14 ? LYS B 8  GLN B 14 
BA 2 GLN B 19 ? TYR B 28 ? GLN B 19 TYR B 28 
BA 3 ARG B 31 ? VAL B 41 ? ARG B 31 VAL B 41 
BA 4 PHE B 47 ? ILE B 56 ? PHE B 47 ILE B 56 
# 
loop_
_pdbx_struct_sheet_hbond.sheet_id 
_pdbx_struct_sheet_hbond.range_id_1 
_pdbx_struct_sheet_hbond.range_id_2 
_pdbx_struct_sheet_hbond.range_1_label_atom_id 
_pdbx_struct_sheet_hbond.range_1_label_comp_id 
_pdbx_struct_sheet_hbond.range_1_label_asym_id 
_pdbx_struct_sheet_hbond.range_1_label_seq_id 
_pdbx_struct_sheet_hbond.range_1_PDB_ins_code 
_pdbx_struct_sheet_hbond.range_1_auth_atom_id 
_pdbx_struct_sheet_hbond.range_1_auth_comp_id 
_pdbx_struct_sheet_hbond.range_1_auth_asym_id 
_pdbx_struct_sheet_hbond.range_1_auth_seq_id 
_pdbx_struct_sheet_hbond.range_2_label_atom_id 
_pdbx_struct_sheet_hbond.range_2_label_comp_id 
_pdbx_struct_sheet_hbond.range_2_label_asym_id 
_pdbx_struct_sheet_hbond.range_2_label_seq_id 
_pdbx_struct_sheet_hbond.range_2_PDB_ins_code 
_pdbx_struct_sheet_hbond.range_2_auth_atom_id 
_pdbx_struct_sheet_hbond.range_2_auth_comp_id 
_pdbx_struct_sheet_hbond.range_2_auth_asym_id 
_pdbx_struct_sheet_hbond.range_2_auth_seq_id 
AA 1 2 N LYS A 15 ? N LYS A 15 O GLN A 19 ? O GLN A 19 
AA 2 3 N TYR A 28 ? N TYR A 28 O ARG A 31 ? O ARG A 31 
AA 3 4 N VAL A 40 ? N VAL A 40 O VAL A 48 ? O VAL A 48 
BA 1 2 N VAL B 13 ? N VAL B 13 O ILE B 21 ? O ILE B 21 
BA 2 3 N TYR B 28 ? N TYR B 28 O ARG B 31 ? O ARG B 31 
BA 3 4 N VAL B 40 ? N VAL B 40 O VAL B 48 ? O VAL B 48 
# 
loop_
_struct_site.id 
_struct_site.pdbx_evidence_code 
_struct_site.pdbx_auth_asym_id 
_struct_site.pdbx_auth_comp_id 
_struct_site.pdbx_auth_seq_id 
_struct_site.pdbx_auth_ins_code 
_struct_site.pdbx_num_residues 
_struct_site.details 
AC1 Software B CL 1076 ? 3 'BINDING SITE FOR RESIDUE CL B 1076' 
AC2 Software A CL 1076 ? 3 'BINDING SITE FOR RESIDUE CL A 1076' 
AC3 Software B CL 1077 ? 2 'BINDING SITE FOR RESIDUE CL B 1077' 
AC4 Software B CL 1078 ? 2 'BINDING SITE FOR RESIDUE CL B 1078' 
AC5 Software A CL 1077 ? 2 'BINDING SITE FOR RESIDUE CL A 1077' 
AC6 Software B CL 1079 ? 4 'BINDING SITE FOR RESIDUE CL B 1079' 
# 
loop_
_struct_site_gen.id 
_struct_site_gen.site_id 
_struct_site_gen.pdbx_num_res 
_struct_site_gen.label_comp_id 
_struct_site_gen.label_asym_id 
_struct_site_gen.label_seq_id 
_struct_site_gen.pdbx_auth_ins_code 
_struct_site_gen.auth_comp_id 
_struct_site_gen.auth_asym_id 
_struct_site_gen.auth_seq_id 
_struct_site_gen.label_atom_id 
_struct_site_gen.label_alt_id 
_struct_site_gen.symmetry 
_struct_site_gen.details 
1  AC1 3 ARG A 51 ? ARG A 51   . ? 1_555 ? 
2  AC1 3 ARG B 51 ? ARG B 51   . ? 1_555 ? 
3  AC1 3 HOH J .  ? HOH B 2045 . ? 1_555 ? 
4  AC2 3 ARG A 57 ? ARG A 57   . ? 1_555 ? 
5  AC2 3 LYS B 15 ? LYS B 15   . ? 1_555 ? 
6  AC2 3 HOH J .  ? HOH B 2041 . ? 4_556 ? 
7  AC3 2 LYS A 15 ? LYS A 15   . ? 1_555 ? 
8  AC3 2 ARG B 57 ? ARG B 57   . ? 1_555 ? 
9  AC4 2 ARG B 22 ? ARG B 22   . ? 1_555 ? 
10 AC4 2 PHE B 47 ? PHE B 47   . ? 1_555 ? 
11 AC5 2 ARG A 32 ? ARG A 32   . ? 1_555 ? 
12 AC5 2 ARG B 43 ? ARG B 43   . ? 4_556 ? 
13 AC6 4 HOH I .  ? HOH A 2009 . ? 1_555 ? 
14 AC6 4 GLN B 63 ? GLN B 63   . ? 1_555 ? 
15 AC6 4 HOH J .  ? HOH B 2032 . ? 2_554 ? 
16 AC6 4 HOH J .  ? HOH B 2049 . ? 1_555 ? 
# 
_pdbx_validate_close_contact.id               1 
_pdbx_validate_close_contact.PDB_model_num    1 
_pdbx_validate_close_contact.auth_atom_id_1   OH 
_pdbx_validate_close_contact.auth_asym_id_1   A 
_pdbx_validate_close_contact.auth_comp_id_1   TYR 
_pdbx_validate_close_contact.auth_seq_id_1    4 
_pdbx_validate_close_contact.PDB_ins_code_1   ? 
_pdbx_validate_close_contact.label_alt_id_1   ? 
_pdbx_validate_close_contact.auth_atom_id_2   OD1 
_pdbx_validate_close_contact.auth_asym_id_2   A 
_pdbx_validate_close_contact.auth_comp_id_2   ASP 
_pdbx_validate_close_contact.auth_seq_id_2    12 
_pdbx_validate_close_contact.PDB_ins_code_2   ? 
_pdbx_validate_close_contact.label_alt_id_2   ? 
_pdbx_validate_close_contact.dist             2.19 
# 
loop_
_pdbx_validate_torsion.id 
_pdbx_validate_torsion.PDB_model_num 
_pdbx_validate_torsion.auth_comp_id 
_pdbx_validate_torsion.auth_asym_id 
_pdbx_validate_torsion.auth_seq_id 
_pdbx_validate_torsion.PDB_ins_code 
_pdbx_validate_torsion.label_alt_id 
_pdbx_validate_torsion.phi 
_pdbx_validate_torsion.psi 
1 1 ASP A 42 ? ? -97.98 -72.74  
2 1 ASP A 44 ? ? 54.53  -137.39 
# 
loop_
_pdbx_unobs_or_zero_occ_residues.id 
_pdbx_unobs_or_zero_occ_residues.PDB_model_num 
_pdbx_unobs_or_zero_occ_residues.polymer_flag 
_pdbx_unobs_or_zero_occ_residues.occupancy_flag 
_pdbx_unobs_or_zero_occ_residues.auth_asym_id 
_pdbx_unobs_or_zero_occ_residues.auth_comp_id 
_pdbx_unobs_or_zero_occ_residues.auth_seq_id 
_pdbx_unobs_or_zero_occ_residues.PDB_ins_code 
_pdbx_unobs_or_zero_occ_residues.label_asym_id 
_pdbx_unobs_or_zero_occ_residues.label_comp_id 
_pdbx_unobs_or_zero_occ_residues.label_seq_id 
1 1 Y 1 A MET 1 ? A MET 1 
2 1 Y 1 B MET 1 ? B MET 1 
# 
loop_
_chem_comp_atom.comp_id 
_chem_comp_atom.atom_id 
_chem_comp_atom.type_symbol 
_chem_comp_atom.pdbx_aromatic_flag 
_chem_comp_atom.pdbx_stereo_config 
_chem_comp_atom.pdbx_ordinal 
ALA N    N  N N 1   
ALA CA   C  N S 2   
ALA C    C  N N 3   
ALA O    O  N N 4   
ALA CB   C  N N 5   
ALA OXT  O  N N 6   
ALA H    H  N N 7   
ALA H2   H  N N 8   
ALA HA   H  N N 9   
ALA HB1  H  N N 10  
ALA HB2  H  N N 11  
ALA HB3  H  N N 12  
ALA HXT  H  N N 13  
ARG N    N  N N 14  
ARG CA   C  N S 15  
ARG C    C  N N 16  
ARG O    O  N N 17  
ARG CB   C  N N 18  
ARG CG   C  N N 19  
ARG CD   C  N N 20  
ARG NE   N  N N 21  
ARG CZ   C  N N 22  
ARG NH1  N  N N 23  
ARG NH2  N  N N 24  
ARG OXT  O  N N 25  
ARG H    H  N N 26  
ARG H2   H  N N 27  
ARG HA   H  N N 28  
ARG HB2  H  N N 29  
ARG HB3  H  N N 30  
ARG HG2  H  N N 31  
ARG HG3  H  N N 32  
ARG HD2  H  N N 33  
ARG HD3  H  N N 34  
ARG HE   H  N N 35  
ARG HH11 H  N N 36  
ARG HH12 H  N N 37  
ARG HH21 H  N N 38  
ARG HH22 H  N N 39  
ARG HXT  H  N N 40  
ASP N    N  N N 41  
ASP CA   C  N S 42  
ASP C    C  N N 43  
ASP O    O  N N 44  
ASP CB   C  N N 45  
ASP CG   C  N N 46  
ASP OD1  O  N N 47  
ASP OD2  O  N N 48  
ASP OXT  O  N N 49  
ASP H    H  N N 50  
ASP H2   H  N N 51  
ASP HA   H  N N 52  
ASP HB2  H  N N 53  
ASP HB3  H  N N 54  
ASP HD2  H  N N 55  
ASP HXT  H  N N 56  
CL  CL   CL N N 57  
GLN N    N  N N 58  
GLN CA   C  N S 59  
GLN C    C  N N 60  
GLN O    O  N N 61  
GLN CB   C  N N 62  
GLN CG   C  N N 63  
GLN CD   C  N N 64  
GLN OE1  O  N N 65  
GLN NE2  N  N N 66  
GLN OXT  O  N N 67  
GLN H    H  N N 68  
GLN H2   H  N N 69  
GLN HA   H  N N 70  
GLN HB2  H  N N 71  
GLN HB3  H  N N 72  
GLN HG2  H  N N 73  
GLN HG3  H  N N 74  
GLN HE21 H  N N 75  
GLN HE22 H  N N 76  
GLN HXT  H  N N 77  
GLU N    N  N N 78  
GLU CA   C  N S 79  
GLU C    C  N N 80  
GLU O    O  N N 81  
GLU CB   C  N N 82  
GLU CG   C  N N 83  
GLU CD   C  N N 84  
GLU OE1  O  N N 85  
GLU OE2  O  N N 86  
GLU OXT  O  N N 87  
GLU H    H  N N 88  
GLU H2   H  N N 89  
GLU HA   H  N N 90  
GLU HB2  H  N N 91  
GLU HB3  H  N N 92  
GLU HG2  H  N N 93  
GLU HG3  H  N N 94  
GLU HE2  H  N N 95  
GLU HXT  H  N N 96  
GLY N    N  N N 97  
GLY CA   C  N N 98  
GLY C    C  N N 99  
GLY O    O  N N 100 
GLY OXT  O  N N 101 
GLY H    H  N N 102 
GLY H2   H  N N 103 
GLY HA2  H  N N 104 
GLY HA3  H  N N 105 
GLY HXT  H  N N 106 
HIS N    N  N N 107 
HIS CA   C  N S 108 
HIS C    C  N N 109 
HIS O    O  N N 110 
HIS CB   C  N N 111 
HIS CG   C  Y N 112 
HIS ND1  N  Y N 113 
HIS CD2  C  Y N 114 
HIS CE1  C  Y N 115 
HIS NE2  N  Y N 116 
HIS OXT  O  N N 117 
HIS H    H  N N 118 
HIS H2   H  N N 119 
HIS HA   H  N N 120 
HIS HB2  H  N N 121 
HIS HB3  H  N N 122 
HIS HD1  H  N N 123 
HIS HD2  H  N N 124 
HIS HE1  H  N N 125 
HIS HE2  H  N N 126 
HIS HXT  H  N N 127 
HOH O    O  N N 128 
HOH H1   H  N N 129 
HOH H2   H  N N 130 
ILE N    N  N N 131 
ILE CA   C  N S 132 
ILE C    C  N N 133 
ILE O    O  N N 134 
ILE CB   C  N S 135 
ILE CG1  C  N N 136 
ILE CG2  C  N N 137 
ILE CD1  C  N N 138 
ILE OXT  O  N N 139 
ILE H    H  N N 140 
ILE H2   H  N N 141 
ILE HA   H  N N 142 
ILE HB   H  N N 143 
ILE HG12 H  N N 144 
ILE HG13 H  N N 145 
ILE HG21 H  N N 146 
ILE HG22 H  N N 147 
ILE HG23 H  N N 148 
ILE HD11 H  N N 149 
ILE HD12 H  N N 150 
ILE HD13 H  N N 151 
ILE HXT  H  N N 152 
LEU N    N  N N 153 
LEU CA   C  N S 154 
LEU C    C  N N 155 
LEU O    O  N N 156 
LEU CB   C  N N 157 
LEU CG   C  N N 158 
LEU CD1  C  N N 159 
LEU CD2  C  N N 160 
LEU OXT  O  N N 161 
LEU H    H  N N 162 
LEU H2   H  N N 163 
LEU HA   H  N N 164 
LEU HB2  H  N N 165 
LEU HB3  H  N N 166 
LEU HG   H  N N 167 
LEU HD11 H  N N 168 
LEU HD12 H  N N 169 
LEU HD13 H  N N 170 
LEU HD21 H  N N 171 
LEU HD22 H  N N 172 
LEU HD23 H  N N 173 
LEU HXT  H  N N 174 
LYS N    N  N N 175 
LYS CA   C  N S 176 
LYS C    C  N N 177 
LYS O    O  N N 178 
LYS CB   C  N N 179 
LYS CG   C  N N 180 
LYS CD   C  N N 181 
LYS CE   C  N N 182 
LYS NZ   N  N N 183 
LYS OXT  O  N N 184 
LYS H    H  N N 185 
LYS H2   H  N N 186 
LYS HA   H  N N 187 
LYS HB2  H  N N 188 
LYS HB3  H  N N 189 
LYS HG2  H  N N 190 
LYS HG3  H  N N 191 
LYS HD2  H  N N 192 
LYS HD3  H  N N 193 
LYS HE2  H  N N 194 
LYS HE3  H  N N 195 
LYS HZ1  H  N N 196 
LYS HZ2  H  N N 197 
LYS HZ3  H  N N 198 
LYS HXT  H  N N 199 
MET N    N  N N 200 
MET CA   C  N S 201 
MET C    C  N N 202 
MET O    O  N N 203 
MET CB   C  N N 204 
MET CG   C  N N 205 
MET SD   S  N N 206 
MET CE   C  N N 207 
MET OXT  O  N N 208 
MET H    H  N N 209 
MET H2   H  N N 210 
MET HA   H  N N 211 
MET HB2  H  N N 212 
MET HB3  H  N N 213 
MET HG2  H  N N 214 
MET HG3  H  N N 215 
MET HE1  H  N N 216 
MET HE2  H  N N 217 
MET HE3  H  N N 218 
MET HXT  H  N N 219 
PHE N    N  N N 220 
PHE CA   C  N S 221 
PHE C    C  N N 222 
PHE O    O  N N 223 
PHE CB   C  N N 224 
PHE CG   C  Y N 225 
PHE CD1  C  Y N 226 
PHE CD2  C  Y N 227 
PHE CE1  C  Y N 228 
PHE CE2  C  Y N 229 
PHE CZ   C  Y N 230 
PHE OXT  O  N N 231 
PHE H    H  N N 232 
PHE H2   H  N N 233 
PHE HA   H  N N 234 
PHE HB2  H  N N 235 
PHE HB3  H  N N 236 
PHE HD1  H  N N 237 
PHE HD2  H  N N 238 
PHE HE1  H  N N 239 
PHE HE2  H  N N 240 
PHE HZ   H  N N 241 
PHE HXT  H  N N 242 
PRO N    N  N N 243 
PRO CA   C  N S 244 
PRO C    C  N N 245 
PRO O    O  N N 246 
PRO CB   C  N N 247 
PRO CG   C  N N 248 
PRO CD   C  N N 249 
PRO OXT  O  N N 250 
PRO H    H  N N 251 
PRO HA   H  N N 252 
PRO HB2  H  N N 253 
PRO HB3  H  N N 254 
PRO HG2  H  N N 255 
PRO HG3  H  N N 256 
PRO HD2  H  N N 257 
PRO HD3  H  N N 258 
PRO HXT  H  N N 259 
SER N    N  N N 260 
SER CA   C  N S 261 
SER C    C  N N 262 
SER O    O  N N 263 
SER CB   C  N N 264 
SER OG   O  N N 265 
SER OXT  O  N N 266 
SER H    H  N N 267 
SER H2   H  N N 268 
SER HA   H  N N 269 
SER HB2  H  N N 270 
SER HB3  H  N N 271 
SER HG   H  N N 272 
SER HXT  H  N N 273 
THR N    N  N N 274 
THR CA   C  N S 275 
THR C    C  N N 276 
THR O    O  N N 277 
THR CB   C  N R 278 
THR OG1  O  N N 279 
THR CG2  C  N N 280 
THR OXT  O  N N 281 
THR H    H  N N 282 
THR H2   H  N N 283 
THR HA   H  N N 284 
THR HB   H  N N 285 
THR HG1  H  N N 286 
THR HG21 H  N N 287 
THR HG22 H  N N 288 
THR HG23 H  N N 289 
THR HXT  H  N N 290 
TRP N    N  N N 291 
TRP CA   C  N S 292 
TRP C    C  N N 293 
TRP O    O  N N 294 
TRP CB   C  N N 295 
TRP CG   C  Y N 296 
TRP CD1  C  Y N 297 
TRP CD2  C  Y N 298 
TRP NE1  N  Y N 299 
TRP CE2  C  Y N 300 
TRP CE3  C  Y N 301 
TRP CZ2  C  Y N 302 
TRP CZ3  C  Y N 303 
TRP CH2  C  Y N 304 
TRP OXT  O  N N 305 
TRP H    H  N N 306 
TRP H2   H  N N 307 
TRP HA   H  N N 308 
TRP HB2  H  N N 309 
TRP HB3  H  N N 310 
TRP HD1  H  N N 311 
TRP HE1  H  N N 312 
TRP HE3  H  N N 313 
TRP HZ2  H  N N 314 
TRP HZ3  H  N N 315 
TRP HH2  H  N N 316 
TRP HXT  H  N N 317 
TYR N    N  N N 318 
TYR CA   C  N S 319 
TYR C    C  N N 320 
TYR O    O  N N 321 
TYR CB   C  N N 322 
TYR CG   C  Y N 323 
TYR CD1  C  Y N 324 
TYR CD2  C  Y N 325 
TYR CE1  C  Y N 326 
TYR CE2  C  Y N 327 
TYR CZ   C  Y N 328 
TYR OH   O  N N 329 
TYR OXT  O  N N 330 
TYR H    H  N N 331 
TYR H2   H  N N 332 
TYR HA   H  N N 333 
TYR HB2  H  N N 334 
TYR HB3  H  N N 335 
TYR HD1  H  N N 336 
TYR HD2  H  N N 337 
TYR HE1  H  N N 338 
TYR HE2  H  N N 339 
TYR HH   H  N N 340 
TYR HXT  H  N N 341 
VAL N    N  N N 342 
VAL CA   C  N S 343 
VAL C    C  N N 344 
VAL O    O  N N 345 
VAL CB   C  N N 346 
VAL CG1  C  N N 347 
VAL CG2  C  N N 348 
VAL OXT  O  N N 349 
VAL H    H  N N 350 
VAL H2   H  N N 351 
VAL HA   H  N N 352 
VAL HB   H  N N 353 
VAL HG11 H  N N 354 
VAL HG12 H  N N 355 
VAL HG13 H  N N 356 
VAL HG21 H  N N 357 
VAL HG22 H  N N 358 
VAL HG23 H  N N 359 
VAL HXT  H  N N 360 
# 
loop_
_chem_comp_bond.comp_id 
_chem_comp_bond.atom_id_1 
_chem_comp_bond.atom_id_2 
_chem_comp_bond.value_order 
_chem_comp_bond.pdbx_aromatic_flag 
_chem_comp_bond.pdbx_stereo_config 
_chem_comp_bond.pdbx_ordinal 
ALA N   CA   sing N N 1   
ALA N   H    sing N N 2   
ALA N   H2   sing N N 3   
ALA CA  C    sing N N 4   
ALA CA  CB   sing N N 5   
ALA CA  HA   sing N N 6   
ALA C   O    doub N N 7   
ALA C   OXT  sing N N 8   
ALA CB  HB1  sing N N 9   
ALA CB  HB2  sing N N 10  
ALA CB  HB3  sing N N 11  
ALA OXT HXT  sing N N 12  
ARG N   CA   sing N N 13  
ARG N   H    sing N N 14  
ARG N   H2   sing N N 15  
ARG CA  C    sing N N 16  
ARG CA  CB   sing N N 17  
ARG CA  HA   sing N N 18  
ARG C   O    doub N N 19  
ARG C   OXT  sing N N 20  
ARG CB  CG   sing N N 21  
ARG CB  HB2  sing N N 22  
ARG CB  HB3  sing N N 23  
ARG CG  CD   sing N N 24  
ARG CG  HG2  sing N N 25  
ARG CG  HG3  sing N N 26  
ARG CD  NE   sing N N 27  
ARG CD  HD2  sing N N 28  
ARG CD  HD3  sing N N 29  
ARG NE  CZ   sing N N 30  
ARG NE  HE   sing N N 31  
ARG CZ  NH1  sing N N 32  
ARG CZ  NH2  doub N N 33  
ARG NH1 HH11 sing N N 34  
ARG NH1 HH12 sing N N 35  
ARG NH2 HH21 sing N N 36  
ARG NH2 HH22 sing N N 37  
ARG OXT HXT  sing N N 38  
ASP N   CA   sing N N 39  
ASP N   H    sing N N 40  
ASP N   H2   sing N N 41  
ASP CA  C    sing N N 42  
ASP CA  CB   sing N N 43  
ASP CA  HA   sing N N 44  
ASP C   O    doub N N 45  
ASP C   OXT  sing N N 46  
ASP CB  CG   sing N N 47  
ASP CB  HB2  sing N N 48  
ASP CB  HB3  sing N N 49  
ASP CG  OD1  doub N N 50  
ASP CG  OD2  sing N N 51  
ASP OD2 HD2  sing N N 52  
ASP OXT HXT  sing N N 53  
GLN N   CA   sing N N 54  
GLN N   H    sing N N 55  
GLN N   H2   sing N N 56  
GLN CA  C    sing N N 57  
GLN CA  CB   sing N N 58  
GLN CA  HA   sing N N 59  
GLN C   O    doub N N 60  
GLN C   OXT  sing N N 61  
GLN CB  CG   sing N N 62  
GLN CB  HB2  sing N N 63  
GLN CB  HB3  sing N N 64  
GLN CG  CD   sing N N 65  
GLN CG  HG2  sing N N 66  
GLN CG  HG3  sing N N 67  
GLN CD  OE1  doub N N 68  
GLN CD  NE2  sing N N 69  
GLN NE2 HE21 sing N N 70  
GLN NE2 HE22 sing N N 71  
GLN OXT HXT  sing N N 72  
GLU N   CA   sing N N 73  
GLU N   H    sing N N 74  
GLU N   H2   sing N N 75  
GLU CA  C    sing N N 76  
GLU CA  CB   sing N N 77  
GLU CA  HA   sing N N 78  
GLU C   O    doub N N 79  
GLU C   OXT  sing N N 80  
GLU CB  CG   sing N N 81  
GLU CB  HB2  sing N N 82  
GLU CB  HB3  sing N N 83  
GLU CG  CD   sing N N 84  
GLU CG  HG2  sing N N 85  
GLU CG  HG3  sing N N 86  
GLU CD  OE1  doub N N 87  
GLU CD  OE2  sing N N 88  
GLU OE2 HE2  sing N N 89  
GLU OXT HXT  sing N N 90  
GLY N   CA   sing N N 91  
GLY N   H    sing N N 92  
GLY N   H2   sing N N 93  
GLY CA  C    sing N N 94  
GLY CA  HA2  sing N N 95  
GLY CA  HA3  sing N N 96  
GLY C   O    doub N N 97  
GLY C   OXT  sing N N 98  
GLY OXT HXT  sing N N 99  
HIS N   CA   sing N N 100 
HIS N   H    sing N N 101 
HIS N   H2   sing N N 102 
HIS CA  C    sing N N 103 
HIS CA  CB   sing N N 104 
HIS CA  HA   sing N N 105 
HIS C   O    doub N N 106 
HIS C   OXT  sing N N 107 
HIS CB  CG   sing N N 108 
HIS CB  HB2  sing N N 109 
HIS CB  HB3  sing N N 110 
HIS CG  ND1  sing Y N 111 
HIS CG  CD2  doub Y N 112 
HIS ND1 CE1  doub Y N 113 
HIS ND1 HD1  sing N N 114 
HIS CD2 NE2  sing Y N 115 
HIS CD2 HD2  sing N N 116 
HIS CE1 NE2  sing Y N 117 
HIS CE1 HE1  sing N N 118 
HIS NE2 HE2  sing N N 119 
HIS OXT HXT  sing N N 120 
HOH O   H1   sing N N 121 
HOH O   H2   sing N N 122 
ILE N   CA   sing N N 123 
ILE N   H    sing N N 124 
ILE N   H2   sing N N 125 
ILE CA  C    sing N N 126 
ILE CA  CB   sing N N 127 
ILE CA  HA   sing N N 128 
ILE C   O    doub N N 129 
ILE C   OXT  sing N N 130 
ILE CB  CG1  sing N N 131 
ILE CB  CG2  sing N N 132 
ILE CB  HB   sing N N 133 
ILE CG1 CD1  sing N N 134 
ILE CG1 HG12 sing N N 135 
ILE CG1 HG13 sing N N 136 
ILE CG2 HG21 sing N N 137 
ILE CG2 HG22 sing N N 138 
ILE CG2 HG23 sing N N 139 
ILE CD1 HD11 sing N N 140 
ILE CD1 HD12 sing N N 141 
ILE CD1 HD13 sing N N 142 
ILE OXT HXT  sing N N 143 
LEU N   CA   sing N N 144 
LEU N   H    sing N N 145 
LEU N   H2   sing N N 146 
LEU CA  C    sing N N 147 
LEU CA  CB   sing N N 148 
LEU CA  HA   sing N N 149 
LEU C   O    doub N N 150 
LEU C   OXT  sing N N 151 
LEU CB  CG   sing N N 152 
LEU CB  HB2  sing N N 153 
LEU CB  HB3  sing N N 154 
LEU CG  CD1  sing N N 155 
LEU CG  CD2  sing N N 156 
LEU CG  HG   sing N N 157 
LEU CD1 HD11 sing N N 158 
LEU CD1 HD12 sing N N 159 
LEU CD1 HD13 sing N N 160 
LEU CD2 HD21 sing N N 161 
LEU CD2 HD22 sing N N 162 
LEU CD2 HD23 sing N N 163 
LEU OXT HXT  sing N N 164 
LYS N   CA   sing N N 165 
LYS N   H    sing N N 166 
LYS N   H2   sing N N 167 
LYS CA  C    sing N N 168 
LYS CA  CB   sing N N 169 
LYS CA  HA   sing N N 170 
LYS C   O    doub N N 171 
LYS C   OXT  sing N N 172 
LYS CB  CG   sing N N 173 
LYS CB  HB2  sing N N 174 
LYS CB  HB3  sing N N 175 
LYS CG  CD   sing N N 176 
LYS CG  HG2  sing N N 177 
LYS CG  HG3  sing N N 178 
LYS CD  CE   sing N N 179 
LYS CD  HD2  sing N N 180 
LYS CD  HD3  sing N N 181 
LYS CE  NZ   sing N N 182 
LYS CE  HE2  sing N N 183 
LYS CE  HE3  sing N N 184 
LYS NZ  HZ1  sing N N 185 
LYS NZ  HZ2  sing N N 186 
LYS NZ  HZ3  sing N N 187 
LYS OXT HXT  sing N N 188 
MET N   CA   sing N N 189 
MET N   H    sing N N 190 
MET N   H2   sing N N 191 
MET CA  C    sing N N 192 
MET CA  CB   sing N N 193 
MET CA  HA   sing N N 194 
MET C   O    doub N N 195 
MET C   OXT  sing N N 196 
MET CB  CG   sing N N 197 
MET CB  HB2  sing N N 198 
MET CB  HB3  sing N N 199 
MET CG  SD   sing N N 200 
MET CG  HG2  sing N N 201 
MET CG  HG3  sing N N 202 
MET SD  CE   sing N N 203 
MET CE  HE1  sing N N 204 
MET CE  HE2  sing N N 205 
MET CE  HE3  sing N N 206 
MET OXT HXT  sing N N 207 
PHE N   CA   sing N N 208 
PHE N   H    sing N N 209 
PHE N   H2   sing N N 210 
PHE CA  C    sing N N 211 
PHE CA  CB   sing N N 212 
PHE CA  HA   sing N N 213 
PHE C   O    doub N N 214 
PHE C   OXT  sing N N 215 
PHE CB  CG   sing N N 216 
PHE CB  HB2  sing N N 217 
PHE CB  HB3  sing N N 218 
PHE CG  CD1  doub Y N 219 
PHE CG  CD2  sing Y N 220 
PHE CD1 CE1  sing Y N 221 
PHE CD1 HD1  sing N N 222 
PHE CD2 CE2  doub Y N 223 
PHE CD2 HD2  sing N N 224 
PHE CE1 CZ   doub Y N 225 
PHE CE1 HE1  sing N N 226 
PHE CE2 CZ   sing Y N 227 
PHE CE2 HE2  sing N N 228 
PHE CZ  HZ   sing N N 229 
PHE OXT HXT  sing N N 230 
PRO N   CA   sing N N 231 
PRO N   CD   sing N N 232 
PRO N   H    sing N N 233 
PRO CA  C    sing N N 234 
PRO CA  CB   sing N N 235 
PRO CA  HA   sing N N 236 
PRO C   O    doub N N 237 
PRO C   OXT  sing N N 238 
PRO CB  CG   sing N N 239 
PRO CB  HB2  sing N N 240 
PRO CB  HB3  sing N N 241 
PRO CG  CD   sing N N 242 
PRO CG  HG2  sing N N 243 
PRO CG  HG3  sing N N 244 
PRO CD  HD2  sing N N 245 
PRO CD  HD3  sing N N 246 
PRO OXT HXT  sing N N 247 
SER N   CA   sing N N 248 
SER N   H    sing N N 249 
SER N   H2   sing N N 250 
SER CA  C    sing N N 251 
SER CA  CB   sing N N 252 
SER CA  HA   sing N N 253 
SER C   O    doub N N 254 
SER C   OXT  sing N N 255 
SER CB  OG   sing N N 256 
SER CB  HB2  sing N N 257 
SER CB  HB3  sing N N 258 
SER OG  HG   sing N N 259 
SER OXT HXT  sing N N 260 
THR N   CA   sing N N 261 
THR N   H    sing N N 262 
THR N   H2   sing N N 263 
THR CA  C    sing N N 264 
THR CA  CB   sing N N 265 
THR CA  HA   sing N N 266 
THR C   O    doub N N 267 
THR C   OXT  sing N N 268 
THR CB  OG1  sing N N 269 
THR CB  CG2  sing N N 270 
THR CB  HB   sing N N 271 
THR OG1 HG1  sing N N 272 
THR CG2 HG21 sing N N 273 
THR CG2 HG22 sing N N 274 
THR CG2 HG23 sing N N 275 
THR OXT HXT  sing N N 276 
TRP N   CA   sing N N 277 
TRP N   H    sing N N 278 
TRP N   H2   sing N N 279 
TRP CA  C    sing N N 280 
TRP CA  CB   sing N N 281 
TRP CA  HA   sing N N 282 
TRP C   O    doub N N 283 
TRP C   OXT  sing N N 284 
TRP CB  CG   sing N N 285 
TRP CB  HB2  sing N N 286 
TRP CB  HB3  sing N N 287 
TRP CG  CD1  doub Y N 288 
TRP CG  CD2  sing Y N 289 
TRP CD1 NE1  sing Y N 290 
TRP CD1 HD1  sing N N 291 
TRP CD2 CE2  doub Y N 292 
TRP CD2 CE3  sing Y N 293 
TRP NE1 CE2  sing Y N 294 
TRP NE1 HE1  sing N N 295 
TRP CE2 CZ2  sing Y N 296 
TRP CE3 CZ3  doub Y N 297 
TRP CE3 HE3  sing N N 298 
TRP CZ2 CH2  doub Y N 299 
TRP CZ2 HZ2  sing N N 300 
TRP CZ3 CH2  sing Y N 301 
TRP CZ3 HZ3  sing N N 302 
TRP CH2 HH2  sing N N 303 
TRP OXT HXT  sing N N 304 
TYR N   CA   sing N N 305 
TYR N   H    sing N N 306 
TYR N   H2   sing N N 307 
TYR CA  C    sing N N 308 
TYR CA  CB   sing N N 309 
TYR CA  HA   sing N N 310 
TYR C   O    doub N N 311 
TYR C   OXT  sing N N 312 
TYR CB  CG   sing N N 313 
TYR CB  HB2  sing N N 314 
TYR CB  HB3  sing N N 315 
TYR CG  CD1  doub Y N 316 
TYR CG  CD2  sing Y N 317 
TYR CD1 CE1  sing Y N 318 
TYR CD1 HD1  sing N N 319 
TYR CD2 CE2  doub Y N 320 
TYR CD2 HD2  sing N N 321 
TYR CE1 CZ   doub Y N 322 
TYR CE1 HE1  sing N N 323 
TYR CE2 CZ   sing Y N 324 
TYR CE2 HE2  sing N N 325 
TYR CZ  OH   sing N N 326 
TYR OH  HH   sing N N 327 
TYR OXT HXT  sing N N 328 
VAL N   CA   sing N N 329 
VAL N   H    sing N N 330 
VAL N   H2   sing N N 331 
VAL CA  C    sing N N 332 
VAL CA  CB   sing N N 333 
VAL CA  HA   sing N N 334 
VAL C   O    doub N N 335 
VAL C   OXT  sing N N 336 
VAL CB  CG1  sing N N 337 
VAL CB  CG2  sing N N 338 
VAL CB  HB   sing N N 339 
VAL CG1 HG11 sing N N 340 
VAL CG1 HG12 sing N N 341 
VAL CG1 HG13 sing N N 342 
VAL CG2 HG21 sing N N 343 
VAL CG2 HG22 sing N N 344 
VAL CG2 HG23 sing N N 345 
VAL OXT HXT  sing N N 346 
# 
_pdbx_initial_refinement_model.accession_code   ? 
_pdbx_initial_refinement_model.id               1 
_pdbx_initial_refinement_model.entity_id_list   ? 
_pdbx_initial_refinement_model.type             'experimental model' 
_pdbx_initial_refinement_model.source_name      Other 
_pdbx_initial_refinement_model.details          'TETRAGONAL CRYSTAL FORM OF THE SAME PROTEIN, HOMODIMER' 
# 
_atom_sites.entry_id                    5A4O 
_atom_sites.fract_transf_matrix[1][1]   0.02074592 
_atom_sites.fract_transf_matrix[1][2]   -0.00740938 
_atom_sites.fract_transf_matrix[1][3]   -0.01392047 
_atom_sites.fract_transf_matrix[2][1]   -0.01121649 
_atom_sites.fract_transf_matrix[2][2]   -0.01342556 
_atom_sites.fract_transf_matrix[2][3]   -0.00957017 
_atom_sites.fract_transf_matrix[3][1]   -0.00351307 
_atom_sites.fract_transf_matrix[3][2]   0.01074330 
_atom_sites.fract_transf_matrix[3][3]   -0.01095388 
_atom_sites.fract_transf_vector[1]      0.248336 
_atom_sites.fract_transf_vector[2]      0.084950 
_atom_sites.fract_transf_vector[3]      0.268205 
# 
loop_
_atom_type.symbol 
C  
CL 
N  
O  
# 
loop_
_atom_site.group_PDB 
_atom_site.id 
_atom_site.type_symbol 
_atom_site.label_atom_id 
_atom_site.label_alt_id 
_atom_site.label_comp_id 
_atom_site.label_asym_id 
_atom_site.label_entity_id 
_atom_site.label_seq_id 
_atom_site.pdbx_PDB_ins_code 
_atom_site.Cartn_x 
_atom_site.Cartn_y 
_atom_site.Cartn_z 
_atom_site.occupancy 
_atom_site.B_iso_or_equiv 
_atom_site.pdbx_formal_charge 
_atom_site.auth_seq_id 
_atom_site.auth_comp_id 
_atom_site.auth_asym_id 
_atom_site.auth_atom_id 
_atom_site.pdbx_PDB_model_num 
ATOM   1    N  N   . SER A 1 2  ? 7.630   -18.603 -4.483  1.00 41.20 ? 2    SER A N   1 
ATOM   2    C  CA  . SER A 1 2  ? 7.665   -17.649 -3.342  1.00 39.66 ? 2    SER A CA  1 
ATOM   3    C  C   . SER A 1 2  ? 7.369   -16.214 -3.823  1.00 40.37 ? 2    SER A C   1 
ATOM   4    O  O   . SER A 1 2  ? 7.797   -15.808 -4.912  1.00 39.66 ? 2    SER A O   1 
ATOM   5    C  CB  . SER A 1 2  ? 9.029   -17.712 -2.639  1.00 40.32 ? 2    SER A CB  1 
ATOM   6    O  OG  . SER A 1 2  ? 9.269   -16.565 -1.829  1.00 37.32 ? 2    SER A OG  1 
ATOM   7    N  N   . ALA A 1 3  ? 6.630   -15.461 -2.999  1.00 37.36 ? 3    ALA A N   1 
ATOM   8    C  CA  . ALA A 1 3  ? 6.410   -14.032 -3.222  1.00 35.58 ? 3    ALA A CA  1 
ATOM   9    C  C   . ALA A 1 3  ? 7.708   -13.238 -3.100  1.00 34.89 ? 3    ALA A C   1 
ATOM   10   O  O   . ALA A 1 3  ? 7.741   -12.049 -3.450  1.00 35.73 ? 3    ALA A O   1 
ATOM   11   C  CB  . ALA A 1 3  ? 5.395   -13.479 -2.228  1.00 34.11 ? 3    ALA A CB  1 
ATOM   12   N  N   . TYR A 1 4  ? 8.745   -13.867 -2.549  1.00 34.45 ? 4    TYR A N   1 
ATOM   13   C  CA  . TYR A 1 4  ? 10.059  -13.227 -2.400  1.00 37.23 ? 4    TYR A CA  1 
ATOM   14   C  C   . TYR A 1 4  ? 10.993  -13.434 -3.585  1.00 36.27 ? 4    TYR A C   1 
ATOM   15   O  O   . TYR A 1 4  ? 12.112  -12.903 -3.594  1.00 34.78 ? 4    TYR A O   1 
ATOM   16   C  CB  . TYR A 1 4  ? 10.712  -13.676 -1.089  1.00 37.07 ? 4    TYR A CB  1 
ATOM   17   C  CG  . TYR A 1 4  ? 9.899   -13.187 0.080   1.00 38.46 ? 4    TYR A CG  1 
ATOM   18   C  CD1 . TYR A 1 4  ? 10.064  -11.886 0.566   1.00 40.61 ? 4    TYR A CD1 1 
ATOM   19   C  CD2 . TYR A 1 4  ? 8.920   -13.990 0.661   1.00 38.75 ? 4    TYR A CD2 1 
ATOM   20   C  CE1 . TYR A 1 4  ? 9.302   -11.411 1.618   1.00 39.92 ? 4    TYR A CE1 1 
ATOM   21   C  CE2 . TYR A 1 4  ? 8.148   -13.519 1.711   1.00 38.93 ? 4    TYR A CE2 1 
ATOM   22   C  CZ  . TYR A 1 4  ? 8.345   -12.237 2.182   1.00 40.62 ? 4    TYR A CZ  1 
ATOM   23   O  OH  . TYR A 1 4  ? 7.590   -11.786 3.228   1.00 40.75 ? 4    TYR A OH  1 
ATOM   24   N  N   . ASP A 1 5  ? 10.530  -14.175 -4.592  1.00 36.74 ? 5    ASP A N   1 
ATOM   25   C  CA  . ASP A 1 5  ? 11.289  -14.338 -5.836  1.00 38.88 ? 5    ASP A CA  1 
ATOM   26   C  C   . ASP A 1 5  ? 11.357  -13.022 -6.651  1.00 41.63 ? 5    ASP A C   1 
ATOM   27   O  O   . ASP A 1 5  ? 12.397  -12.702 -7.232  1.00 44.00 ? 5    ASP A O   1 
ATOM   28   C  CB  . ASP A 1 5  ? 10.684  -15.466 -6.682  1.00 42.40 ? 5    ASP A CB  1 
ATOM   29   C  CG  . ASP A 1 5  ? 10.729  -16.835 -5.981  1.00 44.15 ? 5    ASP A CG  1 
ATOM   30   O  OD1 . ASP A 1 5  ? 11.464  -16.978 -4.982  1.00 45.76 ? 5    ASP A OD1 1 
ATOM   31   O  OD2 . ASP A 1 5  ? 10.035  -17.781 -6.431  1.00 45.62 ? 5    ASP A OD2 1 
ATOM   32   N  N   . SER A 1 6  ? 10.278  -12.244 -6.639  1.00 37.72 ? 6    SER A N   1 
ATOM   33   C  CA  . SER A 1 6  ? 10.062  -11.181 -7.633  1.00 39.28 ? 6    SER A CA  1 
ATOM   34   C  C   . SER A 1 6  ? 10.731  -9.838  -7.238  1.00 36.63 ? 6    SER A C   1 
ATOM   35   O  O   . SER A 1 6  ? 10.357  -9.223  -6.241  1.00 38.40 ? 6    SER A O   1 
ATOM   36   C  CB  . SER A 1 6  ? 8.545   -11.003 -7.844  1.00 41.80 ? 6    SER A CB  1 
ATOM   37   O  OG  . SER A 1 6  ? 8.234   -10.452 -9.115  1.00 43.10 ? 6    SER A OG  1 
ATOM   38   N  N   . GLY A 1 7  ? 11.713  -9.389  -8.027  1.00 31.18 ? 7    GLY A N   1 
ATOM   39   C  CA  . GLY A 1 7  ? 12.470  -8.159  -7.730  1.00 27.61 ? 7    GLY A CA  1 
ATOM   40   C  C   . GLY A 1 7  ? 13.126  -8.166  -6.348  1.00 25.46 ? 7    GLY A C   1 
ATOM   41   O  O   . GLY A 1 7  ? 13.315  -9.220  -5.725  1.00 26.77 ? 7    GLY A O   1 
ATOM   42   N  N   . LYS A 1 8  ? 13.439  -6.984  -5.842  1.00 22.57 ? 8    LYS A N   1 
ATOM   43   C  CA  . LYS A 1 8  ? 14.153  -6.873  -4.578  1.00 20.26 ? 8    LYS A CA  1 
ATOM   44   C  C   . LYS A 1 8  ? 13.222  -6.653  -3.384  1.00 18.41 ? 8    LYS A C   1 
ATOM   45   O  O   . LYS A 1 8  ? 12.492  -5.682  -3.356  1.00 16.92 ? 8    LYS A O   1 
ATOM   46   C  CB  . LYS A 1 8  ? 15.107  -5.702  -4.617  1.00 22.66 ? 8    LYS A CB  1 
ATOM   47   C  CG  . LYS A 1 8  ? 15.611  -5.399  -3.217  1.00 23.26 ? 8    LYS A CG  1 
ATOM   48   C  CD  . LYS A 1 8  ? 17.060  -5.095  -3.106  1.00 24.87 ? 8    LYS A CD  1 
ATOM   49   C  CE  . LYS A 1 8  ? 17.357  -3.652  -3.315  1.00 24.67 ? 8    LYS A CE  1 
ATOM   50   N  NZ  . LYS A 1 8  ? 18.596  -3.301  -2.549  1.00 25.39 ? 8    LYS A NZ  1 
ATOM   51   N  N   . THR A 1 9  ? 13.288  -7.499  -2.359  1.00 17.34 ? 9    THR A N   1 
ATOM   52   C  CA  . THR A 1 9  ? 12.547  -7.216  -1.140  1.00 17.19 ? 9    THR A CA  1 
ATOM   53   C  C   . THR A 1 9  ? 13.234  -6.077  -0.349  1.00 16.82 ? 9    THR A C   1 
ATOM   54   O  O   . THR A 1 9  ? 14.370  -6.212  0.058   1.00 17.67 ? 9    THR A O   1 
ATOM   55   C  CB  . THR A 1 9  ? 12.446  -8.480  -0.269  1.00 17.10 ? 9    THR A CB  1 
ATOM   56   O  OG1 . THR A 1 9  ? 11.776  -9.476  -1.027  1.00 18.93 ? 9    THR A OG1 1 
ATOM   57   C  CG2 . THR A 1 9  ? 11.634  -8.199  0.990   1.00 19.12 ? 9    THR A CG2 1 
ATOM   58   N  N   . ILE A 1 10 ? 12.561  -4.951  -0.185  1.00 15.05 ? 10   ILE A N   1 
ATOM   59   C  CA  . ILE A 1 10 ? 13.100  -3.810  0.560   1.00 16.14 ? 10   ILE A CA  1 
ATOM   60   C  C   . ILE A 1 10 ? 12.732  -3.990  2.026   1.00 17.25 ? 10   ILE A C   1 
ATOM   61   O  O   . ILE A 1 10 ? 13.567  -3.798  2.916   1.00 19.93 ? 10   ILE A O   1 
ATOM   62   C  CB  . ILE A 1 10 ? 12.502  -2.476  0.063   1.00 15.78 ? 10   ILE A CB  1 
ATOM   63   C  CG1 . ILE A 1 10 ? 12.659  -2.298  -1.439  1.00 14.80 ? 10   ILE A CG1 1 
ATOM   64   C  CG2 . ILE A 1 10 ? 13.106  -1.293  0.813   1.00 15.68 ? 10   ILE A CG2 1 
ATOM   65   C  CD1 . ILE A 1 10 ? 14.052  -2.372  -1.950  1.00 15.74 ? 10   ILE A CD1 1 
ATOM   66   N  N   . ALA A 1 11 ? 11.474  -4.354  2.268   1.00 16.54 ? 11   ALA A N   1 
ATOM   67   C  CA  . ALA A 1 11 ? 10.963  -4.594  3.623   1.00 16.81 ? 11   ALA A CA  1 
ATOM   68   C  C   . ALA A 1 11 ? 9.809   -5.598  3.700   1.00 16.48 ? 11   ALA A C   1 
ATOM   69   O  O   . ALA A 1 11 ? 9.000   -5.809  2.753   1.00 14.82 ? 11   ALA A O   1 
ATOM   70   C  CB  . ALA A 1 11 ? 10.567  -3.281  4.291   1.00 16.39 ? 11   ALA A CB  1 
ATOM   71   N  N   . ASP A 1 12 ? 9.754   -6.246  4.854   1.00 16.26 ? 12   ASP A N   1 
ATOM   72   C  CA  . ASP A 1 12 ? 8.823   -7.345  5.047   1.00 19.74 ? 12   ASP A CA  1 
ATOM   73   C  C   . ASP A 1 12 ? 8.147   -7.135  6.406   1.00 18.39 ? 12   ASP A C   1 
ATOM   74   O  O   . ASP A 1 12 ? 8.711   -7.540  7.442   1.00 21.26 ? 12   ASP A O   1 
ATOM   75   C  CB  . ASP A 1 12 ? 9.649   -8.628  5.066   1.00 23.74 ? 12   ASP A CB  1 
ATOM   76   C  CG  . ASP A 1 12 ? 8.848   -9.840  4.791   1.00 26.72 ? 12   ASP A CG  1 
ATOM   77   O  OD1 . ASP A 1 12 ? 7.883   -9.755  3.999   1.00 31.57 ? 12   ASP A OD1 1 
ATOM   78   O  OD2 . ASP A 1 12 ? 9.204   -10.909 5.349   1.00 31.17 ? 12   ASP A OD2 1 
ATOM   79   N  N   . VAL A 1 13 ? 6.986   -6.491  6.399   1.00 15.04 ? 13   VAL A N   1 
ATOM   80   C  CA  . VAL A 1 13 ? 6.312   -6.040  7.631   1.00 13.60 ? 13   VAL A CA  1 
ATOM   81   C  C   . VAL A 1 13 ? 5.352   -7.120  8.068   1.00 12.70 ? 13   VAL A C   1 
ATOM   82   O  O   . VAL A 1 13 ? 4.352   -7.388  7.389   1.00 11.82 ? 13   VAL A O   1 
ATOM   83   C  CB  . VAL A 1 13 ? 5.538   -4.740  7.428   1.00 13.87 ? 13   VAL A CB  1 
ATOM   84   C  CG1 . VAL A 1 13 ? 4.879   -4.310  8.734   1.00 14.16 ? 13   VAL A CG1 1 
ATOM   85   C  CG2 . VAL A 1 13 ? 6.413   -3.666  6.820   1.00 14.93 ? 13   VAL A CG2 1 
ATOM   86   N  N   . GLN A 1 14 ? 5.658   -7.752  9.192   1.00 11.96 ? 14   GLN A N   1 
ATOM   87   C  CA  . GLN A 1 14 ? 4.863   -8.871  9.652   1.00 12.96 ? 14   GLN A CA  1 
ATOM   88   C  C   . GLN A 1 14 ? 3.542   -8.397  10.235  1.00 13.61 ? 14   GLN A C   1 
ATOM   89   O  O   . GLN A 1 14 ? 3.512   -7.486  11.088  1.00 14.03 ? 14   GLN A O   1 
ATOM   90   C  CB  . GLN A 1 14 ? 5.614   -9.700  10.710  1.00 12.38 ? 14   GLN A CB  1 
ATOM   91   C  CG  . GLN A 1 14 ? 6.885   -10.320 10.190  1.00 12.95 ? 14   GLN A CG  1 
ATOM   92   C  CD  . GLN A 1 14 ? 7.800   -10.832 11.291  1.00 13.02 ? 14   GLN A CD  1 
ATOM   93   O  OE1 . GLN A 1 14 ? 7.482   -10.738 12.471  1.00 14.11 ? 14   GLN A OE1 1 
ATOM   94   N  NE2 . GLN A 1 14 ? 8.957   -11.361 10.898  1.00 13.86 ? 14   GLN A NE2 1 
ATOM   95   N  N   . LYS A 1 15 ? 2.448   -8.991  9.759   1.00 14.09 ? 15   LYS A N   1 
ATOM   96   C  CA  . LYS A 1 15 ? 1.107   -8.757  10.326  1.00 15.99 ? 15   LYS A CA  1 
ATOM   97   C  C   . LYS A 1 15 ? 0.726   -9.818  11.333  1.00 17.46 ? 15   LYS A C   1 
ATOM   98   O  O   . LYS A 1 15 ? 0.046   -9.533  12.332  1.00 20.49 ? 15   LYS A O   1 
ATOM   99   C  CB  . LYS A 1 15 ? 0.037   -8.782  9.239   1.00 18.57 ? 15   LYS A CB  1 
ATOM   100  C  CG  . LYS A 1 15 ? 0.095   -7.602  8.312   1.00 20.18 ? 15   LYS A CG  1 
ATOM   101  C  CD  . LYS A 1 15 ? -1.109  -7.493  7.356   1.00 22.63 ? 15   LYS A CD  1 
ATOM   102  C  CE  . LYS A 1 15 ? -2.444  -7.826  8.006   1.00 25.60 ? 15   LYS A CE  1 
ATOM   103  N  NZ  . LYS A 1 15 ? -3.481  -6.847  7.590   1.00 28.35 ? 15   LYS A NZ  1 
ATOM   104  N  N   . SER A 1 16 ? 1.110   -11.051 11.043  1.00 17.34 ? 16   SER A N   1 
ATOM   105  C  CA  . SER A 1 16 ? 0.805   -12.195 11.898  1.00 18.41 ? 16   SER A CA  1 
ATOM   106  C  C   . SER A 1 16 ? 1.688   -13.341 11.484  1.00 18.59 ? 16   SER A C   1 
ATOM   107  O  O   . SER A 1 16 ? 2.511   -13.198 10.588  1.00 19.33 ? 16   SER A O   1 
ATOM   108  C  CB  . SER A 1 16 ? -0.673  -12.596 11.693  1.00 19.20 ? 16   SER A CB  1 
ATOM   109  O  OG  . SER A 1 16 ? -0.878  -13.143 10.389  1.00 19.32 ? 16   SER A OG  1 
ATOM   110  N  N   . ALA A 1 17 ? 1.537   -14.513 12.082  1.00 18.52 ? 17   ALA A N   1 
ATOM   111  C  CA  . ALA A 1 17 ? 2.248   -15.668 11.566  1.00 19.30 ? 17   ALA A CA  1 
ATOM   112  C  C   . ALA A 1 17 ? 1.923   -15.959 10.112  1.00 18.95 ? 17   ALA A C   1 
ATOM   113  O  O   . ALA A 1 17 ? 2.734   -16.590 9.421   1.00 20.04 ? 17   ALA A O   1 
ATOM   114  C  CB  . ALA A 1 17 ? 1.947   -16.903 12.386  1.00 20.13 ? 17   ALA A CB  1 
ATOM   115  N  N   . THR A 1 18 ? 0.766   -15.508 9.648   1.00 17.62 ? 18   THR A N   1 
ATOM   116  C  CA  . THR A 1 18 ? 0.278   -15.930 8.318   1.00 19.41 ? 18   THR A CA  1 
ATOM   117  C  C   . THR A 1 18 ? 0.246   -14.873 7.210   1.00 18.54 ? 18   THR A C   1 
ATOM   118  O  O   . THR A 1 18 ? -0.092  -15.202 6.075   1.00 18.18 ? 18   THR A O   1 
ATOM   119  C  CB  . THR A 1 18 ? -1.126  -16.535 8.412   1.00 20.34 ? 18   THR A CB  1 
ATOM   120  O  OG1 . THR A 1 18 ? -2.108  -15.556 8.795   1.00 21.64 ? 18   THR A OG1 1 
ATOM   121  C  CG2 . THR A 1 18 ? -1.122  -17.686 9.404   1.00 20.97 ? 18   THR A CG2 1 
ATOM   122  N  N   . GLN A 1 19 ? 0.584   -13.627 7.527   1.00 16.71 ? 19   GLN A N   1 
ATOM   123  C  CA  . GLN A 1 19 ? 0.422   -12.516 6.592   1.00 16.45 ? 19   GLN A CA  1 
ATOM   124  C  C   . GLN A 1 19 ? 1.521   -11.505 6.845   1.00 15.50 ? 19   GLN A C   1 
ATOM   125  O  O   . GLN A 1 19 ? 1.920   -11.276 7.999   1.00 15.11 ? 19   GLN A O   1 
ATOM   126  C  CB  . GLN A 1 19 ? -0.916  -11.811 6.806   1.00 18.35 ? 19   GLN A CB  1 
ATOM   127  C  CG  . GLN A 1 19 ? -2.139  -12.701 6.695   1.00 21.62 ? 19   GLN A CG  1 
ATOM   128  C  CD  . GLN A 1 19 ? -3.402  -11.924 6.408   1.00 25.11 ? 19   GLN A CD  1 
ATOM   129  O  OE1 . GLN A 1 19 ? -3.606  -10.805 6.882   1.00 28.32 ? 19   GLN A OE1 1 
ATOM   130  N  NE2 . GLN A 1 19 ? -4.273  -12.526 5.608   1.00 31.07 ? 19   GLN A NE2 1 
ATOM   131  N  N   . ARG A 1 20 ? 2.017   -10.912 5.772   1.00 15.24 ? 20   ARG A N   1 
ATOM   132  C  CA  . ARG A 1 20 ? 3.004   -9.849  5.868   1.00 14.30 ? 20   ARG A CA  1 
ATOM   133  C  C   . ARG A 1 20 ? 2.685   -8.853  4.819   1.00 13.29 ? 20   ARG A C   1 
ATOM   134  O  O   . ARG A 1 20 ? 1.978   -9.161  3.866   1.00 12.11 ? 20   ARG A O   1 
ATOM   135  C  CB  . ARG A 1 20 ? 4.403   -10.390 5.623   1.00 14.75 ? 20   ARG A CB  1 
ATOM   136  C  CG  . ARG A 1 20 ? 4.867   -11.360 6.660   1.00 15.21 ? 20   ARG A CG  1 
ATOM   137  C  CD  . ARG A 1 20 ? 6.261   -11.863 6.314   1.00 16.54 ? 20   ARG A CD  1 
ATOM   138  N  NE  . ARG A 1 20 ? 6.666   -12.913 7.215   1.00 18.80 ? 20   ARG A NE  1 
ATOM   139  C  CZ  . ARG A 1 20 ? 7.807   -13.591 7.129   1.00 20.69 ? 20   ARG A CZ  1 
ATOM   140  N  NH1 . ARG A 1 20 ? 8.689   -13.333 6.177   1.00 20.14 ? 20   ARG A NH1 1 
ATOM   141  N  NH2 . ARG A 1 20 ? 8.051   -14.548 8.003   1.00 21.68 ? 20   ARG A NH2 1 
ATOM   142  N  N   . ILE A 1 21 ? 3.171   -7.643  5.016   1.00 13.16 ? 21   ILE A N   1 
ATOM   143  C  CA  . ILE A 1 21 ? 3.130   -6.633  3.980   1.00 13.85 ? 21   ILE A CA  1 
ATOM   144  C  C   . ILE A 1 21 ? 4.549   -6.531  3.406   1.00 12.98 ? 21   ILE A C   1 
ATOM   145  O  O   . ILE A 1 21 ? 5.483   -6.121  4.114   1.00 13.17 ? 21   ILE A O   1 
ATOM   146  C  CB  . ILE A 1 21 ? 2.677   -5.269  4.493   1.00 14.64 ? 21   ILE A CB  1 
ATOM   147  C  CG1 . ILE A 1 21 ? 1.277   -5.336  5.116   1.00 17.04 ? 21   ILE A CG1 1 
ATOM   148  C  CG2 . ILE A 1 21 ? 2.786   -4.223  3.376   1.00 15.31 ? 21   ILE A CG2 1 
ATOM   149  C  CD1 . ILE A 1 21 ? 0.157   -5.681  4.162   1.00 19.06 ? 21   ILE A CD1 1 
ATOM   150  N  N   . ARG A 1 22 ? 4.709   -6.913  2.131   1.00 12.13 ? 22   ARG A N   1 
ATOM   151  C  CA  . ARG A 1 22 ? 6.014   -6.895  1.459   1.00 12.10 ? 22   ARG A CA  1 
ATOM   152  C  C   . ARG A 1 22 ? 6.164   -5.651  0.587   1.00 11.41 ? 22   ARG A C   1 
ATOM   153  O  O   . ARG A 1 22 ? 5.295   -5.339  -0.222  1.00 10.92 ? 22   ARG A O   1 
ATOM   154  C  CB  . ARG A 1 22 ? 6.188   -8.154  0.608   1.00 14.29 ? 22   ARG A CB  1 
ATOM   155  C  CG  . ARG A 1 22 ? 7.545   -8.221  -0.138  1.00 16.00 ? 22   ARG A CG  1 
ATOM   156  C  CD  . ARG A 1 22 ? 7.755   -9.488  -0.989  1.00 19.05 ? 22   ARG A CD  1 
ATOM   157  N  NE  . ARG A 1 22 ? 9.072   -9.470  -1.734  1.00 23.35 ? 22   ARG A NE  1 
ATOM   158  C  CZ  . ARG A 1 22 ? 9.262   -9.336  -3.069  1.00 22.96 ? 22   ARG A CZ  1 
ATOM   159  N  NH1 . ARG A 1 22 ? 8.251   -9.237  -3.925  1.00 25.01 ? 22   ARG A NH1 1 
ATOM   160  N  NH2 . ARG A 1 22 ? 10.497  -9.344  -3.569  1.00 24.38 ? 22   ARG A NH2 1 
ATOM   161  N  N   . ILE A 1 23 ? 7.258   -4.928  0.775   1.00 10.63 ? 23   ILE A N   1 
ATOM   162  C  CA  . ILE A 1 23 ? 7.535   -3.747  0.012   1.00 10.70 ? 23   ILE A CA  1 
ATOM   163  C  C   . ILE A 1 23 ? 8.696   -4.164  -0.842  1.00 11.01 ? 23   ILE A C   1 
ATOM   164  O  O   . ILE A 1 23 ? 9.727   -4.592  -0.305  1.00 11.86 ? 23   ILE A O   1 
ATOM   165  C  CB  . ILE A 1 23 ? 7.922   -2.566  0.927   1.00 11.10 ? 23   ILE A CB  1 
ATOM   166  C  CG1 . ILE A 1 23 ? 6.708   -2.185  1.813   1.00 11.45 ? 23   ILE A CG1 1 
ATOM   167  C  CG2 . ILE A 1 23 ? 8.373   -1.371  0.099   1.00 11.14 ? 23   ILE A CG2 1 
ATOM   168  C  CD1 . ILE A 1 23 ? 7.004   -1.125  2.833   1.00 12.13 ? 23   ILE A CD1 1 
ATOM   169  N  N   . SER A 1 24 ? 8.503   -4.118  -2.157  1.00 10.73 ? 24   SER A N   1 
ATOM   170  C  CA  . SER A 1 24 ? 9.503   -4.595  -3.102  1.00 12.06 ? 24   SER A CA  1 
ATOM   171  C  C   . SER A 1 24 ? 9.732   -3.540  -4.198  1.00 12.67 ? 24   SER A C   1 
ATOM   172  O  O   . SER A 1 24 ? 8.925   -2.632  -4.401  1.00 12.08 ? 24   SER A O   1 
ATOM   173  C  CB  . SER A 1 24 ? 9.099   -5.955  -3.655  1.00 13.01 ? 24   SER A CB  1 
ATOM   174  O  OG  . SER A 1 24 ? 7.899   -5.871  -4.409  1.00 14.65 ? 24   SER A OG  1 
ATOM   175  N  N   . HIS A 1 25 ? 10.874  -3.638  -4.850  1.00 13.87 ? 25   HIS A N   1 
ATOM   176  C  CA  . HIS A 1 25 ? 11.238  -2.750  -5.923  1.00 14.82 ? 25   HIS A CA  1 
ATOM   177  C  C   . HIS A 1 25 ? 11.634  -3.610  -7.102  1.00 15.83 ? 25   HIS A C   1 
ATOM   178  O  O   . HIS A 1 25 ? 12.347  -4.588  -6.942  1.00 15.15 ? 25   HIS A O   1 
ATOM   179  C  CB  . HIS A 1 25 ? 12.398  -1.833  -5.513  1.00 15.84 ? 25   HIS A CB  1 
ATOM   180  C  CG  . HIS A 1 25 ? 12.758  -0.854  -6.578  1.00 16.44 ? 25   HIS A CG  1 
ATOM   181  N  ND1 . HIS A 1 25 ? 13.656  -1.155  -7.578  1.00 17.53 ? 25   HIS A ND1 1 
ATOM   182  C  CD2 . HIS A 1 25 ? 12.287  0.382   -6.860  1.00 17.16 ? 25   HIS A CD2 1 
ATOM   183  C  CE1 . HIS A 1 25 ? 13.744  -0.131  -8.411  1.00 18.06 ? 25   HIS A CE1 1 
ATOM   184  N  NE2 . HIS A 1 25 ? 12.931  0.818   -7.990  1.00 18.08 ? 25   HIS A NE2 1 
ATOM   185  N  N   . ARG A 1 26 ? 11.147  -3.285  -8.298  1.00 16.84 ? 26   ARG A N   1 
ATOM   186  C  CA  . ARG A 1 26 ? 11.603  -4.009  -9.463  1.00 20.04 ? 26   ARG A CA  1 
ATOM   187  C  C   . ARG A 1 26 ? 11.677  -3.126  -10.700 1.00 18.36 ? 26   ARG A C   1 
ATOM   188  O  O   . ARG A 1 26 ? 11.132  -2.008  -10.711 1.00 15.68 ? 26   ARG A O   1 
ATOM   189  C  CB  . ARG A 1 26 ? 10.748  -5.223  -9.743  1.00 23.03 ? 26   ARG A CB  1 
ATOM   190  C  CG  . ARG A 1 26 ? 9.328   -4.909  -10.059 1.00 26.10 ? 26   ARG A CG  1 
ATOM   191  C  CD  . ARG A 1 26 ? 8.504   -6.181  -10.221 1.00 29.48 ? 26   ARG A CD  1 
ATOM   192  N  NE  . ARG A 1 26 ? 7.499   -5.957  -11.249 1.00 34.59 ? 26   ARG A NE  1 
ATOM   193  C  CZ  . ARG A 1 26 ? 6.393   -5.231  -11.093 1.00 37.73 ? 26   ARG A CZ  1 
ATOM   194  N  NH1 . ARG A 1 26 ? 6.101   -4.668  -9.927  1.00 38.25 ? 26   ARG A NH1 1 
ATOM   195  N  NH2 . ARG A 1 26 ? 5.556   -5.092  -12.114 1.00 41.55 ? 26   ARG A NH2 1 
ATOM   196  N  N   . TRP A 1 27 ? 12.422  -3.618  -11.684 1.00 17.82 ? 27   TRP A N   1 
ATOM   197  C  CA  . TRP A 1 27 ? 12.568  -2.923  -12.965 1.00 17.70 ? 27   TRP A CA  1 
ATOM   198  C  C   . TRP A 1 27 ? 12.003  -3.796  -14.073 1.00 16.67 ? 27   TRP A C   1 
ATOM   199  O  O   . TRP A 1 27 ? 12.101  -5.040  -14.035 1.00 18.92 ? 27   TRP A O   1 
ATOM   200  C  CB  . TRP A 1 27 ? 14.027  -2.690  -13.240 1.00 18.62 ? 27   TRP A CB  1 
ATOM   201  C  CG  . TRP A 1 27 ? 14.752  -1.789  -12.304 1.00 18.34 ? 27   TRP A CG  1 
ATOM   202  C  CD1 . TRP A 1 27 ? 15.292  -2.104  -11.104 1.00 17.84 ? 27   TRP A CD1 1 
ATOM   203  C  CD2 . TRP A 1 27 ? 15.084  -0.440  -12.558 1.00 18.71 ? 27   TRP A CD2 1 
ATOM   204  N  NE1 . TRP A 1 27 ? 15.933  -1.009  -10.574 1.00 18.59 ? 27   TRP A NE1 1 
ATOM   205  C  CE2 . TRP A 1 27 ? 15.804  0.027   -11.454 1.00 17.97 ? 27   TRP A CE2 1 
ATOM   206  C  CE3 . TRP A 1 27 ? 14.802  0.436   -13.607 1.00 19.23 ? 27   TRP A CE3 1 
ATOM   207  C  CZ2 . TRP A 1 27 ? 16.284  1.324   -11.376 1.00 19.65 ? 27   TRP A CZ2 1 
ATOM   208  C  CZ3 . TRP A 1 27 ? 15.288  1.711   -13.545 1.00 20.30 ? 27   TRP A CZ3 1 
ATOM   209  C  CH2 . TRP A 1 27 ? 16.022  2.151   -12.431 1.00 19.71 ? 27   TRP A CH2 1 
ATOM   210  N  N   . TYR A 1 28 ? 11.396  -3.185  -15.073 1.00 15.93 ? 28   TYR A N   1 
ATOM   211  C  CA  . TYR A 1 28 ? 11.044  -3.934  -16.285 1.00 15.73 ? 28   TYR A CA  1 
ATOM   212  C  C   . TYR A 1 28 ? 11.085  -2.952  -17.452 1.00 16.34 ? 28   TYR A C   1 
ATOM   213  O  O   . TYR A 1 28 ? 10.499  -1.864  -17.373 1.00 15.35 ? 28   TYR A O   1 
ATOM   214  C  CB  . TYR A 1 28 ? 9.680   -4.640  -16.211 1.00 16.09 ? 28   TYR A CB  1 
ATOM   215  C  CG  . TYR A 1 28 ? 9.641   -5.681  -17.309 1.00 17.31 ? 28   TYR A CG  1 
ATOM   216  C  CD1 . TYR A 1 28 ? 10.213  -6.940  -17.128 1.00 17.80 ? 28   TYR A CD1 1 
ATOM   217  C  CD2 . TYR A 1 28 ? 9.160   -5.359  -18.568 1.00 17.26 ? 28   TYR A CD2 1 
ATOM   218  C  CE1 . TYR A 1 28 ? 10.252  -7.865  -18.161 1.00 17.97 ? 28   TYR A CE1 1 
ATOM   219  C  CE2 . TYR A 1 28 ? 9.176   -6.273  -19.593 1.00 18.24 ? 28   TYR A CE2 1 
ATOM   220  C  CZ  . TYR A 1 28 ? 9.735   -7.520  -19.396 1.00 18.01 ? 28   TYR A CZ  1 
ATOM   221  O  OH  . TYR A 1 28 ? 9.756   -8.380  -20.488 1.00 18.08 ? 28   TYR A OH  1 
ATOM   222  N  N   . ARG A 1 29 ? 11.818  -3.358  -18.489 1.00 17.53 ? 29   ARG A N   1 
ATOM   223  C  CA  . ARG A 1 29 ? 12.068  -2.567  -19.710 1.00 19.06 ? 29   ARG A CA  1 
ATOM   224  C  C   . ARG A 1 29 ? 12.546  -1.162  -19.330 1.00 19.04 ? 29   ARG A C   1 
ATOM   225  O  O   . ARG A 1 29 ? 12.134  -0.145  -19.922 1.00 18.45 ? 29   ARG A O   1 
ATOM   226  C  CB  . ARG A 1 29 ? 10.833  -2.553  -20.612 1.00 20.90 ? 29   ARG A CB  1 
ATOM   227  C  CG  . ARG A 1 29 ? 11.134  -2.765  -22.098 1.00 22.47 ? 29   ARG A CG  1 
ATOM   228  C  CD  . ARG A 1 29 ? 12.058  -1.689  -22.674 1.00 24.79 ? 29   ARG A CD  1 
ATOM   229  N  NE  . ARG A 1 29 ? 12.675  -2.144  -23.920 1.00 25.61 ? 29   ARG A NE  1 
ATOM   230  C  CZ  . ARG A 1 29 ? 12.075  -2.194  -25.113 1.00 25.32 ? 29   ARG A CZ  1 
ATOM   231  N  NH1 . ARG A 1 29 ? 10.817  -1.775  -25.277 1.00 23.94 ? 29   ARG A NH1 1 
ATOM   232  N  NH2 . ARG A 1 29 ? 12.752  -2.654  -26.160 1.00 22.56 ? 29   ARG A NH2 1 
ATOM   233  N  N   . GLY A 1 30 ? 13.370  -1.105  -18.298 1.00 18.56 ? 30   GLY A N   1 
ATOM   234  C  CA  . GLY A 1 30 ? 13.978  0.153   -17.883 1.00 19.72 ? 30   GLY A CA  1 
ATOM   235  C  C   . GLY A 1 30 ? 13.088  1.107   -17.107 1.00 20.89 ? 30   GLY A C   1 
ATOM   236  O  O   . GLY A 1 30 ? 13.434  2.281   -16.969 1.00 20.76 ? 30   GLY A O   1 
ATOM   237  N  N   . ARG A 1 31 ? 11.965  0.610   -16.573 1.00 21.26 ? 31   ARG A N   1 
ATOM   238  C  CA  . ARG A 1 31 ? 11.057  1.418   -15.751 1.00 21.51 ? 31   ARG A CA  1 
ATOM   239  C  C   . ARG A 1 31 ? 10.935  0.807   -14.371 1.00 19.13 ? 31   ARG A C   1 
ATOM   240  O  O   . ARG A 1 31 ? 10.954  -0.394  -14.236 1.00 16.68 ? 31   ARG A O   1 
ATOM   241  C  CB  . ARG A 1 31 ? 9.706   1.564   -16.426 1.00 25.16 ? 31   ARG A CB  1 
ATOM   242  C  CG  . ARG A 1 31 ? 9.836   2.451   -17.664 1.00 31.34 ? 31   ARG A CG  1 
ATOM   243  C  CD  . ARG A 1 31 ? 8.545   2.638   -18.442 1.00 36.04 ? 31   ARG A CD  1 
ATOM   244  N  NE  . ARG A 1 31 ? 8.040   1.403   -19.068 1.00 42.71 ? 31   ARG A NE  1 
ATOM   245  C  CZ  . ARG A 1 31 ? 8.520   0.809   -20.173 1.00 37.49 ? 31   ARG A CZ  1 
ATOM   246  N  NH1 . ARG A 1 31 ? 9.590   1.266   -20.829 1.00 38.52 ? 31   ARG A NH1 1 
ATOM   247  N  NH2 . ARG A 1 31 ? 7.930   -0.284  -20.599 1.00 35.06 ? 31   ARG A NH2 1 
ATOM   248  N  N   . ARG A 1 32 ? 10.869  1.665   -13.349 1.00 17.99 ? 32   ARG A N   1 
ATOM   249  C  CA  . ARG A 1 32 ? 10.875  1.226   -11.940 1.00 18.14 ? 32   ARG A CA  1 
ATOM   250  C  C   . ARG A 1 32 ? 9.451   1.093   -11.409 1.00 17.77 ? 32   ARG A C   1 
ATOM   251  O  O   . ARG A 1 32 ? 8.567   1.891   -11.765 1.00 15.24 ? 32   ARG A O   1 
ATOM   252  C  CB  . ARG A 1 32 ? 11.560  2.266   -11.042 1.00 18.47 ? 32   ARG A CB  1 
ATOM   253  C  CG  . ARG A 1 32 ? 13.032  2.456   -11.231 1.00 19.25 ? 32   ARG A CG  1 
ATOM   254  C  CD  . ARG A 1 32 ? 13.569  3.641   -10.436 1.00 19.44 ? 32   ARG A CD  1 
ATOM   255  N  NE  . ARG A 1 32 ? 13.368  3.486   -8.986  1.00 20.24 ? 32   ARG A NE  1 
ATOM   256  C  CZ  . ARG A 1 32 ? 13.361  4.484   -8.112  1.00 21.05 ? 32   ARG A CZ  1 
ATOM   257  N  NH1 . ARG A 1 32 ? 13.554  5.742   -8.523  1.00 22.21 ? 32   ARG A NH1 1 
ATOM   258  N  NH2 . ARG A 1 32 ? 13.157  4.232   -6.813  1.00 22.41 ? 32   ARG A NH2 1 
ATOM   259  N  N   . TYR A 1 33 ? 9.245   0.099   -10.547 1.00 17.55 ? 33   TYR A N   1 
ATOM   260  C  CA  . TYR A 1 33 ? 7.940   -0.214  -9.984  1.00 20.35 ? 33   TYR A CA  1 
ATOM   261  C  C   . TYR A 1 33 ? 8.173   -0.417  -8.475  1.00 18.64 ? 33   TYR A C   1 
ATOM   262  O  O   . TYR A 1 33 ? 8.994   -1.223  -8.123  1.00 18.27 ? 33   TYR A O   1 
ATOM   263  C  CB  . TYR A 1 33 ? 7.389   -1.533  -10.584 1.00 21.63 ? 33   TYR A CB  1 
ATOM   264  C  CG  . TYR A 1 33 ? 7.101   -1.559  -12.072 1.00 24.30 ? 33   TYR A CG  1 
ATOM   265  C  CD1 . TYR A 1 33 ? 8.128   -1.510  -13.020 1.00 25.09 ? 33   TYR A CD1 1 
ATOM   266  C  CD2 . TYR A 1 33 ? 5.790   -1.728  -12.540 1.00 27.40 ? 33   TYR A CD2 1 
ATOM   267  C  CE1 . TYR A 1 33 ? 7.853   -1.544  -14.392 1.00 27.83 ? 33   TYR A CE1 1 
ATOM   268  C  CE2 . TYR A 1 33 ? 5.500   -1.791  -13.907 1.00 28.47 ? 33   TYR A CE2 1 
ATOM   269  C  CZ  . TYR A 1 33 ? 6.528   -1.681  -14.833 1.00 31.26 ? 33   TYR A CZ  1 
ATOM   270  O  OH  . TYR A 1 33 ? 6.250   -1.711  -16.204 1.00 33.37 ? 33   TYR A OH  1 
ATOM   271  N  N   . VAL A 1 34 ? 7.472   0.316   -7.605  1.00 19.24 ? 34   VAL A N   1 
ATOM   272  C  CA  . VAL A 1 34 ? 7.471   0.020   -6.179  1.00 17.83 ? 34   VAL A CA  1 
ATOM   273  C  C   . VAL A 1 34 ? 6.154   -0.684  -5.868  1.00 17.26 ? 34   VAL A C   1 
ATOM   274  O  O   . VAL A 1 34 ? 5.080   -0.211  -6.233  1.00 15.53 ? 34   VAL A O   1 
ATOM   275  C  CB  . VAL A 1 34 ? 7.620   1.278   -5.304  1.00 20.07 ? 34   VAL A CB  1 
ATOM   276  C  CG1 . VAL A 1 34 ? 7.510   0.934   -3.817  1.00 19.52 ? 34   VAL A CG1 1 
ATOM   277  C  CG2 . VAL A 1 34 ? 8.958   1.948   -5.584  1.00 21.35 ? 34   VAL A CG2 1 
ATOM   278  N  N   . ASP A 1 35 ? 6.244   -1.823  -5.202  1.00 15.03 ? 35   ASP A N   1 
ATOM   279  C  CA  . ASP A 1 35 ? 5.080   -2.625  -4.922  1.00 16.16 ? 35   ASP A CA  1 
ATOM   280  C  C   . ASP A 1 35 ? 4.906   -2.734  -3.413  1.00 14.52 ? 35   ASP A C   1 
ATOM   281  O  O   . ASP A 1 35 ? 5.884   -2.937  -2.676  1.00 12.85 ? 35   ASP A O   1 
ATOM   282  C  CB  . ASP A 1 35 ? 5.317   -3.991  -5.549  1.00 17.61 ? 35   ASP A CB  1 
ATOM   283  C  CG  . ASP A 1 35 ? 4.076   -4.801  -5.682  1.00 20.21 ? 35   ASP A CG  1 
ATOM   284  O  OD1 . ASP A 1 35 ? 3.308   -4.550  -6.619  1.00 20.25 ? 35   ASP A OD1 1 
ATOM   285  O  OD2 . ASP A 1 35 ? 3.894   -5.739  -4.873  1.00 21.33 ? 35   ASP A OD2 1 
ATOM   286  N  N   . VAL A 1 36 ? 3.666   -2.602  -2.946  1.00 13.19 ? 36   VAL A N   1 
ATOM   287  C  CA  . VAL A 1 36 ? 3.341   -2.718  -1.523  1.00 12.73 ? 36   VAL A CA  1 
ATOM   288  C  C   . VAL A 1 36 ? 2.181   -3.681  -1.472  1.00 11.68 ? 36   VAL A C   1 
ATOM   289  O  O   . VAL A 1 36 ? 1.134   -3.384  -2.018  1.00 10.33 ? 36   VAL A O   1 
ATOM   290  C  CB  . VAL A 1 36 ? 2.916   -1.370  -0.924  1.00 13.42 ? 36   VAL A CB  1 
ATOM   291  C  CG1 . VAL A 1 36 ? 2.533   -1.520  0.527   1.00 13.48 ? 36   VAL A CG1 1 
ATOM   292  C  CG2 . VAL A 1 36 ? 4.024   -0.342  -1.109  1.00 14.28 ? 36   VAL A CG2 1 
ATOM   293  N  N   . ARG A 1 37 ? 2.368   -4.850  -0.866  1.00 11.21 ? 37   ARG A N   1 
ATOM   294  C  CA  . ARG A 1 37 ? 1.430   -5.977  -1.141  1.00 11.76 ? 37   ARG A CA  1 
ATOM   295  C  C   . ARG A 1 37 ? 1.323   -6.917  0.004   1.00 11.59 ? 37   ARG A C   1 
ATOM   296  O  O   . ARG A 1 37 ? 2.334   -7.322  0.564   1.00 11.93 ? 37   ARG A O   1 
ATOM   297  C  CB  . ARG A 1 37 ? 1.914   -6.770  -2.370  1.00 12.61 ? 37   ARG A CB  1 
ATOM   298  C  CG  . ARG A 1 37 ? 0.894   -7.754  -2.982  1.00 12.71 ? 37   ARG A CG  1 
ATOM   299  C  CD  . ARG A 1 37 ? 1.292   -8.182  -4.396  1.00 12.32 ? 37   ARG A CD  1 
ATOM   300  N  NE  . ARG A 1 37 ? 1.334   -7.033  -5.293  1.00 12.93 ? 37   ARG A NE  1 
ATOM   301  C  CZ  . ARG A 1 37 ? 0.282   -6.444  -5.851  1.00 13.10 ? 37   ARG A CZ  1 
ATOM   302  N  NH1 . ARG A 1 37 ? -0.950  -6.907  -5.710  1.00 13.72 ? 37   ARG A NH1 1 
ATOM   303  N  NH2 . ARG A 1 37 ? 0.478   -5.378  -6.623  1.00 14.12 ? 37   ARG A NH2 1 
ATOM   304  N  N   . LEU A 1 38 ? 0.083   -7.284  0.314   1.00 12.41 ? 38   LEU A N   1 
ATOM   305  C  CA  . LEU A 1 38 ? -0.224  -8.357  1.228   1.00 12.54 ? 38   LEU A CA  1 
ATOM   306  C  C   . LEU A 1 38 ? 0.231   -9.712  0.629   1.00 12.57 ? 38   LEU A C   1 
ATOM   307  O  O   . LEU A 1 38 ? -0.180  -10.106 -0.483  1.00 12.46 ? 38   LEU A O   1 
ATOM   308  C  CB  . LEU A 1 38 ? -1.717  -8.362  1.552   1.00 13.51 ? 38   LEU A CB  1 
ATOM   309  C  CG  . LEU A 1 38 ? -2.173  -9.500  2.474   1.00 14.40 ? 38   LEU A CG  1 
ATOM   310  C  CD1 . LEU A 1 38 ? -1.589  -9.255  3.829   1.00 14.78 ? 38   LEU A CD1 1 
ATOM   311  C  CD2 . LEU A 1 38 ? -3.697  -9.627  2.529   1.00 16.43 ? 38   LEU A CD2 1 
ATOM   312  N  N   . VAL A 1 39 ? 1.084   -10.401 1.373   1.00 12.33 ? 39   VAL A N   1 
ATOM   313  C  CA  . VAL A 1 39 ? 1.545   -11.736 1.035   1.00 13.69 ? 39   VAL A CA  1 
ATOM   314  C  C   . VAL A 1 39 ? 1.102   -12.683 2.150   1.00 14.72 ? 39   VAL A C   1 
ATOM   315  O  O   . VAL A 1 39 ? 1.032   -12.273 3.299   1.00 14.91 ? 39   VAL A O   1 
ATOM   316  C  CB  . VAL A 1 39 ? 3.064   -11.783 0.798   1.00 13.62 ? 39   VAL A CB  1 
ATOM   317  C  CG1 . VAL A 1 39 ? 3.460   -10.771 -0.274  1.00 13.70 ? 39   VAL A CG1 1 
ATOM   318  C  CG2 . VAL A 1 39 ? 3.848   -11.534 2.092   1.00 14.09 ? 39   VAL A CG2 1 
ATOM   319  N  N   . VAL A 1 40 ? 0.723   -13.895 1.791   1.00 16.40 ? 40   VAL A N   1 
ATOM   320  C  CA  . VAL A 1 40 ? 0.138   -14.846 2.735   1.00 19.95 ? 40   VAL A CA  1 
ATOM   321  C  C   . VAL A 1 40 ? 0.740   -16.245 2.621   1.00 23.09 ? 40   VAL A C   1 
ATOM   322  O  O   . VAL A 1 40 ? 1.149   -16.651 1.578   1.00 21.81 ? 40   VAL A O   1 
ATOM   323  C  CB  . VAL A 1 40 ? -1.402  -14.990 2.592   1.00 19.08 ? 40   VAL A CB  1 
ATOM   324  C  CG1 . VAL A 1 40 ? -2.124  -13.673 2.701   1.00 18.99 ? 40   VAL A CG1 1 
ATOM   325  C  CG2 . VAL A 1 40 ? -1.730  -15.671 1.314   1.00 19.91 ? 40   VAL A CG2 1 
ATOM   326  N  N   . VAL A 1 41 ? 0.776   -16.954 3.737   1.00 26.79 ? 41   VAL A N   1 
ATOM   327  C  CA  . VAL A 1 41 ? 1.451   -18.212 3.762   1.00 33.09 ? 41   VAL A CA  1 
ATOM   328  C  C   . VAL A 1 41 ? 0.762   -19.219 2.882   1.00 35.96 ? 41   VAL A C   1 
ATOM   329  O  O   . VAL A 1 41 ? -0.414  -19.208 2.713   1.00 34.82 ? 41   VAL A O   1 
ATOM   330  C  CB  . VAL A 1 41 ? 1.486   -18.875 5.136   1.00 34.60 ? 41   VAL A CB  1 
ATOM   331  C  CG1 . VAL A 1 41 ? 2.727   -18.598 5.936   1.00 35.94 ? 41   VAL A CG1 1 
ATOM   332  C  CG2 . VAL A 1 41 ? 0.205   -18.721 5.880   1.00 36.58 ? 41   VAL A CG2 1 
ATOM   333  N  N   . ASP A 1 42 ? 1.603   -20.077 2.344   1.00 45.94 ? 42   ASP A N   1 
ATOM   334  C  CA  . ASP A 1 42 ? 1.257   -21.330 1.702   1.00 52.45 ? 42   ASP A CA  1 
ATOM   335  C  C   . ASP A 1 42 ? 1.502   -22.300 2.813   1.00 54.38 ? 42   ASP A C   1 
ATOM   336  O  O   . ASP A 1 42 ? 0.601   -22.754 3.429   1.00 53.14 ? 42   ASP A O   1 
ATOM   337  C  CB  . ASP A 1 42 ? 2.258   -21.650 0.564   1.00 50.89 ? 42   ASP A CB  1 
ATOM   338  C  CG  . ASP A 1 42 ? 1.591   -21.999 -0.720  1.00 53.96 ? 42   ASP A CG  1 
ATOM   339  O  OD1 . ASP A 1 42 ? 0.356   -22.063 -0.739  1.00 55.28 ? 42   ASP A OD1 1 
ATOM   340  O  OD2 . ASP A 1 42 ? 2.314   -22.137 -1.716  1.00 52.67 ? 42   ASP A OD2 1 
ATOM   341  N  N   . ARG A 1 43 ? 2.782   -22.498 3.074   1.00 57.19 ? 43   ARG A N   1 
ATOM   342  C  CA  . ARG A 1 43 ? 3.385   -23.108 4.179   1.00 57.69 ? 43   ARG A CA  1 
ATOM   343  C  C   . ARG A 1 43 ? 4.766   -22.469 4.088   1.00 59.52 ? 43   ARG A C   1 
ATOM   344  O  O   . ARG A 1 43 ? 5.068   -21.798 3.095   1.00 55.94 ? 43   ARG A O   1 
ATOM   345  C  CB  . ARG A 1 43 ? 3.476   -24.607 3.942   1.00 57.42 ? 43   ARG A CB  1 
ATOM   346  C  CG  . ARG A 1 43 ? 3.568   -25.045 2.506   1.00 56.65 ? 43   ARG A CG  1 
ATOM   347  C  CD  . ARG A 1 43 ? 2.376   -25.888 2.168   1.00 56.09 ? 43   ARG A CD  1 
ATOM   348  N  NE  . ARG A 1 43 ? 1.170   -25.093 2.123   1.00 54.20 ? 43   ARG A NE  1 
ATOM   349  C  CZ  . ARG A 1 43 ? 0.602   -24.653 1.027   1.00 55.42 ? 43   ARG A CZ  1 
ATOM   350  N  NH1 . ARG A 1 43 ? 1.135   -24.935 -0.141  1.00 58.50 ? 43   ARG A NH1 1 
ATOM   351  N  NH2 . ARG A 1 43 ? -0.507  -23.915 1.091   1.00 55.64 ? 43   ARG A NH2 1 
ATOM   352  N  N   . ASP A 1 44 ? 5.542   -22.665 5.141   1.00 60.84 ? 44   ASP A N   1 
ATOM   353  C  CA  . ASP A 1 44 ? 6.911   -22.202 5.362   1.00 63.11 ? 44   ASP A CA  1 
ATOM   354  C  C   . ASP A 1 44 ? 7.027   -20.674 5.185   1.00 64.12 ? 44   ASP A C   1 
ATOM   355  O  O   . ASP A 1 44 ? 6.149   -19.939 5.606   1.00 66.85 ? 44   ASP A O   1 
ATOM   356  C  CB  . ASP A 1 44 ? 7.998   -22.969 4.543   1.00 64.78 ? 44   ASP A CB  1 
ATOM   357  C  CG  . ASP A 1 44 ? 7.588   -24.378 4.124   1.00 63.51 ? 44   ASP A CG  1 
ATOM   358  O  OD1 . ASP A 1 44 ? 6.695   -24.494 3.275   1.00 61.77 ? 44   ASP A OD1 1 
ATOM   359  O  OD2 . ASP A 1 44 ? 8.228   -25.355 4.621   1.00 60.11 ? 44   ASP A OD2 1 
ATOM   360  N  N   . GLY A 1 45 ? 8.083   -20.246 4.521   1.00 60.13 ? 45   GLY A N   1 
ATOM   361  C  CA  . GLY A 1 45 ? 8.282   -18.912 4.014   1.00 56.34 ? 45   GLY A CA  1 
ATOM   362  C  C   . GLY A 1 45 ? 7.783   -18.855 2.574   1.00 56.85 ? 45   GLY A C   1 
ATOM   363  O  O   . GLY A 1 45 ? 8.172   -17.996 1.752   1.00 58.08 ? 45   GLY A O   1 
ATOM   364  N  N   . ASP A 1 46 ? 6.951   -19.822 2.233   1.00 53.77 ? 46   ASP A N   1 
ATOM   365  C  CA  . ASP A 1 46 ? 6.288   -19.755 0.979   1.00 49.55 ? 46   ASP A CA  1 
ATOM   366  C  C   . ASP A 1 46 ? 5.131   -18.842 1.273   1.00 41.45 ? 46   ASP A C   1 
ATOM   367  O  O   . ASP A 1 46 ? 4.045   -19.294 1.510   1.00 40.21 ? 46   ASP A O   1 
ATOM   368  C  CB  . ASP A 1 46 ? 5.845   -21.110 0.475   1.00 51.80 ? 46   ASP A CB  1 
ATOM   369  C  CG  . ASP A 1 46 ? 7.021   -22.072 0.321   1.00 53.85 ? 46   ASP A CG  1 
ATOM   370  O  OD1 . ASP A 1 46 ? 7.523   -22.513 1.373   1.00 56.90 ? 46   ASP A OD1 1 
ATOM   371  O  OD2 . ASP A 1 46 ? 7.391   -22.377 -0.815  1.00 49.35 ? 46   ASP A OD2 1 
ATOM   372  N  N   . PHE A 1 47 ? 5.432   -17.560 1.310   1.00 33.38 ? 47   PHE A N   1 
ATOM   373  C  CA  . PHE A 1 47 ? 4.415   -16.545 1.262   1.00 27.84 ? 47   PHE A CA  1 
ATOM   374  C  C   . PHE A 1 47 ? 4.120   -16.346 -0.184  1.00 25.33 ? 47   PHE A C   1 
ATOM   375  O  O   . PHE A 1 47 ? 4.978   -16.484 -1.004  1.00 26.39 ? 47   PHE A O   1 
ATOM   376  C  CB  . PHE A 1 47 ? 4.850   -15.276 1.925   1.00 25.61 ? 47   PHE A CB  1 
ATOM   377  C  CG  . PHE A 1 47 ? 4.823   -15.355 3.402   1.00 24.39 ? 47   PHE A CG  1 
ATOM   378  C  CD1 . PHE A 1 47 ? 5.865   -15.919 4.061   1.00 25.53 ? 47   PHE A CD1 1 
ATOM   379  C  CD2 . PHE A 1 47 ? 3.758   -14.900 4.118   1.00 23.18 ? 47   PHE A CD2 1 
ATOM   380  C  CE1 . PHE A 1 47 ? 5.869   -15.993 5.435   1.00 24.46 ? 47   PHE A CE1 1 
ATOM   381  C  CE2 . PHE A 1 47 ? 3.746   -14.991 5.488   1.00 24.61 ? 47   PHE A CE2 1 
ATOM   382  C  CZ  . PHE A 1 47 ? 4.811   -15.550 6.135   1.00 24.20 ? 47   PHE A CZ  1 
ATOM   383  N  N   . VAL A 1 48 ? 2.878   -16.062 -0.465  1.00 21.65 ? 48   VAL A N   1 
ATOM   384  C  CA  . VAL A 1 48 ? 2.437   -15.875 -1.814  1.00 21.07 ? 48   VAL A CA  1 
ATOM   385  C  C   . VAL A 1 48 ? 1.692   -14.558 -1.971  1.00 18.36 ? 48   VAL A C   1 
ATOM   386  O  O   . VAL A 1 48 ? 1.047   -14.147 -1.079  1.00 17.03 ? 48   VAL A O   1 
ATOM   387  C  CB  . VAL A 1 48 ? 1.536   -17.015 -2.201  1.00 21.97 ? 48   VAL A CB  1 
ATOM   388  C  CG1 . VAL A 1 48 ? 1.126   -16.918 -3.628  1.00 23.94 ? 48   VAL A CG1 1 
ATOM   389  C  CG2 . VAL A 1 48 ? 2.262   -18.309 -1.931  1.00 23.46 ? 48   VAL A CG2 1 
ATOM   390  N  N   . PRO A 1 49 ? 1.860   -13.880 -3.098  1.00 18.66 ? 49   PRO A N   1 
ATOM   391  C  CA  . PRO A 1 49 ? 1.271   -12.543 -3.188  1.00 18.03 ? 49   PRO A CA  1 
ATOM   392  C  C   . PRO A 1 49 ? -0.229  -12.622 -3.397  1.00 17.21 ? 49   PRO A C   1 
ATOM   393  O  O   . PRO A 1 49 ? -0.759  -13.672 -3.842  1.00 17.31 ? 49   PRO A O   1 
ATOM   394  C  CB  . PRO A 1 49 ? 1.957   -11.937 -4.421  1.00 18.44 ? 49   PRO A CB  1 
ATOM   395  C  CG  . PRO A 1 49 ? 2.233   -13.128 -5.297  1.00 19.64 ? 49   PRO A CG  1 
ATOM   396  C  CD  . PRO A 1 49 ? 2.599   -14.232 -4.332  1.00 20.13 ? 49   PRO A CD  1 
ATOM   397  N  N   . THR A 1 50 ? -0.917  -11.533 -3.061  1.00 15.80 ? 50   THR A N   1 
ATOM   398  C  CA  . THR A 1 50 ? -2.333  -11.398 -3.285  1.00 14.24 ? 50   THR A CA  1 
ATOM   399  C  C   . THR A 1 50 ? -2.593  -10.191 -4.174  1.00 12.99 ? 50   THR A C   1 
ATOM   400  O  O   . THR A 1 50 ? -1.674  -9.495  -4.507  1.00 11.44 ? 50   THR A O   1 
ATOM   401  C  CB  . THR A 1 50 ? -3.074  -11.158 -1.977  1.00 14.82 ? 50   THR A CB  1 
ATOM   402  O  OG1 . THR A 1 50 ? -2.740  -9.860  -1.484  1.00 13.91 ? 50   THR A OG1 1 
ATOM   403  C  CG2 . THR A 1 50 ? -2.684  -12.194 -0.913  1.00 15.87 ? 50   THR A CG2 1 
ATOM   404  N  N   . ARG A 1 51 ? -3.861  -9.923  -4.479  1.00 12.58 ? 51   ARG A N   1 
ATOM   405  C  CA  . ARG A 1 51 ? -4.226  -8.742  -5.247  1.00 13.58 ? 51   ARG A CA  1 
ATOM   406  C  C   . ARG A 1 51 ? -4.400  -7.553  -4.323  1.00 12.80 ? 51   ARG A C   1 
ATOM   407  O  O   . ARG A 1 51 ? -4.660  -6.442  -4.817  1.00 14.16 ? 51   ARG A O   1 
ATOM   408  C  CB  . ARG A 1 51 ? -5.518  -8.968  -6.023  1.00 14.89 ? 51   ARG A CB  1 
ATOM   409  C  CG  . ARG A 1 51 ? -5.454  -10.106 -7.026  1.00 16.65 ? 51   ARG A CG  1 
ATOM   410  C  CD  . ARG A 1 51 ? -6.726  -10.184 -7.887  1.00 18.28 ? 51   ARG A CD  1 
ATOM   411  N  NE  . ARG A 1 51 ? -6.923  -8.987  -8.710  1.00 19.39 ? 51   ARG A NE  1 
ATOM   412  C  CZ  . ARG A 1 51 ? -7.769  -7.983  -8.461  1.00 22.76 ? 51   ARG A CZ  1 
ATOM   413  N  NH1 . ARG A 1 51 ? -8.583  -7.969  -7.405  1.00 25.39 ? 51   ARG A NH1 1 
ATOM   414  N  NH2 . ARG A 1 51 ? -7.831  -6.967  -9.312  1.00 24.20 ? 51   ARG A NH2 1 
ATOM   415  N  N   . GLN A 1 52 ? -4.268  -7.780  -3.009  1.00 12.18 ? 52   GLN A N   1 
ATOM   416  C  CA  . GLN A 1 52 ? -4.378  -6.696  -2.018  1.00 13.01 ? 52   GLN A CA  1 
ATOM   417  C  C   . GLN A 1 52 ? -3.063  -5.947  -1.942  1.00 13.07 ? 52   GLN A C   1 
ATOM   418  O  O   . GLN A 1 52 ? -2.218  -6.192  -1.086  1.00 13.26 ? 52   GLN A O   1 
ATOM   419  C  CB  . GLN A 1 52 ? -4.859  -7.208  -0.669  1.00 13.95 ? 52   GLN A CB  1 
ATOM   420  C  CG  . GLN A 1 52 ? -6.367  -7.423  -0.633  1.00 15.37 ? 52   GLN A CG  1 
ATOM   421  C  CD  . GLN A 1 52 ? -6.870  -8.427  -1.653  1.00 17.42 ? 52   GLN A CD  1 
ATOM   422  O  OE1 . GLN A 1 52 ? -6.735  -9.622  -1.467  1.00 20.46 ? 52   GLN A OE1 1 
ATOM   423  N  NE2 . GLN A 1 52 ? -7.469  -7.941  -2.739  1.00 20.09 ? 52   GLN A NE2 1 
ATOM   424  N  N   . GLY A 1 53 ? -2.848  -5.094  -2.924  1.00 13.85 ? 53   GLY A N   1 
ATOM   425  C  CA  . GLY A 1 53 ? -1.600  -4.333  -2.979  1.00 14.26 ? 53   GLY A CA  1 
ATOM   426  C  C   . GLY A 1 53 ? -1.713  -3.178  -3.930  1.00 14.60 ? 53   GLY A C   1 
ATOM   427  O  O   . GLY A 1 53 ? -2.733  -3.024  -4.645  1.00 14.35 ? 53   GLY A O   1 
ATOM   428  N  N   . ILE A 1 54 ? -0.685  -2.351  -3.924  1.00 14.08 ? 54   ILE A N   1 
ATOM   429  C  CA  . ILE A 1 54 ? -0.613  -1.277  -4.891  1.00 15.05 ? 54   ILE A CA  1 
ATOM   430  C  C   . ILE A 1 54 ? 0.761   -1.310  -5.625  1.00 15.14 ? 54   ILE A C   1 
ATOM   431  O  O   . ILE A 1 54 ? 1.791   -1.805  -5.097  1.00 14.29 ? 54   ILE A O   1 
ATOM   432  C  CB  . ILE A 1 54 ? -0.893  0.098   -4.236  1.00 15.20 ? 54   ILE A CB  1 
ATOM   433  C  CG1 . ILE A 1 54 ? 0.177   0.416   -3.212  1.00 15.30 ? 54   ILE A CG1 1 
ATOM   434  C  CG2 . ILE A 1 54 ? -2.272  0.153   -3.594  1.00 15.85 ? 54   ILE A CG2 1 
ATOM   435  C  CD1 . ILE A 1 54 ? 0.251   1.863   -2.812  1.00 17.07 ? 54   ILE A CD1 1 
ATOM   436  N  N   . SER A 1 55 ? 0.766   -0.736  -6.824  1.00 16.33 ? 55   SER A N   1 
ATOM   437  C  CA  . SER A 1 55 ? 1.950   -0.655  -7.669  1.00 17.84 ? 55   SER A CA  1 
ATOM   438  C  C   . SER A 1 55 ? 2.055   0.773   -8.115  1.00 19.58 ? 55   SER A C   1 
ATOM   439  O  O   . SER A 1 55 ? 1.112   1.288   -8.740  1.00 20.73 ? 55   SER A O   1 
ATOM   440  C  CB  . SER A 1 55 ? 1.782   -1.551  -8.885  1.00 19.36 ? 55   SER A CB  1 
ATOM   441  O  OG  . SER A 1 55 ? 2.911   -1.460  -9.708  1.00 20.72 ? 55   SER A OG  1 
ATOM   442  N  N   . ILE A 1 56 ? 3.181   1.412   -7.798  1.00 18.20 ? 56   ILE A N   1 
ATOM   443  C  CA  . ILE A 1 56 ? 3.355   2.800   -8.133  1.00 18.76 ? 56   ILE A CA  1 
ATOM   444  C  C   . ILE A 1 56 ? 4.709   3.134   -8.719  1.00 17.78 ? 56   ILE A C   1 
ATOM   445  O  O   . ILE A 1 56 ? 5.707   2.487   -8.446  1.00 18.63 ? 56   ILE A O   1 
ATOM   446  C  CB  . ILE A 1 56 ? 3.163   3.684   -6.907  1.00 18.37 ? 56   ILE A CB  1 
ATOM   447  C  CG1 . ILE A 1 56 ? 4.133   3.290   -5.798  1.00 18.44 ? 56   ILE A CG1 1 
ATOM   448  C  CG2 . ILE A 1 56 ? 1.726   3.576   -6.414  1.00 18.04 ? 56   ILE A CG2 1 
ATOM   449  C  CD1 . ILE A 1 56 ? 4.309   4.384   -4.816  1.00 19.80 ? 56   ILE A CD1 1 
ATOM   450  N  N   . ARG A 1 57 ? 4.707   4.195   -9.500  1.00 16.12 ? 57   ARG A N   1 
ATOM   451  C  CA  . ARG A 1 57 ? 5.898   4.781   -9.993  1.00 15.50 ? 57   ARG A CA  1 
ATOM   452  C  C   . ARG A 1 57 ? 6.630   5.561   -8.864  1.00 16.05 ? 57   ARG A C   1 
ATOM   453  O  O   . ARG A 1 57 ? 6.040   6.054   -7.908  1.00 14.55 ? 57   ARG A O   1 
ATOM   454  C  CB  . ARG A 1 57 ? 5.550   5.682   -11.181 1.00 16.38 ? 57   ARG A CB  1 
ATOM   455  C  CG  . ARG A 1 57 ? 4.707   6.901   -10.847 1.00 17.08 ? 57   ARG A CG  1 
ATOM   456  C  CD  . ARG A 1 57 ? 4.370   7.641   -12.141 1.00 17.83 ? 57   ARG A CD  1 
ATOM   457  N  NE  . ARG A 1 57 ? 3.564   8.850   -11.974 1.00 17.98 ? 57   ARG A NE  1 
ATOM   458  C  CZ  . ARG A 1 57 ? 2.228   8.903   -12.018 1.00 19.05 ? 57   ARG A CZ  1 
ATOM   459  N  NH1 . ARG A 1 57 ? 1.488   7.802   -12.166 1.00 17.49 ? 57   ARG A NH1 1 
ATOM   460  N  NH2 . ARG A 1 57 ? 1.630   10.087  -11.898 1.00 21.37 ? 57   ARG A NH2 1 
ATOM   461  N  N   . PRO A 1 58 ? 7.955   5.647   -8.965  1.00 16.49 ? 58   PRO A N   1 
ATOM   462  C  CA  . PRO A 1 58 ? 8.713   6.208   -7.817  1.00 17.61 ? 58   PRO A CA  1 
ATOM   463  C  C   . PRO A 1 58 ? 8.436   7.697   -7.593  1.00 17.04 ? 58   PRO A C   1 
ATOM   464  O  O   . PRO A 1 58 ? 8.586   8.161   -6.485  1.00 16.27 ? 58   PRO A O   1 
ATOM   465  C  CB  . PRO A 1 58 ? 10.183  5.954   -8.208  1.00 18.49 ? 58   PRO A CB  1 
ATOM   466  C  CG  . PRO A 1 58 ? 10.149  5.758   -9.689  1.00 18.66 ? 58   PRO A CG  1 
ATOM   467  C  CD  . PRO A 1 58 ? 8.845   5.069   -9.991  1.00 17.58 ? 58   PRO A CD  1 
ATOM   468  N  N   . GLU A 1 59 ? 8.004   8.410   -8.634  1.00 18.31 ? 59   GLU A N   1 
ATOM   469  C  CA  . GLU A 1 59 ? 7.670   9.832   -8.532  1.00 20.25 ? 59   GLU A CA  1 
ATOM   470  C  C   . GLU A 1 59 ? 6.460   10.081  -7.620  1.00 18.33 ? 59   GLU A C   1 
ATOM   471  O  O   . GLU A 1 59 ? 6.164   11.232  -7.295  1.00 19.88 ? 59   GLU A O   1 
ATOM   472  C  CB  . GLU A 1 59 ? 7.340   10.431  -9.896  1.00 23.76 ? 59   GLU A CB  1 
ATOM   473  C  CG  . GLU A 1 59 ? 8.402   10.171  -10.951 1.00 26.86 ? 59   GLU A CG  1 
ATOM   474  C  CD  . GLU A 1 59 ? 8.032   9.007   -11.880 1.00 29.38 ? 59   GLU A CD  1 
ATOM   475  O  OE1 . GLU A 1 59 ? 8.184   7.838   -11.482 1.00 28.30 ? 59   GLU A OE1 1 
ATOM   476  O  OE2 . GLU A 1 59 ? 7.595   9.275   -13.034 1.00 33.56 ? 59   GLU A OE2 1 
ATOM   477  N  N   . LEU A 1 60 ? 5.734   9.031   -7.250  1.00 15.43 ? 60   LEU A N   1 
ATOM   478  C  CA  . LEU A 1 60 ? 4.629   9.157   -6.291  1.00 15.80 ? 60   LEU A CA  1 
ATOM   479  C  C   . LEU A 1 60 ? 5.024   8.833   -4.852  1.00 15.22 ? 60   LEU A C   1 
ATOM   480  O  O   . LEU A 1 60 ? 4.222   9.074   -3.933  1.00 14.40 ? 60   LEU A O   1 
ATOM   481  C  CB  . LEU A 1 60 ? 3.456   8.238   -6.685  1.00 15.66 ? 60   LEU A CB  1 
ATOM   482  C  CG  . LEU A 1 60 ? 2.763   8.578   -8.006  1.00 15.99 ? 60   LEU A CG  1 
ATOM   483  C  CD1 . LEU A 1 60 ? 1.492   7.755   -8.173  1.00 16.46 ? 60   LEU A CD1 1 
ATOM   484  C  CD2 . LEU A 1 60 ? 2.429   10.053  -8.124  1.00 16.84 ? 60   LEU A CD2 1 
ATOM   485  N  N   . LEU A 1 61 ? 6.216   8.272   -4.636  1.00 14.20 ? 61   LEU A N   1 
ATOM   486  C  CA  . LEU A 1 61 ? 6.657   7.891   -3.286  1.00 14.51 ? 61   LEU A CA  1 
ATOM   487  C  C   . LEU A 1 61 ? 6.622   8.976   -2.231  1.00 13.26 ? 61   LEU A C   1 
ATOM   488  O  O   . LEU A 1 61 ? 6.122   8.748   -1.139  1.00 14.02 ? 61   LEU A O   1 
ATOM   489  C  CB  . LEU A 1 61 ? 8.062   7.286   -3.300  1.00 15.59 ? 61   LEU A CB  1 
ATOM   490  C  CG  . LEU A 1 61 ? 8.127   5.857   -3.766  1.00 17.86 ? 61   LEU A CG  1 
ATOM   491  C  CD1 . LEU A 1 61 ? 9.578   5.517   -4.103  1.00 19.40 ? 61   LEU A CD1 1 
ATOM   492  C  CD2 . LEU A 1 61 ? 7.548   4.904   -2.715  1.00 18.28 ? 61   LEU A CD2 1 
ATOM   493  N  N   . ALA A 1 62 ? 7.161   10.143  -2.525  1.00 13.48 ? 62   ALA A N   1 
ATOM   494  C  CA  . ALA A 1 62 ? 7.186   11.233  -1.541  1.00 13.62 ? 62   ALA A CA  1 
ATOM   495  C  C   . ALA A 1 62 ? 5.773   11.575  -1.090  1.00 13.19 ? 62   ALA A C   1 
ATOM   496  O  O   . ALA A 1 62 ? 5.521   11.745  0.089   1.00 12.55 ? 62   ALA A O   1 
ATOM   497  C  CB  . ALA A 1 62 ? 7.873   12.485  -2.099  1.00 14.53 ? 62   ALA A CB  1 
ATOM   498  N  N   . GLN A 1 63 ? 4.847   11.683  -2.039  1.00 13.09 ? 63   GLN A N   1 
ATOM   499  C  CA  . GLN A 1 63 ? 3.443   11.933  -1.679  1.00 13.32 ? 63   GLN A CA  1 
ATOM   500  C  C   . GLN A 1 63 ? 2.825   10.839  -0.816  1.00 12.60 ? 63   GLN A C   1 
ATOM   501  O  O   . GLN A 1 63 ? 2.108   11.143  0.148   1.00 12.34 ? 63   GLN A O   1 
ATOM   502  C  CB  . GLN A 1 63 ? 2.611   12.177  -2.937  1.00 15.63 ? 63   GLN A CB  1 
ATOM   503  C  CG  . GLN A 1 63 ? 2.974   13.476  -3.641  1.00 16.42 ? 63   GLN A CG  1 
ATOM   504  C  CD  . GLN A 1 63 ? 2.540   13.483  -5.089  1.00 17.61 ? 63   GLN A CD  1 
ATOM   505  O  OE1 . GLN A 1 63 ? 3.312   13.166  -5.993  1.00 19.54 ? 63   GLN A OE1 1 
ATOM   506  N  NE2 . GLN A 1 63 ? 1.272   13.771  -5.302  1.00 20.83 ? 63   GLN A NE2 1 
ATOM   507  N  N   . VAL A 1 64 ? 3.056   9.574   -1.159  1.00 11.91 ? 64   VAL A N   1 
ATOM   508  C  CA  . VAL A 1 64 ? 2.517   8.448   -0.362  1.00 11.73 ? 64   VAL A CA  1 
ATOM   509  C  C   . VAL A 1 64 ? 3.104   8.461   1.051   1.00 11.59 ? 64   VAL A C   1 
ATOM   510  O  O   . VAL A 1 64 ? 2.397   8.387   2.025   1.00 11.34 ? 64   VAL A O   1 
ATOM   511  C  CB  . VAL A 1 64 ? 2.710   7.073   -1.059  1.00 11.47 ? 64   VAL A CB  1 
ATOM   512  C  CG1 . VAL A 1 64 ? 2.392   5.912   -0.125  1.00 11.28 ? 64   VAL A CG1 1 
ATOM   513  C  CG2 . VAL A 1 64 ? 1.828   6.984   -2.284  1.00 12.17 ? 64   VAL A CG2 1 
ATOM   514  N  N   . ILE A 1 65 ? 4.413   8.618   1.143   1.00 11.68 ? 65   ILE A N   1 
ATOM   515  C  CA  . ILE A 1 65 ? 5.078   8.738   2.437   1.00 12.39 ? 65   ILE A CA  1 
ATOM   516  C  C   . ILE A 1 65 ? 4.489   9.876   3.269   1.00 12.47 ? 65   ILE A C   1 
ATOM   517  O  O   . ILE A 1 65 ? 4.195   9.720   4.464   1.00 12.23 ? 65   ILE A O   1 
ATOM   518  C  CB  . ILE A 1 65 ? 6.578   8.929   2.250   1.00 12.93 ? 65   ILE A CB  1 
ATOM   519  C  CG1 . ILE A 1 65 ? 7.224   7.617   1.829   1.00 13.06 ? 65   ILE A CG1 1 
ATOM   520  C  CG2 . ILE A 1 65 ? 7.210   9.436   3.542   1.00 14.44 ? 65   ILE A CG2 1 
ATOM   521  C  CD1 . ILE A 1 65 ? 8.584   7.732   1.142   1.00 13.09 ? 65   ILE A CD1 1 
ATOM   522  N  N   . GLN A 1 66 ? 4.324   11.037  2.644   1.00 12.63 ? 66   GLN A N   1 
ATOM   523  C  CA  . GLN A 1 66 ? 3.784   12.177  3.358   1.00 14.96 ? 66   GLN A CA  1 
ATOM   524  C  C   . GLN A 1 66 ? 2.353   11.936  3.808   1.00 13.67 ? 66   GLN A C   1 
ATOM   525  O  O   . GLN A 1 66 ? 1.987   12.316  4.898   1.00 12.76 ? 66   GLN A O   1 
ATOM   526  C  CB  . GLN A 1 66 ? 3.881   13.450  2.529   1.00 16.81 ? 66   GLN A CB  1 
ATOM   527  C  CG  . GLN A 1 66 ? 5.274   14.118  2.548   1.00 21.44 ? 66   GLN A CG  1 
ATOM   528  C  CD  . GLN A 1 66 ? 6.075   14.020  3.841   1.00 25.83 ? 66   GLN A CD  1 
ATOM   529  O  OE1 . GLN A 1 66 ? 7.219   13.526  3.846   1.00 32.46 ? 66   GLN A OE1 1 
ATOM   530  N  NE2 . GLN A 1 66 ? 5.507   14.513  4.941   1.00 30.67 ? 66   GLN A NE2 1 
ATOM   531  N  N   . GLY A 1 67 ? 1.544   11.270  2.975   1.00 13.06 ? 67   GLY A N   1 
ATOM   532  C  CA  . GLY A 1 67 ? 0.207   10.873  3.401   1.00 12.70 ? 67   GLY A CA  1 
ATOM   533  C  C   . GLY A 1 67 ? 0.168   9.921   4.594   1.00 12.15 ? 67   GLY A C   1 
ATOM   534  O  O   . GLY A 1 67 ? -0.664  10.061  5.502   1.00 11.17 ? 67   GLY A O   1 
ATOM   535  N  N   . LEU A 1 68 ? 1.093   8.967   4.622   1.00 12.15 ? 68   LEU A N   1 
ATOM   536  C  CA  . LEU A 1 68 ? 1.142   8.008   5.710   1.00 13.01 ? 68   LEU A CA  1 
ATOM   537  C  C   . LEU A 1 68 ? 1.657   8.650   6.987   1.00 13.38 ? 68   LEU A C   1 
ATOM   538  O  O   . LEU A 1 68 ? 1.170   8.333   8.074   1.00 12.84 ? 68   LEU A O   1 
ATOM   539  C  CB  . LEU A 1 68 ? 2.021   6.805   5.357   1.00 13.52 ? 68   LEU A CB  1 
ATOM   540  C  CG  . LEU A 1 68 ? 1.541   5.944   4.179   1.00 13.84 ? 68   LEU A CG  1 
ATOM   541  C  CD1 . LEU A 1 68 ? 2.660   5.005   3.790   1.00 14.46 ? 68   LEU A CD1 1 
ATOM   542  C  CD2 . LEU A 1 68 ? 0.275   5.171   4.496   1.00 14.70 ? 68   LEU A CD2 1 
ATOM   543  N  N   . LEU A 1 69 ? 2.587   9.583   6.855   1.00 13.88 ? 69   LEU A N   1 
ATOM   544  C  CA  . LEU A 1 69 ? 3.069   10.345  8.013   1.00 14.99 ? 69   LEU A CA  1 
ATOM   545  C  C   . LEU A 1 69 ? 1.909   11.133  8.621   1.00 15.43 ? 69   LEU A C   1 
ATOM   546  O  O   . LEU A 1 69 ? 1.720   11.147  9.828   1.00 16.83 ? 69   LEU A O   1 
ATOM   547  C  CB  . LEU A 1 69 ? 4.210   11.288  7.614   1.00 15.17 ? 69   LEU A CB  1 
ATOM   548  C  CG  . LEU A 1 69 ? 5.559   10.646  7.376   1.00 15.68 ? 69   LEU A CG  1 
ATOM   549  C  CD1 . LEU A 1 69 ? 6.514   11.655  6.768   1.00 16.88 ? 69   LEU A CD1 1 
ATOM   550  C  CD2 . LEU A 1 69 ? 6.107   10.150  8.712   1.00 16.59 ? 69   LEU A CD2 1 
ATOM   551  N  N   . LEU A 1 70 ? 1.132   11.788  7.765   1.00 16.44 ? 70   LEU A N   1 
ATOM   552  C  CA  . LEU A 1 70 ? -0.056  12.517  8.212   1.00 17.18 ? 70   LEU A CA  1 
ATOM   553  C  C   . LEU A 1 70 ? -1.044  11.594  8.921   1.00 16.57 ? 70   LEU A C   1 
ATOM   554  O  O   . LEU A 1 70 ? -1.593  11.969  9.955   1.00 16.47 ? 70   LEU A O   1 
ATOM   555  C  CB  . LEU A 1 70 ? -0.738  13.192  7.025   1.00 17.90 ? 70   LEU A CB  1 
ATOM   556  C  CG  . LEU A 1 70 ? -1.859  14.179  7.297   1.00 19.99 ? 70   LEU A CG  1 
ATOM   557  C  CD1 . LEU A 1 70 ? -1.354  15.239  8.261   1.00 20.96 ? 70   LEU A CD1 1 
ATOM   558  C  CD2 . LEU A 1 70 ? -2.311  14.851  6.020   1.00 21.74 ? 70   LEU A CD2 1 
ATOM   559  N  N   . ALA A 1 71 ? -1.262  10.403  8.370   1.00 15.33 ? 71   ALA A N   1 
ATOM   560  C  CA  . ALA A 1 71 ? -2.199  9.440   8.931   1.00 16.15 ? 71   ALA A CA  1 
ATOM   561  C  C   . ALA A 1 71 ? -1.750  8.962   10.295  1.00 17.18 ? 71   ALA A C   1 
ATOM   562  O  O   . ALA A 1 71 ? -2.568  8.604   11.127  1.00 19.92 ? 71   ALA A O   1 
ATOM   563  C  CB  . ALA A 1 71 ? -2.370  8.250   8.001   1.00 15.90 ? 71   ALA A CB  1 
ATOM   564  N  N   . SER A 1 72 ? -0.444  8.914   10.496  1.00 16.26 ? 72   SER A N   1 
ATOM   565  C  CA  . SER A 1 72 ? 0.124   8.510   11.754  1.00 18.19 ? 72   SER A CA  1 
ATOM   566  C  C   . SER A 1 72 ? -0.098  9.575   12.861  1.00 20.15 ? 72   SER A C   1 
ATOM   567  O  O   . SER A 1 72 ? -0.228  9.219   14.036  1.00 20.99 ? 72   SER A O   1 
ATOM   568  C  CB  . SER A 1 72 ? 1.626   8.222   11.585  1.00 17.96 ? 72   SER A CB  1 
ATOM   569  O  OG  . SER A 1 72 ? 2.375   9.404   11.728  1.00 19.19 ? 72   SER A OG  1 
ATOM   570  N  N   . ARG A 1 73 ? -0.155  10.851  12.475  1.00 23.26 ? 73   ARG A N   1 
ATOM   571  C  CA  . ARG A 1 73 ? -0.169  11.991  13.429  1.00 27.42 ? 73   ARG A CA  1 
ATOM   572  C  C   . ARG A 1 73 ? -1.499  12.583  13.721  1.00 29.77 ? 73   ARG A C   1 
ATOM   573  O  O   . ARG A 1 73 ? -1.636  13.282  14.727  1.00 35.32 ? 73   ARG A O   1 
ATOM   574  C  CB  . ARG A 1 73 ? 0.674   13.149  12.886  1.00 28.04 ? 73   ARG A CB  1 
ATOM   575  C  CG  . ARG A 1 73 ? 2.121   12.820  12.913  1.00 28.39 ? 73   ARG A CG  1 
ATOM   576  C  CD  . ARG A 1 73 ? 3.014   13.994  12.579  1.00 29.87 ? 73   ARG A CD  1 
ATOM   577  N  NE  . ARG A 1 73 ? 4.362   13.535  12.907  1.00 31.37 ? 73   ARG A NE  1 
ATOM   578  C  CZ  . ARG A 1 73 ? 5.334   13.220  12.048  1.00 33.13 ? 73   ARG A CZ  1 
ATOM   579  N  NH1 . ARG A 1 73 ? 5.192   13.382  10.733  1.00 31.83 ? 73   ARG A NH1 1 
ATOM   580  N  NH2 . ARG A 1 73 ? 6.498   12.786  12.537  1.00 34.43 ? 73   ARG A NH2 1 
ATOM   581  N  N   . GLU A 1 74 ? -2.467  12.357  12.840  1.00 29.55 ? 74   GLU A N   1 
ATOM   582  C  CA  . GLU A 1 74 ? -3.720  13.067  12.902  1.00 33.96 ? 74   GLU A CA  1 
ATOM   583  C  C   . GLU A 1 74 ? -4.936  12.167  12.770  1.00 33.37 ? 74   GLU A C   1 
ATOM   584  O  O   . GLU A 1 74 ? -4.860  11.026  12.292  1.00 33.03 ? 74   GLU A O   1 
ATOM   585  C  CB  . GLU A 1 74 ? -3.750  14.142  11.815  1.00 38.77 ? 74   GLU A CB  1 
ATOM   586  C  CG  . GLU A 1 74 ? -2.637  15.172  11.951  1.00 40.33 ? 74   GLU A CG  1 
ATOM   587  C  CD  . GLU A 1 74 ? -2.750  16.302  10.935  1.00 43.57 ? 74   GLU A CD  1 
ATOM   588  O  OE1 . GLU A 1 74 ? -3.740  16.354  10.164  1.00 47.09 ? 74   GLU A OE1 1 
ATOM   589  O  OE2 . GLU A 1 74 ? -1.828  17.126  10.883  1.00 41.65 ? 74   GLU A OE2 1 
ATOM   590  N  N   . GLY A 1 75 ? -6.066  12.714  13.190  1.00 32.86 ? 75   GLY A N   1 
ATOM   591  C  CA  . GLY A 1 75 ? -7.333  11.997  13.225  1.00 35.74 ? 75   GLY A CA  1 
ATOM   592  C  C   . GLY A 1 75 ? -7.588  11.310  14.554  1.00 35.56 ? 75   GLY A C   1 
ATOM   593  O  O   . GLY A 1 75 ? -7.002  11.593  15.611  1.00 31.08 ? 75   GLY A O   1 
ATOM   594  O  OXT . GLY A 1 75 ? -8.411  10.401  14.570  1.00 40.46 ? 75   GLY A OXT 1 
ATOM   595  N  N   . SER B 1 2  ? -16.694 -3.404  -5.704  1.00 44.41 ? 2    SER B N   1 
ATOM   596  C  CA  . SER B 1 2  ? -16.024 -2.201  -5.119  1.00 41.75 ? 2    SER B CA  1 
ATOM   597  C  C   . SER B 1 2  ? -16.080 -2.242  -3.600  1.00 36.42 ? 2    SER B C   1 
ATOM   598  O  O   . SER B 1 2  ? -17.069 -2.706  -3.005  1.00 33.16 ? 2    SER B O   1 
ATOM   599  C  CB  . SER B 1 2  ? -16.663 -0.922  -5.658  1.00 45.22 ? 2    SER B CB  1 
ATOM   600  O  OG  . SER B 1 2  ? -16.404 -0.777  -7.053  1.00 51.74 ? 2    SER B OG  1 
ATOM   601  N  N   . ALA B 1 3  ? -14.998 -1.800  -2.971  1.00 31.69 ? 3    ALA B N   1 
ATOM   602  C  CA  . ALA B 1 3  ? -14.878 -1.919  -1.528  1.00 29.29 ? 3    ALA B CA  1 
ATOM   603  C  C   . ALA B 1 3  ? -15.912 -1.010  -0.838  1.00 26.23 ? 3    ALA B C   1 
ATOM   604  O  O   . ALA B 1 3  ? -16.373 0.010   -1.387  1.00 25.02 ? 3    ALA B O   1 
ATOM   605  C  CB  . ALA B 1 3  ? -13.464 -1.604  -1.058  1.00 29.63 ? 3    ALA B CB  1 
ATOM   606  N  N   . TYR B 1 4  ? -16.293 -1.410  0.360   1.00 22.65 ? 4    TYR B N   1 
ATOM   607  C  CA  . TYR B 1 4  ? -17.218 -0.622  1.108   1.00 20.84 ? 4    TYR B CA  1 
ATOM   608  C  C   . TYR B 1 4  ? -16.540 0.707   1.472   1.00 18.74 ? 4    TYR B C   1 
ATOM   609  O  O   . TYR B 1 4  ? -15.510 0.721   2.131   1.00 18.23 ? 4    TYR B O   1 
ATOM   610  C  CB  . TYR B 1 4  ? -17.660 -1.379  2.346   1.00 20.01 ? 4    TYR B CB  1 
ATOM   611  C  CG  . TYR B 1 4  ? -18.876 -0.792  2.988   1.00 19.48 ? 4    TYR B CG  1 
ATOM   612  C  CD1 . TYR B 1 4  ? -20.111 -0.846  2.349   1.00 19.13 ? 4    TYR B CD1 1 
ATOM   613  C  CD2 . TYR B 1 4  ? -18.801 -0.184  4.239   1.00 19.08 ? 4    TYR B CD2 1 
ATOM   614  C  CE1 . TYR B 1 4  ? -21.231 -0.307  2.909   1.00 18.77 ? 4    TYR B CE1 1 
ATOM   615  C  CE2 . TYR B 1 4  ? -19.926 0.351   4.825   1.00 19.11 ? 4    TYR B CE2 1 
ATOM   616  C  CZ  . TYR B 1 4  ? -21.142 0.278   4.165   1.00 20.20 ? 4    TYR B CZ  1 
ATOM   617  O  OH  . TYR B 1 4  ? -22.262 0.802   4.773   1.00 20.87 ? 4    TYR B OH  1 
ATOM   618  N  N   . ASP B 1 5  ? -17.158 1.809   1.057   1.00 17.66 ? 5    ASP B N   1 
ATOM   619  C  CA  . ASP B 1 5  ? -16.536 3.145   1.059   1.00 17.45 ? 5    ASP B CA  1 
ATOM   620  C  C   . ASP B 1 5  ? -16.663 3.883   2.397   1.00 17.30 ? 5    ASP B C   1 
ATOM   621  O  O   . ASP B 1 5  ? -17.129 5.032   2.485   1.00 15.70 ? 5    ASP B O   1 
ATOM   622  C  CB  . ASP B 1 5  ? -17.161 3.951   -0.077  1.00 16.40 ? 5    ASP B CB  1 
ATOM   623  C  CG  . ASP B 1 5  ? -16.304 5.103   -0.531  1.00 16.65 ? 5    ASP B CG  1 
ATOM   624  O  OD1 . ASP B 1 5  ? -15.212 5.357   0.051   1.00 16.24 ? 5    ASP B OD1 1 
ATOM   625  O  OD2 . ASP B 1 5  ? -16.716 5.747   -1.521  1.00 16.79 ? 5    ASP B OD2 1 
ATOM   626  N  N   . SER B 1 6  ? -16.210 3.224   3.450   1.00 17.94 ? 6    SER B N   1 
ATOM   627  C  CA  . SER B 1 6  ? -16.314 3.771   4.761   1.00 19.13 ? 6    SER B CA  1 
ATOM   628  C  C   . SER B 1 6  ? -14.958 4.464   5.003   1.00 18.92 ? 6    SER B C   1 
ATOM   629  O  O   . SER B 1 6  ? -14.057 4.414   4.163   1.00 22.66 ? 6    SER B O   1 
ATOM   630  C  CB  . SER B 1 6  ? -16.611 2.634   5.748   1.00 21.50 ? 6    SER B CB  1 
ATOM   631  O  OG  . SER B 1 6  ? -15.597 1.629   5.669   1.00 21.22 ? 6    SER B OG  1 
ATOM   632  N  N   . GLY B 1 7  ? -14.804 5.115   6.131   1.00 19.78 ? 7    GLY B N   1 
ATOM   633  C  CA  . GLY B 1 7  ? -13.545 5.774   6.426   1.00 17.64 ? 7    GLY B CA  1 
ATOM   634  C  C   . GLY B 1 7  ? -13.294 7.183   5.919   1.00 17.28 ? 7    GLY B C   1 
ATOM   635  O  O   . GLY B 1 7  ? -13.892 7.662   4.950   1.00 15.84 ? 7    GLY B O   1 
ATOM   636  N  N   . LYS B 1 8  ? -12.381 7.839   6.637   1.00 16.12 ? 8    LYS B N   1 
ATOM   637  C  CA  . LYS B 1 8  ? -12.023 9.214   6.437   1.00 16.87 ? 8    LYS B CA  1 
ATOM   638  C  C   . LYS B 1 8  ? -10.833 9.307   5.479   1.00 16.92 ? 8    LYS B C   1 
ATOM   639  O  O   . LYS B 1 8  ? -9.769  8.784   5.790   1.00 16.77 ? 8    LYS B O   1 
ATOM   640  C  CB  . LYS B 1 8  ? -11.601 9.808   7.783   1.00 19.52 ? 8    LYS B CB  1 
ATOM   641  C  CG  . LYS B 1 8  ? -11.224 11.275  7.716   1.00 23.05 ? 8    LYS B CG  1 
ATOM   642  C  CD  . LYS B 1 8  ? -10.553 11.725  8.993   1.00 26.84 ? 8    LYS B CD  1 
ATOM   643  C  CE  . LYS B 1 8  ? -10.311 13.223  8.979   1.00 30.64 ? 8    LYS B CE  1 
ATOM   644  N  NZ  . LYS B 1 8  ? -9.747  13.763  7.699   1.00 33.78 ? 8    LYS B NZ  1 
ATOM   645  N  N   . THR B 1 9  ? -10.993 9.974   4.335   1.00 15.50 ? 9    THR B N   1 
ATOM   646  C  CA  . THR B 1 9  ? -9.846  10.224  3.464   1.00 15.67 ? 9    THR B CA  1 
ATOM   647  C  C   . THR B 1 9  ? -8.834  11.159  4.126   1.00 16.93 ? 9    THR B C   1 
ATOM   648  O  O   . THR B 1 9  ? -9.182  12.281  4.519   1.00 14.80 ? 9    THR B O   1 
ATOM   649  C  CB  . THR B 1 9  ? -10.309 10.825  2.117   1.00 16.26 ? 9    THR B CB  1 
ATOM   650  O  OG1 . THR B 1 9  ? -11.211 9.922   1.495   1.00 15.17 ? 9    THR B OG1 1 
ATOM   651  C  CG2 . THR B 1 9  ? -9.130  11.076  1.149   1.00 17.05 ? 9    THR B CG2 1 
ATOM   652  N  N   . ILE B 1 10 ? -7.595  10.691  4.230   1.00 15.75 ? 10   ILE B N   1 
ATOM   653  C  CA  . ILE B 1 10 ? -6.475  11.457  4.745   1.00 16.85 ? 10   ILE B CA  1 
ATOM   654  C  C   . ILE B 1 10 ? -5.743  12.125  3.630   1.00 16.92 ? 10   ILE B C   1 
ATOM   655  O  O   . ILE B 1 10 ? -5.419  13.278  3.745   1.00 16.65 ? 10   ILE B O   1 
ATOM   656  C  CB  . ILE B 1 10 ? -5.464  10.573  5.499   1.00 18.13 ? 10   ILE B CB  1 
ATOM   657  C  CG1 . ILE B 1 10 ? -6.141  9.737   6.573   1.00 19.71 ? 10   ILE B CG1 1 
ATOM   658  C  CG2 . ILE B 1 10 ? -4.362  11.430  6.112   1.00 18.92 ? 10   ILE B CG2 1 
ATOM   659  C  CD1 . ILE B 1 10 ? -7.123  10.499  7.409   1.00 21.52 ? 10   ILE B CD1 1 
ATOM   660  N  N   . ALA B 1 11 ? -5.453  11.385  2.559   1.00 16.20 ? 11   ALA B N   1 
ATOM   661  C  CA  . ALA B 1 11 ? -4.768  11.948  1.389   1.00 15.63 ? 11   ALA B CA  1 
ATOM   662  C  C   . ALA B 1 11 ? -5.107  11.118  0.150   1.00 15.64 ? 11   ALA B C   1 
ATOM   663  O  O   . ALA B 1 11 ? -5.257  9.911   0.237   1.00 12.78 ? 11   ALA B O   1 
ATOM   664  C  CB  . ALA B 1 11 ? -3.264  11.931  1.611   1.00 16.38 ? 11   ALA B CB  1 
ATOM   665  N  N   . ASP B 1 12 ? -5.271  11.812  -0.975  1.00 15.80 ? 12   ASP B N   1 
ATOM   666  C  CA  . ASP B 1 12 ? -5.504  11.204  -2.259  1.00 17.97 ? 12   ASP B CA  1 
ATOM   667  C  C   . ASP B 1 12 ? -4.257  11.523  -3.070  1.00 18.10 ? 12   ASP B C   1 
ATOM   668  O  O   . ASP B 1 12 ? -3.917  12.708  -3.229  1.00 22.44 ? 12   ASP B O   1 
ATOM   669  C  CB  . ASP B 1 12 ? -6.724  11.830  -2.908  1.00 19.60 ? 12   ASP B CB  1 
ATOM   670  C  CG  . ASP B 1 12 ? -7.896  10.920  -2.966  1.00 20.47 ? 12   ASP B CG  1 
ATOM   671  O  OD1 . ASP B 1 12 ? -7.800  9.768   -2.522  1.00 22.10 ? 12   ASP B OD1 1 
ATOM   672  O  OD2 . ASP B 1 12 ? -8.948  11.368  -3.473  1.00 21.27 ? 12   ASP B OD2 1 
ATOM   673  N  N   . VAL B 1 13 ? -3.521  10.492  -3.493  1.00 15.06 ? 13   VAL B N   1 
ATOM   674  C  CA  . VAL B 1 13 ? -2.366  10.657  -4.366  1.00 14.46 ? 13   VAL B CA  1 
ATOM   675  C  C   . VAL B 1 13 ? -2.759  10.322  -5.794  1.00 13.53 ? 13   VAL B C   1 
ATOM   676  O  O   . VAL B 1 13 ? -3.159  9.191   -6.078  1.00 13.46 ? 13   VAL B O   1 
ATOM   677  C  CB  . VAL B 1 13 ? -1.194  9.779   -3.900  1.00 14.32 ? 13   VAL B CB  1 
ATOM   678  C  CG1 . VAL B 1 13 ? 0.007   9.917   -4.836  1.00 14.80 ? 13   VAL B CG1 1 
ATOM   679  C  CG2 . VAL B 1 13 ? -0.852  10.116  -2.468  1.00 15.51 ? 13   VAL B CG2 1 
ATOM   680  N  N   . GLN B 1 14 ? -2.725  11.317  -6.677  1.00 12.32 ? 14   GLN B N   1 
ATOM   681  C  CA  . GLN B 1 14 ? -3.179  11.109  -8.057  1.00 12.15 ? 14   GLN B CA  1 
ATOM   682  C  C   . GLN B 1 14 ? -2.175  10.248  -8.873  1.00 13.64 ? 14   GLN B C   1 
ATOM   683  O  O   . GLN B 1 14 ? -0.987  10.555  -8.896  1.00 13.40 ? 14   GLN B O   1 
ATOM   684  C  CB  . GLN B 1 14 ? -3.382  12.485  -8.745  1.00 12.18 ? 14   GLN B CB  1 
ATOM   685  C  CG  . GLN B 1 14 ? -4.469  13.315  -8.078  1.00 12.60 ? 14   GLN B CG  1 
ATOM   686  C  CD  . GLN B 1 14 ? -4.514  14.744  -8.570  1.00 13.17 ? 14   GLN B CD  1 
ATOM   687  O  OE1 . GLN B 1 14 ? -3.702  15.166  -9.414  1.00 13.77 ? 14   GLN B OE1 1 
ATOM   688  N  NE2 . GLN B 1 14 ? -5.433  15.510  -8.016  1.00 13.90 ? 14   GLN B NE2 1 
ATOM   689  N  N   . LYS B 1 15 ? -2.660  9.163   -9.470  1.00 14.03 ? 15   LYS B N   1 
ATOM   690  C  CA  . LYS B 1 15 ? -1.897  8.327   -10.408 1.00 15.19 ? 15   LYS B CA  1 
ATOM   691  C  C   . LYS B 1 15 ? -2.136  8.751   -11.820 1.00 14.74 ? 15   LYS B C   1 
ATOM   692  O  O   . LYS B 1 15 ? -1.205  8.740   -12.629 1.00 16.49 ? 15   LYS B O   1 
ATOM   693  C  CB  . LYS B 1 15 ? -2.264  6.830   -10.280 1.00 17.71 ? 15   LYS B CB  1 
ATOM   694  C  CG  . LYS B 1 15 ? -1.518  6.080   -9.209  1.00 20.61 ? 15   LYS B CG  1 
ATOM   695  C  CD  . LYS B 1 15 ? -2.110  4.679   -8.952  1.00 23.43 ? 15   LYS B CD  1 
ATOM   696  C  CE  . LYS B 1 15 ? -1.931  3.700   -10.080 1.00 25.44 ? 15   LYS B CE  1 
ATOM   697  N  NZ  . LYS B 1 15 ? -0.602  3.026   -10.112 1.00 23.50 ? 15   LYS B NZ  1 
ATOM   698  N  N   . SER B 1 16 ? -3.365  9.147   -12.135 1.00 13.91 ? 16   SER B N   1 
ATOM   699  C  CA  . SER B 1 16 ? -3.748  9.494   -13.524 1.00 13.66 ? 16   SER B CA  1 
ATOM   700  C  C   . SER B 1 16 ? -5.101  10.176  -13.515 1.00 14.02 ? 16   SER B C   1 
ATOM   701  O  O   . SER B 1 16 ? -5.670  10.408  -12.445 1.00 14.17 ? 16   SER B O   1 
ATOM   702  C  CB  . SER B 1 16 ? -3.870  8.193   -14.321 1.00 14.30 ? 16   SER B CB  1 
ATOM   703  O  OG  . SER B 1 16 ? -5.000  7.456   -13.812 1.00 13.24 ? 16   SER B OG  1 
ATOM   704  N  N   . ALA B 1 17 ? -5.657  10.487  -14.678 1.00 12.88 ? 17   ALA B N   1 
ATOM   705  C  CA  . ALA B 1 17 ? -6.978  11.097  -14.692 1.00 13.29 ? 17   ALA B CA  1 
ATOM   706  C  C   . ALA B 1 17 ? -8.050  10.155  -14.091 1.00 13.06 ? 17   ALA B C   1 
ATOM   707  O  O   . ALA B 1 17 ? -9.120  10.639  -13.648 1.00 13.15 ? 17   ALA B O   1 
ATOM   708  C  CB  . ALA B 1 17 ? -7.367  11.550  -16.095 1.00 13.29 ? 17   ALA B CB  1 
ATOM   709  N  N   . THR B 1 18 ? -7.789  8.847   -14.058 1.00 13.02 ? 18   THR B N   1 
ATOM   710  C  CA  . THR B 1 18 ? -8.819  7.862   -13.648 1.00 12.47 ? 18   THR B CA  1 
ATOM   711  C  C   . THR B 1 18 ? -8.506  7.072   -12.387 1.00 13.07 ? 18   THR B C   1 
ATOM   712  O  O   . THR B 1 18 ? -9.302  6.239   -11.953 1.00 12.40 ? 18   THR B O   1 
ATOM   713  C  CB  . THR B 1 18 ? -9.114  6.847   -14.793 1.00 13.15 ? 18   THR B CB  1 
ATOM   714  O  OG1 . THR B 1 18 ? -7.927  6.081   -15.105 1.00 14.30 ? 18   THR B OG1 1 
ATOM   715  C  CG2 . THR B 1 18 ? -9.614  7.595   -16.002 1.00 13.37 ? 18   THR B CG2 1 
ATOM   716  N  N   . GLN B 1 19 ? -7.344  7.308   -11.779 1.00 13.18 ? 19   GLN B N   1 
ATOM   717  C  CA  . GLN B 1 19 ? -6.940  6.506   -10.644 1.00 13.64 ? 19   GLN B CA  1 
ATOM   718  C  C   . GLN B 1 19 ? -6.198  7.337   -9.593  1.00 13.62 ? 19   GLN B C   1 
ATOM   719  O  O   . GLN B 1 19 ? -5.461  8.235   -9.943  1.00 11.96 ? 19   GLN B O   1 
ATOM   720  C  CB  . GLN B 1 19 ? -6.004  5.403   -11.090 1.00 15.82 ? 19   GLN B CB  1 
ATOM   721  C  CG  . GLN B 1 19 ? -6.539  4.509   -12.187 1.00 18.22 ? 19   GLN B CG  1 
ATOM   722  C  CD  . GLN B 1 19 ? -5.408  3.810   -12.904 1.00 21.77 ? 19   GLN B CD  1 
ATOM   723  O  OE1 . GLN B 1 19 ? -5.259  2.596   -12.799 1.00 23.99 ? 19   GLN B OE1 1 
ATOM   724  N  NE2 . GLN B 1 19 ? -4.580  4.589   -13.628 1.00 22.78 ? 19   GLN B NE2 1 
ATOM   725  N  N   . ARG B 1 20 ? -6.367  6.956   -8.332  1.00 12.36 ? 20   ARG B N   1 
ATOM   726  C  CA  . ARG B 1 20 ? -5.651  7.570   -7.241  1.00 12.26 ? 20   ARG B CA  1 
ATOM   727  C  C   . ARG B 1 20 ? -5.297  6.462   -6.266  1.00 12.16 ? 20   ARG B C   1 
ATOM   728  O  O   . ARG B 1 20 ? -5.938  5.411   -6.258  1.00 11.15 ? 20   ARG B O   1 
ATOM   729  C  CB  . ARG B 1 20 ? -6.528  8.587   -6.521  1.00 12.53 ? 20   ARG B CB  1 
ATOM   730  C  CG  . ARG B 1 20 ? -7.034  9.711   -7.404  1.00 12.76 ? 20   ARG B CG  1 
ATOM   731  C  CD  . ARG B 1 20 ? -7.714  10.809  -6.621  1.00 12.98 ? 20   ARG B CD  1 
ATOM   732  N  NE  . ARG B 1 20 ? -8.046  11.924  -7.483  1.00 13.88 ? 20   ARG B NE  1 
ATOM   733  C  CZ  . ARG B 1 20 ? -8.818  12.951  -7.156  1.00 15.10 ? 20   ARG B CZ  1 
ATOM   734  N  NH1 . ARG B 1 20 ? -9.335  13.074  -5.933  1.00 16.30 ? 20   ARG B NH1 1 
ATOM   735  N  NH2 . ARG B 1 20 ? -9.077  13.866  -8.083  1.00 16.67 ? 20   ARG B NH2 1 
ATOM   736  N  N   . ILE B 1 21 ? -4.245  6.713   -5.493  1.00 11.15 ? 21   ILE B N   1 
ATOM   737  C  CA  . ILE B 1 21 ? -3.960  5.951   -4.284  1.00 11.67 ? 21   ILE B CA  1 
ATOM   738  C  C   . ILE B 1 21 ? -4.521  6.763   -3.089  1.00 11.83 ? 21   ILE B C   1 
ATOM   739  O  O   . ILE B 1 21 ? -4.007  7.857   -2.749  1.00 11.66 ? 21   ILE B O   1 
ATOM   740  C  CB  . ILE B 1 21 ? -2.437  5.749   -4.063  1.00 12.78 ? 21   ILE B CB  1 
ATOM   741  C  CG1 . ILE B 1 21 ? -1.796  5.061   -5.256  1.00 14.24 ? 21   ILE B CG1 1 
ATOM   742  C  CG2 . ILE B 1 21 ? -2.149  4.928   -2.795  1.00 12.75 ? 21   ILE B CG2 1 
ATOM   743  C  CD1 . ILE B 1 21 ? -2.503  3.798   -5.679  1.00 15.02 ? 21   ILE B CD1 1 
ATOM   744  N  N   . ARG B 1 22 ? -5.552  6.220   -2.465  1.00 11.03 ? 22   ARG B N   1 
ATOM   745  C  CA  . ARG B 1 22 ? -6.224  6.850   -1.346  1.00 11.81 ? 22   ARG B CA  1 
ATOM   746  C  C   . ARG B 1 22 ? -5.759  6.263   -0.026  1.00 10.63 ? 22   ARG B C   1 
ATOM   747  O  O   . ARG B 1 22 ? -5.747  5.050   0.158   1.00 11.06 ? 22   ARG B O   1 
ATOM   748  C  CB  . ARG B 1 22 ? -7.736  6.725   -1.465  1.00 12.49 ? 22   ARG B CB  1 
ATOM   749  C  CG  . ARG B 1 22 ? -8.492  7.395   -0.306  1.00 14.35 ? 22   ARG B CG  1 
ATOM   750  C  CD  . ARG B 1 22 ? -9.952  7.419   -0.631  1.00 15.50 ? 22   ARG B CD  1 
ATOM   751  N  NE  . ARG B 1 22 ? -10.142 8.378   -1.709  1.00 16.48 ? 22   ARG B NE  1 
ATOM   752  C  CZ  . ARG B 1 22 ? -11.279 8.580   -2.364  1.00 18.73 ? 22   ARG B CZ  1 
ATOM   753  N  NH1 . ARG B 1 22 ? -12.341 7.848   -2.099  1.00 19.37 ? 22   ARG B NH1 1 
ATOM   754  N  NH2 . ARG B 1 22 ? -11.333 9.536   -3.284  1.00 20.13 ? 22   ARG B NH2 1 
ATOM   755  N  N   . ILE B 1 23 ? -5.350  7.150   0.874   1.00 10.56 ? 23   ILE B N   1 
ATOM   756  C  CA  . ILE B 1 23 ? -4.913  6.779   2.209   1.00 10.88 ? 23   ILE B CA  1 
ATOM   757  C  C   . ILE B 1 23 ? -6.037  7.244   3.119   1.00 11.21 ? 23   ILE B C   1 
ATOM   758  O  O   . ILE B 1 23 ? -6.405  8.402   3.099   1.00 11.20 ? 23   ILE B O   1 
ATOM   759  C  CB  . ILE B 1 23 ? -3.618  7.509   2.607   1.00 11.19 ? 23   ILE B CB  1 
ATOM   760  C  CG1 . ILE B 1 23 ? -2.450  7.046   1.709   1.00 11.92 ? 23   ILE B CG1 1 
ATOM   761  C  CG2 . ILE B 1 23 ? -3.239  7.234   4.058   1.00 11.94 ? 23   ILE B CG2 1 
ATOM   762  C  CD1 . ILE B 1 23 ? -1.198  7.894   1.838   1.00 12.34 ? 23   ILE B CD1 1 
ATOM   763  N  N   . SER B 1 24 ? -6.599  6.333   3.882   1.00 12.41 ? 24   SER B N   1 
ATOM   764  C  CA  . SER B 1 24 ? -7.803  6.645   4.714   1.00 13.81 ? 24   SER B CA  1 
ATOM   765  C  C   . SER B 1 24 ? -7.702  5.987   6.116   1.00 15.53 ? 24   SER B C   1 
ATOM   766  O  O   . SER B 1 24 ? -6.893  5.087   6.319   1.00 14.49 ? 24   SER B O   1 
ATOM   767  C  CB  . SER B 1 24 ? -9.085  6.207   3.978   1.00 15.90 ? 24   SER B CB  1 
ATOM   768  O  OG  . SER B 1 24 ? -9.150  4.794   3.862   1.00 18.59 ? 24   SER B OG  1 
ATOM   769  N  N   . HIS B 1 25 ? -8.471  6.496   7.077   1.00 15.60 ? 25   HIS B N   1 
ATOM   770  C  CA  . HIS B 1 25 ? -8.663  5.834   8.351   1.00 20.56 ? 25   HIS B CA  1 
ATOM   771  C  C   . HIS B 1 25 ? -9.978  5.070   8.272   1.00 21.54 ? 25   HIS B C   1 
ATOM   772  O  O   . HIS B 1 25 ? -10.969 5.607   7.787   1.00 20.02 ? 25   HIS B O   1 
ATOM   773  C  CB  . HIS B 1 25 ? -8.812  6.848   9.502   1.00 23.75 ? 25   HIS B CB  1 
ATOM   774  C  CG  . HIS B 1 25 ? -7.527  7.417   10.000  1.00 27.54 ? 25   HIS B CG  1 
ATOM   775  N  ND1 . HIS B 1 25 ? -6.314  6.765   9.880   1.00 33.22 ? 25   HIS B ND1 1 
ATOM   776  C  CD2 . HIS B 1 25 ? -7.269  8.569   10.662  1.00 31.99 ? 25   HIS B CD2 1 
ATOM   777  C  CE1 . HIS B 1 25 ? -5.362  7.501   10.429  1.00 32.84 ? 25   HIS B CE1 1 
ATOM   778  N  NE2 . HIS B 1 25 ? -5.913  8.599   10.914  1.00 33.73 ? 25   HIS B NE2 1 
ATOM   779  N  N   . ARG B 1 26 ? -9.979  3.841   8.769   1.00 23.51 ? 26   ARG B N   1 
ATOM   780  C  CA  . ARG B 1 26 ? -11.183 3.018   8.911   1.00 27.79 ? 26   ARG B CA  1 
ATOM   781  C  C   . ARG B 1 26 ? -11.263 2.520   10.354  1.00 28.64 ? 26   ARG B C   1 
ATOM   782  O  O   . ARG B 1 26 ? -10.264 2.093   10.899  1.00 23.58 ? 26   ARG B O   1 
ATOM   783  C  CB  . ARG B 1 26 ? -11.107 1.784   8.027   1.00 30.04 ? 26   ARG B CB  1 
ATOM   784  C  CG  . ARG B 1 26 ? -11.294 2.029   6.544   1.00 35.51 ? 26   ARG B CG  1 
ATOM   785  C  CD  . ARG B 1 26 ? -11.846 0.784   5.861   1.00 38.92 ? 26   ARG B CD  1 
ATOM   786  N  NE  . ARG B 1 26 ? -10.942 -0.377  5.910   1.00 39.55 ? 26   ARG B NE  1 
ATOM   787  C  CZ  . ARG B 1 26 ? -11.122 -1.492  6.634   1.00 40.08 ? 26   ARG B CZ  1 
ATOM   788  N  NH1 . ARG B 1 26 ? -12.170 -1.657  7.441   1.00 42.35 ? 26   ARG B NH1 1 
ATOM   789  N  NH2 . ARG B 1 26 ? -10.239 -2.473  6.545   1.00 37.24 ? 26   ARG B NH2 1 
ATOM   790  N  N   . TRP B 1 27 ? -12.461 2.564   10.943  1.00 32.64 ? 27   TRP B N   1 
ATOM   791  C  CA  . TRP B 1 27 ? -12.769 1.929   12.243  1.00 32.03 ? 27   TRP B CA  1 
ATOM   792  C  C   . TRP B 1 27 ? -13.708 0.770   12.029  1.00 32.78 ? 27   TRP B C   1 
ATOM   793  O  O   . TRP B 1 27 ? -14.695 0.923   11.351  1.00 31.57 ? 27   TRP B O   1 
ATOM   794  C  CB  . TRP B 1 27 ? -13.494 2.900   13.155  1.00 31.38 ? 27   TRP B CB  1 
ATOM   795  C  CG  . TRP B 1 27 ? -12.613 3.659   13.953  1.00 30.71 ? 27   TRP B CG  1 
ATOM   796  C  CD1 . TRP B 1 27 ? -12.125 4.872   13.657  1.00 29.71 ? 27   TRP B CD1 1 
ATOM   797  C  CD2 . TRP B 1 27 ? -12.070 3.286   15.218  1.00 31.61 ? 27   TRP B CD2 1 
ATOM   798  N  NE1 . TRP B 1 27 ? -11.309 5.301   14.658  1.00 31.19 ? 27   TRP B NE1 1 
ATOM   799  C  CE2 . TRP B 1 27 ? -11.238 4.336   15.626  1.00 30.39 ? 27   TRP B CE2 1 
ATOM   800  C  CE3 . TRP B 1 27 ? -12.212 2.164   16.053  1.00 32.27 ? 27   TRP B CE3 1 
ATOM   801  C  CZ2 . TRP B 1 27 ? -10.540 4.319   16.846  1.00 32.54 ? 27   TRP B CZ2 1 
ATOM   802  C  CZ3 . TRP B 1 27 ? -11.498 2.138   17.261  1.00 33.42 ? 27   TRP B CZ3 1 
ATOM   803  C  CH2 . TRP B 1 27 ? -10.684 3.208   17.644  1.00 32.05 ? 27   TRP B CH2 1 
ATOM   804  N  N   . TYR B 1 28 ? -13.432 -0.367  12.655  1.00 35.65 ? 28   TYR B N   1 
ATOM   805  C  CA  . TYR B 1 28 ? -14.184 -1.589  12.377  1.00 37.43 ? 28   TYR B CA  1 
ATOM   806  C  C   . TYR B 1 28 ? -14.075 -2.543  13.561  1.00 36.96 ? 28   TYR B C   1 
ATOM   807  O  O   . TYR B 1 28 ? -12.980 -3.007  13.883  1.00 32.33 ? 28   TYR B O   1 
ATOM   808  C  CB  . TYR B 1 28 ? -13.661 -2.250  11.100  1.00 37.52 ? 28   TYR B CB  1 
ATOM   809  N  N   . ARG B 1 29 ? -15.207 -2.757  14.239  1.00 34.40 ? 29   ARG B N   1 
ATOM   810  C  CA  . ARG B 1 29 ? -15.310 -3.704  15.334  1.00 34.11 ? 29   ARG B CA  1 
ATOM   811  C  C   . ARG B 1 29 ? -14.355 -3.364  16.444  1.00 34.33 ? 29   ARG B C   1 
ATOM   812  O  O   . ARG B 1 29 ? -13.669 -4.233  16.942  1.00 36.38 ? 29   ARG B O   1 
ATOM   813  C  CB  . ARG B 1 29 ? -15.051 -5.133  14.844  1.00 33.82 ? 29   ARG B CB  1 
ATOM   814  N  N   . GLY B 1 30 ? -14.303 -2.091  16.811  1.00 37.42 ? 30   GLY B N   1 
ATOM   815  C  CA  . GLY B 1 30 ? -13.477 -1.624  17.927  1.00 36.71 ? 30   GLY B CA  1 
ATOM   816  C  C   . GLY B 1 30 ? -12.035 -1.316  17.556  1.00 39.74 ? 30   GLY B C   1 
ATOM   817  O  O   . GLY B 1 30 ? -11.241 -0.974  18.431  1.00 40.87 ? 30   GLY B O   1 
ATOM   818  N  N   . ARG B 1 31 ? -11.696 -1.398  16.262  1.00 36.85 ? 31   ARG B N   1 
ATOM   819  C  CA  . ARG B 1 31 ? -10.304 -1.285  15.841  1.00 33.49 ? 31   ARG B CA  1 
ATOM   820  C  C   . ARG B 1 31 ? -10.098 -0.355  14.624  1.00 26.82 ? 31   ARG B C   1 
ATOM   821  O  O   . ARG B 1 31 ? -10.793 -0.454  13.612  1.00 25.29 ? 31   ARG B O   1 
ATOM   822  C  CB  . ARG B 1 31 ? -9.729  -2.683  15.569  1.00 33.72 ? 31   ARG B CB  1 
ATOM   823  N  N   . ARG B 1 32 ? -9.090  0.499   14.726  1.00 25.20 ? 32   ARG B N   1 
ATOM   824  C  CA  . ARG B 1 32 ? -8.774  1.450   13.668  1.00 25.07 ? 32   ARG B CA  1 
ATOM   825  C  C   . ARG B 1 32 ? -7.763  0.813   12.723  1.00 22.53 ? 32   ARG B C   1 
ATOM   826  O  O   . ARG B 1 32 ? -6.921  0.041   13.158  1.00 20.92 ? 32   ARG B O   1 
ATOM   827  C  CB  . ARG B 1 32 ? -8.171  2.725   14.214  1.00 28.20 ? 32   ARG B CB  1 
ATOM   828  C  CG  . ARG B 1 32 ? -7.930  3.740   13.108  1.00 32.38 ? 32   ARG B CG  1 
ATOM   829  C  CD  . ARG B 1 32 ? -7.651  5.116   13.679  1.00 37.48 ? 32   ARG B CD  1 
ATOM   830  N  NE  . ARG B 1 32 ? -6.566  5.062   14.667  1.00 41.88 ? 32   ARG B NE  1 
ATOM   831  C  CZ  . ARG B 1 32 ? -5.281  5.308   14.406  1.00 42.23 ? 32   ARG B CZ  1 
ATOM   832  N  NH1 . ARG B 1 32 ? -4.897  5.643   13.179  1.00 43.79 ? 32   ARG B NH1 1 
ATOM   833  N  NH2 . ARG B 1 32 ? -4.381  5.248   15.384  1.00 42.64 ? 32   ARG B NH2 1 
ATOM   834  N  N   . TYR B 1 33 ? -7.891  1.121   11.443  1.00 20.18 ? 33   TYR B N   1 
ATOM   835  C  CA  . TYR B 1 33 ? -6.928  0.711   10.417  1.00 20.93 ? 33   TYR B CA  1 
ATOM   836  C  C   . TYR B 1 33 ? -6.578  1.889   9.543   1.00 18.56 ? 33   TYR B C   1 
ATOM   837  O  O   . TYR B 1 33 ? -7.409  2.786   9.341   1.00 17.09 ? 33   TYR B O   1 
ATOM   838  C  CB  . TYR B 1 33 ? -7.510  -0.384  9.528   1.00 24.14 ? 33   TYR B CB  1 
ATOM   839  C  CG  . TYR B 1 33 ? -7.840  -1.636  10.258  1.00 27.93 ? 33   TYR B CG  1 
ATOM   840  C  CD1 . TYR B 1 33 ? -6.879  -2.614  10.465  1.00 30.36 ? 33   TYR B CD1 1 
ATOM   841  C  CD2 . TYR B 1 33 ? -9.124  -1.851  10.755  1.00 31.15 ? 33   TYR B CD2 1 
ATOM   842  C  CE1 . TYR B 1 33 ? -7.186  -3.784  11.151  1.00 33.07 ? 33   TYR B CE1 1 
ATOM   843  C  CE2 . TYR B 1 33 ? -9.442  -3.016  11.447  1.00 34.93 ? 33   TYR B CE2 1 
ATOM   844  C  CZ  . TYR B 1 33 ? -8.468  -3.978  11.647  1.00 37.36 ? 33   TYR B CZ  1 
ATOM   845  O  OH  . TYR B 1 33 ? -8.787  -5.145  12.324  1.00 42.21 ? 33   TYR B OH  1 
ATOM   846  N  N   . VAL B 1 34 ? -5.359  1.885   9.003   1.00 16.91 ? 34   VAL B N   1 
ATOM   847  C  CA  . VAL B 1 34 ? -4.990  2.860   8.004   1.00 16.93 ? 34   VAL B CA  1 
ATOM   848  C  C   . VAL B 1 34 ? -5.057  2.071   6.705   1.00 17.10 ? 34   VAL B C   1 
ATOM   849  O  O   . VAL B 1 34 ? -4.405  1.037   6.567   1.00 17.42 ? 34   VAL B O   1 
ATOM   850  C  CB  . VAL B 1 34 ? -3.581  3.483   8.225   1.00 16.65 ? 34   VAL B CB  1 
ATOM   851  C  CG1 . VAL B 1 34 ? -3.243  4.421   7.078   1.00 16.65 ? 34   VAL B CG1 1 
ATOM   852  C  CG2 . VAL B 1 34 ? -3.528  4.217   9.548   1.00 17.19 ? 34   VAL B CG2 1 
ATOM   853  N  N   . ASP B 1 35 ? -5.888  2.536   5.796   1.00 16.50 ? 35   ASP B N   1 
ATOM   854  C  CA  . ASP B 1 35 ? -6.159  1.846   4.534   1.00 16.44 ? 35   ASP B CA  1 
ATOM   855  C  C   . ASP B 1 35 ? -5.433  2.570   3.377   1.00 14.85 ? 35   ASP B C   1 
ATOM   856  O  O   . ASP B 1 35 ? -5.364  3.797   3.326   1.00 14.25 ? 35   ASP B O   1 
ATOM   857  C  CB  . ASP B 1 35 ? -7.667  1.819   4.339   1.00 17.80 ? 35   ASP B CB  1 
ATOM   858  C  CG  . ASP B 1 35 ? -8.109  0.935   3.196   1.00 22.22 ? 35   ASP B CG  1 
ATOM   859  O  OD1 . ASP B 1 35 ? -8.351  -0.286  3.435   1.00 24.83 ? 35   ASP B OD1 1 
ATOM   860  O  OD2 . ASP B 1 35 ? -8.272  1.486   2.084   1.00 21.13 ? 35   ASP B OD2 1 
ATOM   861  N  N   . VAL B 1 36 ? -4.808  1.796   2.494   1.00 14.59 ? 36   VAL B N   1 
ATOM   862  C  CA  . VAL B 1 36 ? -4.084  2.323   1.366   1.00 13.17 ? 36   VAL B CA  1 
ATOM   863  C  C   . VAL B 1 36 ? -4.554  1.522   0.142   1.00 13.31 ? 36   VAL B C   1 
ATOM   864  O  O   . VAL B 1 36 ? -4.362  0.326   0.083   1.00 11.28 ? 36   VAL B O   1 
ATOM   865  C  CB  . VAL B 1 36 ? -2.551  2.171   1.527   1.00 14.35 ? 36   VAL B CB  1 
ATOM   866  C  CG1 . VAL B 1 36 ? -1.868  2.747   0.308   1.00 14.65 ? 36   VAL B CG1 1 
ATOM   867  C  CG2 . VAL B 1 36 ? -2.078  2.836   2.827   1.00 14.53 ? 36   VAL B CG2 1 
ATOM   868  N  N   . ARG B 1 37 ? -5.206  2.199   -0.803  1.00 12.84 ? 37   ARG B N   1 
ATOM   869  C  CA  . ARG B 1 37 ? -6.050  1.543   -1.777  1.00 12.88 ? 37   ARG B CA  1 
ATOM   870  C  C   . ARG B 1 37 ? -6.131  2.268   -3.097  1.00 12.81 ? 37   ARG B C   1 
ATOM   871  O  O   . ARG B 1 37 ? -6.214  3.488   -3.154  1.00 11.52 ? 37   ARG B O   1 
ATOM   872  C  CB  . ARG B 1 37 ? -7.447  1.419   -1.160  1.00 14.04 ? 37   ARG B CB  1 
ATOM   873  C  CG  . ARG B 1 37 ? -8.459  0.575   -1.898  1.00 15.18 ? 37   ARG B CG  1 
ATOM   874  C  CD  . ARG B 1 37 ? -9.688  0.388   -0.989  1.00 16.42 ? 37   ARG B CD  1 
ATOM   875  N  NE  . ARG B 1 37 ? -9.340  -0.350  0.219   1.00 17.12 ? 37   ARG B NE  1 
ATOM   876  C  CZ  . ARG B 1 37 ? -9.177  -1.673  0.288   1.00 17.91 ? 37   ARG B CZ  1 
ATOM   877  N  NH1 . ARG B 1 37 ? -9.415  -2.476  -0.760  1.00 20.45 ? 37   ARG B NH1 1 
ATOM   878  N  NH2 . ARG B 1 37 ? -8.806  -2.208  1.437   1.00 19.72 ? 37   ARG B NH2 1 
ATOM   879  N  N   . LEU B 1 38 ? -6.091  1.487   -4.164  1.00 12.31 ? 38   LEU B N   1 
ATOM   880  C  CA  . LEU B 1 38 ? -6.403  2.004   -5.464  1.00 12.33 ? 38   LEU B CA  1 
ATOM   881  C  C   . LEU B 1 38 ? -7.899  2.350   -5.551  1.00 12.34 ? 38   LEU B C   1 
ATOM   882  O  O   . LEU B 1 38 ? -8.775  1.491   -5.281  1.00 12.58 ? 38   LEU B O   1 
ATOM   883  C  CB  . LEU B 1 38 ? -5.986  1.024   -6.543  1.00 12.54 ? 38   LEU B CB  1 
ATOM   884  C  CG  . LEU B 1 38 ? -6.389  1.488   -7.945  1.00 13.75 ? 38   LEU B CG  1 
ATOM   885  C  CD1 . LEU B 1 38 ? -5.647  2.760   -8.353  1.00 14.29 ? 38   LEU B CD1 1 
ATOM   886  C  CD2 . LEU B 1 38 ? -6.255  0.368   -8.972  1.00 14.38 ? 38   LEU B CD2 1 
ATOM   887  N  N   . VAL B 1 39 ? -8.184  3.591   -5.974  1.00 11.57 ? 39   VAL B N   1 
ATOM   888  C  CA  . VAL B 1 39 ? -9.540  4.067   -6.238  1.00 13.00 ? 39   VAL B CA  1 
ATOM   889  C  C   . VAL B 1 39 ? -9.612  4.570   -7.706  1.00 14.23 ? 39   VAL B C   1 
ATOM   890  O  O   . VAL B 1 39 ? -8.605  5.087   -8.224  1.00 12.65 ? 39   VAL B O   1 
ATOM   891  C  CB  . VAL B 1 39 ? -10.032 5.155   -5.223  1.00 13.08 ? 39   VAL B CB  1 
ATOM   892  C  CG1 . VAL B 1 39 ? -9.787  4.697   -3.790  1.00 13.38 ? 39   VAL B CG1 1 
ATOM   893  C  CG2 . VAL B 1 39 ? -9.330  6.474   -5.389  1.00 13.45 ? 39   VAL B CG2 1 
ATOM   894  N  N   . VAL B 1 40 ? -10.767 4.328   -8.330  1.00 14.56 ? 40   VAL B N   1 
ATOM   895  C  CA  . VAL B 1 40 ? -11.029 4.607   -9.745  1.00 16.11 ? 40   VAL B CA  1 
ATOM   896  C  C   . VAL B 1 40 ? -12.220 5.525   -10.014 1.00 16.81 ? 40   VAL B C   1 
ATOM   897  O  O   . VAL B 1 40 ? -13.226 5.542   -9.290  1.00 16.48 ? 40   VAL B O   1 
ATOM   898  C  CB  . VAL B 1 40 ? -11.149 3.307   -10.587 1.00 16.92 ? 40   VAL B CB  1 
ATOM   899  C  CG1 . VAL B 1 40 ? -9.890  2.493   -10.465 1.00 17.68 ? 40   VAL B CG1 1 
ATOM   900  C  CG2 . VAL B 1 40 ? -12.335 2.472   -10.171 1.00 17.33 ? 40   VAL B CG2 1 
ATOM   901  N  N   . VAL B 1 41 ? -12.108 6.315   -11.079 1.00 16.55 ? 41   VAL B N   1 
ATOM   902  C  CA  . VAL B 1 41 ? -13.076 7.392   -11.299 1.00 18.36 ? 41   VAL B CA  1 
ATOM   903  C  C   . VAL B 1 41 ? -14.461 6.875   -11.716 1.00 18.27 ? 41   VAL B C   1 
ATOM   904  O  O   . VAL B 1 41 ? -14.583 5.813   -12.336 1.00 19.04 ? 41   VAL B O   1 
ATOM   905  C  CB  . VAL B 1 41 ? -12.546 8.414   -12.312 1.00 18.36 ? 41   VAL B CB  1 
ATOM   906  C  CG1 . VAL B 1 41 ? -12.622 7.876   -13.732 1.00 19.65 ? 41   VAL B CG1 1 
ATOM   907  C  CG2 . VAL B 1 41 ? -13.319 9.713   -12.152 1.00 19.05 ? 41   VAL B CG2 1 
ATOM   908  N  N   . ASP B 1 42 ? -15.509 7.592   -11.303 1.00 18.56 ? 42   ASP B N   1 
ATOM   909  C  CA  . ASP B 1 42 ? -16.863 7.250   -11.721 1.00 19.34 ? 42   ASP B CA  1 
ATOM   910  C  C   . ASP B 1 42 ? -17.325 8.219   -12.805 1.00 20.32 ? 42   ASP B C   1 
ATOM   911  O  O   . ASP B 1 42 ? -16.511 9.020   -13.305 1.00 20.66 ? 42   ASP B O   1 
ATOM   912  C  CB  . ASP B 1 42 ? -17.831 7.182   -10.534 1.00 19.35 ? 42   ASP B CB  1 
ATOM   913  C  CG  . ASP B 1 42 ? -18.017 8.513   -9.798  1.00 20.03 ? 42   ASP B CG  1 
ATOM   914  O  OD1 . ASP B 1 42 ? -17.860 9.611   -10.389 1.00 19.95 ? 42   ASP B OD1 1 
ATOM   915  O  OD2 . ASP B 1 42 ? -18.400 8.455   -8.595  1.00 19.76 ? 42   ASP B OD2 1 
ATOM   916  N  N   . ARG B 1 43 ? -18.613 8.158   -13.154 1.00 20.21 ? 43   ARG B N   1 
ATOM   917  C  CA  . ARG B 1 43 ? -19.144 9.005   -14.251 1.00 22.02 ? 43   ARG B CA  1 
ATOM   918  C  C   . ARG B 1 43 ? -19.307 10.476  -13.886 1.00 23.32 ? 43   ARG B C   1 
ATOM   919  O  O   . ARG B 1 43 ? -19.532 11.309  -14.789 1.00 24.26 ? 43   ARG B O   1 
ATOM   920  C  CB  . ARG B 1 43 ? -20.500 8.501   -14.745 1.00 23.53 ? 43   ARG B CB  1 
ATOM   921  C  CG  . ARG B 1 43 ? -20.429 7.513   -15.889 1.00 24.65 ? 43   ARG B CG  1 
ATOM   922  C  CD  . ARG B 1 43 ? -19.601 6.282   -15.564 1.00 25.58 ? 43   ARG B CD  1 
ATOM   923  N  NE  . ARG B 1 43 ? -19.468 5.404   -16.737 1.00 25.73 ? 43   ARG B NE  1 
ATOM   924  C  CZ  . ARG B 1 43 ? -19.197 4.099   -16.677 1.00 25.25 ? 43   ARG B CZ  1 
ATOM   925  N  NH1 . ARG B 1 43 ? -19.031 3.464   -15.501 1.00 25.07 ? 43   ARG B NH1 1 
ATOM   926  N  NH2 . ARG B 1 43 ? -19.100 3.415   -17.787 1.00 23.34 ? 43   ARG B NH2 1 
ATOM   927  N  N   . ASP B 1 44 ? -19.212 10.786  -12.588 1.00 21.82 ? 44   ASP B N   1 
ATOM   928  C  CA  . ASP B 1 44 ? -19.403 12.144  -12.069 1.00 22.78 ? 44   ASP B CA  1 
ATOM   929  C  C   . ASP B 1 44 ? -18.134 12.821  -11.579 1.00 23.18 ? 44   ASP B C   1 
ATOM   930  O  O   . ASP B 1 44 ? -18.191 13.875  -10.938 1.00 23.99 ? 44   ASP B O   1 
ATOM   931  C  CB  . ASP B 1 44 ? -20.467 12.108  -10.982 1.00 24.21 ? 44   ASP B CB  1 
ATOM   932  C  CG  . ASP B 1 44 ? -21.781 11.595  -11.510 1.00 26.36 ? 44   ASP B CG  1 
ATOM   933  O  OD1 . ASP B 1 44 ? -22.341 12.249  -12.417 1.00 26.10 ? 44   ASP B OD1 1 
ATOM   934  O  OD2 . ASP B 1 44 ? -22.190 10.492  -11.090 1.00 29.31 ? 44   ASP B OD2 1 
ATOM   935  N  N   . GLY B 1 45 ? -16.982 12.249  -11.916 1.00 24.23 ? 45   GLY B N   1 
ATOM   936  C  CA  . GLY B 1 45 ? -15.703 12.851  -11.546 1.00 23.94 ? 45   GLY B CA  1 
ATOM   937  C  C   . GLY B 1 45 ? -15.220 12.517  -10.144 1.00 23.09 ? 45   GLY B C   1 
ATOM   938  O  O   . GLY B 1 45 ? -14.168 13.012  -9.728  1.00 22.09 ? 45   GLY B O   1 
ATOM   939  N  N   . ASP B 1 46 ? -15.961 11.676  -9.416  1.00 22.40 ? 46   ASP B N   1 
ATOM   940  C  CA  . ASP B 1 46 ? -15.514 11.214  -8.099  1.00 21.92 ? 46   ASP B CA  1 
ATOM   941  C  C   . ASP B 1 46 ? -14.937 9.804   -8.217  1.00 20.14 ? 46   ASP B C   1 
ATOM   942  O  O   . ASP B 1 46 ? -14.873 9.266   -9.280  1.00 19.67 ? 46   ASP B O   1 
ATOM   943  C  CB  . ASP B 1 46 ? -16.660 11.259  -7.093  1.00 24.48 ? 46   ASP B CB  1 
ATOM   944  C  CG  . ASP B 1 46 ? -17.219 12.641  -6.927  1.00 27.21 ? 46   ASP B CG  1 
ATOM   945  O  OD1 . ASP B 1 46 ? -16.418 13.606  -6.852  1.00 25.77 ? 46   ASP B OD1 1 
ATOM   946  O  OD2 . ASP B 1 46 ? -18.460 12.767  -6.908  1.00 29.85 ? 46   ASP B OD2 1 
ATOM   947  N  N   . PHE B 1 47 ? -14.514 9.199   -7.112  1.00 19.23 ? 47   PHE B N   1 
ATOM   948  C  CA  . PHE B 1 47 ? -13.732 7.987   -7.196  1.00 18.59 ? 47   PHE B CA  1 
ATOM   949  C  C   . PHE B 1 47 ? -14.346 6.922   -6.325  1.00 18.69 ? 47   PHE B C   1 
ATOM   950  O  O   . PHE B 1 47 ? -14.998 7.243   -5.329  1.00 19.54 ? 47   PHE B O   1 
ATOM   951  C  CB  . PHE B 1 47 ? -12.303 8.269   -6.764  1.00 17.41 ? 47   PHE B CB  1 
ATOM   952  C  CG  . PHE B 1 47 ? -11.565 9.075   -7.757  1.00 17.61 ? 47   PHE B CG  1 
ATOM   953  C  CD1 . PHE B 1 47 ? -11.729 10.467  -7.796  1.00 17.84 ? 47   PHE B CD1 1 
ATOM   954  C  CD2 . PHE B 1 47 ? -10.779 8.462   -8.714  1.00 17.39 ? 47   PHE B CD2 1 
ATOM   955  C  CE1 . PHE B 1 47 ? -11.090 11.207  -8.781  1.00 16.53 ? 47   PHE B CE1 1 
ATOM   956  C  CE2 . PHE B 1 47 ? -10.128 9.211   -9.680  1.00 18.03 ? 47   PHE B CE2 1 
ATOM   957  C  CZ  . PHE B 1 47 ? -10.293 10.573  -9.708  1.00 17.13 ? 47   PHE B CZ  1 
ATOM   958  N  N   . VAL B 1 48 ? -14.122 5.683   -6.718  1.00 16.95 ? 48   VAL B N   1 
ATOM   959  C  CA  . VAL B 1 48 ? -14.697 4.508   -6.072  1.00 17.33 ? 48   VAL B CA  1 
ATOM   960  C  C   . VAL B 1 48 ? -13.593 3.510   -5.672  1.00 16.59 ? 48   VAL B C   1 
ATOM   961  O  O   . VAL B 1 48 ? -12.747 3.115   -6.516  1.00 14.07 ? 48   VAL B O   1 
ATOM   962  C  CB  . VAL B 1 48 ? -15.677 3.825   -7.056  1.00 18.53 ? 48   VAL B CB  1 
ATOM   963  C  CG1 . VAL B 1 48 ? -16.183 2.505   -6.497  1.00 20.28 ? 48   VAL B CG1 1 
ATOM   964  C  CG2 . VAL B 1 48 ? -16.844 4.757   -7.376  1.00 20.29 ? 48   VAL B CG2 1 
ATOM   965  N  N   . PRO B 1 49 ? -13.615 3.029   -4.404  1.00 16.48 ? 49   PRO B N   1 
ATOM   966  C  CA  . PRO B 1 49 ? -12.509 2.164   -4.019  1.00 16.20 ? 49   PRO B CA  1 
ATOM   967  C  C   . PRO B 1 49 ? -12.584 0.771   -4.642  1.00 16.65 ? 49   PRO B C   1 
ATOM   968  O  O   . PRO B 1 49 ? -13.686 0.225   -4.765  1.00 19.07 ? 49   PRO B O   1 
ATOM   969  C  CB  . PRO B 1 49 ? -12.626 2.072   -2.490  1.00 16.54 ? 49   PRO B CB  1 
ATOM   970  C  CG  . PRO B 1 49 ? -14.040 2.424   -2.162  1.00 17.11 ? 49   PRO B CG  1 
ATOM   971  C  CD  . PRO B 1 49 ? -14.606 3.212   -3.321  1.00 17.00 ? 49   PRO B CD  1 
ATOM   972  N  N   . THR B 1 50 ? -11.423 0.208   -4.989  1.00 15.56 ? 50   THR B N   1 
ATOM   973  C  CA  . THR B 1 50 ? -11.300 -1.148  -5.553  1.00 16.20 ? 50   THR B CA  1 
ATOM   974  C  C   . THR B 1 50 ? -10.867 -2.109  -4.455  1.00 16.80 ? 50   THR B C   1 
ATOM   975  O  O   . THR B 1 50 ? -10.591 -1.664  -3.350  1.00 17.41 ? 50   THR B O   1 
ATOM   976  C  CB  . THR B 1 50 ? -10.215 -1.212  -6.666  1.00 15.15 ? 50   THR B CB  1 
ATOM   977  O  OG1 . THR B 1 50 ? -8.919  -1.075  -6.080  1.00 14.86 ? 50   THR B OG1 1 
ATOM   978  C  CG2 . THR B 1 50 ? -10.429 -0.136  -7.769  1.00 15.86 ? 50   THR B CG2 1 
ATOM   979  N  N   . ARG B 1 51 ? -10.742 -3.403  -4.770  1.00 17.20 ? 51   ARG B N   1 
ATOM   980  C  CA  . ARG B 1 51 ? -10.173 -4.375  -3.836  1.00 18.69 ? 51   ARG B CA  1 
ATOM   981  C  C   . ARG B 1 51 ? -8.638  -4.326  -3.742  1.00 18.61 ? 51   ARG B C   1 
ATOM   982  O  O   . ARG B 1 51 ? -8.041  -5.009  -2.904  1.00 20.49 ? 51   ARG B O   1 
ATOM   983  C  CB  . ARG B 1 51 ? -10.597 -5.790  -4.219  1.00 20.10 ? 51   ARG B CB  1 
ATOM   984  C  CG  . ARG B 1 51 ? -12.075 -6.047  -4.002  1.00 22.95 ? 51   ARG B CG  1 
ATOM   985  C  CD  . ARG B 1 51 ? -12.530 -7.360  -4.650  1.00 26.71 ? 51   ARG B CD  1 
ATOM   986  N  NE  . ARG B 1 51 ? -12.137 -7.424  -6.053  1.00 29.21 ? 51   ARG B NE  1 
ATOM   987  C  CZ  . ARG B 1 51 ? -11.994 -8.544  -6.770  1.00 37.87 ? 51   ARG B CZ  1 
ATOM   988  N  NH1 . ARG B 1 51 ? -12.256 -9.750  -6.250  1.00 39.25 ? 51   ARG B NH1 1 
ATOM   989  N  NH2 . ARG B 1 51 ? -11.610 -8.456  -8.045  1.00 39.63 ? 51   ARG B NH2 1 
ATOM   990  N  N   . GLN B 1 52 ? -7.993  -3.538  -4.582  1.00 17.49 ? 52   GLN B N   1 
ATOM   991  C  CA  . GLN B 1 52 ? -6.541  -3.516  -4.596  1.00 16.99 ? 52   GLN B CA  1 
ATOM   992  C  C   . GLN B 1 52 ? -6.017  -2.514  -3.560  1.00 15.96 ? 52   GLN B C   1 
ATOM   993  O  O   . GLN B 1 52 ? -5.737  -1.339  -3.847  1.00 15.54 ? 52   GLN B O   1 
ATOM   994  C  CB  . GLN B 1 52 ? -6.035  -3.200  -5.974  1.00 18.49 ? 52   GLN B CB  1 
ATOM   995  C  CG  . GLN B 1 52 ? -6.519  -4.173  -7.053  1.00 20.46 ? 52   GLN B CG  1 
ATOM   996  C  CD  . GLN B 1 52 ? -6.082  -3.709  -8.431  1.00 22.04 ? 52   GLN B CD  1 
ATOM   997  O  OE1 . GLN B 1 52 ? -4.969  -3.252  -8.599  1.00 22.09 ? 52   GLN B OE1 1 
ATOM   998  N  NE2 . GLN B 1 52 ? -6.978  -3.766  -9.402  1.00 26.94 ? 52   GLN B NE2 1 
ATOM   999  N  N   . GLY B 1 53 ? -5.899  -2.993  -2.345  1.00 15.03 ? 53   GLY B N   1 
ATOM   1000 C  CA  . GLY B 1 53 ? -5.605  -2.119  -1.222  1.00 15.26 ? 53   GLY B CA  1 
ATOM   1001 C  C   . GLY B 1 53 ? -5.218  -2.947  -0.042  1.00 15.83 ? 53   GLY B C   1 
ATOM   1002 O  O   . GLY B 1 53 ? -5.513  -4.141  -0.012  1.00 14.67 ? 53   GLY B O   1 
ATOM   1003 N  N   . ILE B 1 54 ? -4.550  -2.315  0.921   1.00 17.73 ? 54   ILE B N   1 
ATOM   1004 C  CA  . ILE B 1 54 ? -4.154  -2.996  2.152   1.00 18.55 ? 54   ILE B CA  1 
ATOM   1005 C  C   . ILE B 1 54 ? -4.619  -2.199  3.364   1.00 19.04 ? 54   ILE B C   1 
ATOM   1006 O  O   . ILE B 1 54 ? -4.718  -0.974  3.321   1.00 17.87 ? 54   ILE B O   1 
ATOM   1007 C  CB  . ILE B 1 54 ? -2.640  -3.205  2.268   1.00 20.93 ? 54   ILE B CB  1 
ATOM   1008 C  CG1 . ILE B 1 54 ? -1.898  -1.865  2.359   1.00 22.98 ? 54   ILE B CG1 1 
ATOM   1009 C  CG2 . ILE B 1 54 ? -2.155  -4.024  1.101   1.00 21.98 ? 54   ILE B CG2 1 
ATOM   1010 C  CD1 . ILE B 1 54 ? -0.430  -1.984  2.727   1.00 25.62 ? 54   ILE B CD1 1 
ATOM   1011 N  N   . SER B 1 55 ? -4.879  -2.924  4.445   1.00 21.07 ? 55   SER B N   1 
ATOM   1012 C  CA  . SER B 1 55 ? -5.362  -2.355  5.706   1.00 22.07 ? 55   SER B CA  1 
ATOM   1013 C  C   . SER B 1 55 ? -4.317  -2.669  6.799   1.00 22.36 ? 55   SER B C   1 
ATOM   1014 O  O   . SER B 1 55 ? -4.012  -3.823  7.079   1.00 22.56 ? 55   SER B O   1 
ATOM   1015 C  CB  . SER B 1 55 ? -6.721  -2.933  6.081   1.00 25.85 ? 55   SER B CB  1 
ATOM   1016 O  OG  . SER B 1 55 ? -7.777  -2.269  5.397   1.00 30.42 ? 55   SER B OG  1 
ATOM   1017 N  N   . ILE B 1 56 ? -3.796  -1.622  7.407   1.00 20.03 ? 56   ILE B N   1 
ATOM   1018 C  CA  . ILE B 1 56 ? -2.559  -1.657  8.188   1.00 21.36 ? 56   ILE B CA  1 
ATOM   1019 C  C   . ILE B 1 56 ? -2.997  -1.259  9.601   1.00 20.22 ? 56   ILE B C   1 
ATOM   1020 O  O   . ILE B 1 56 ? -3.555  -0.194  9.768   1.00 19.33 ? 56   ILE B O   1 
ATOM   1021 C  CB  . ILE B 1 56 ? -1.620  -0.543  7.616   1.00 21.43 ? 56   ILE B CB  1 
ATOM   1022 C  CG1 . ILE B 1 56 ? -1.400  -0.722  6.103   1.00 23.61 ? 56   ILE B CG1 1 
ATOM   1023 C  CG2 . ILE B 1 56 ? -0.251  -0.458  8.282   1.00 22.11 ? 56   ILE B CG2 1 
ATOM   1024 C  CD1 . ILE B 1 56 ? -0.577  0.388   5.493   1.00 24.54 ? 56   ILE B CD1 1 
ATOM   1025 N  N   . ARG B 1 57 ? -2.784  -2.080  10.617  1.00 18.89 ? 57   ARG B N   1 
ATOM   1026 C  CA  . ARG B 1 57 ? -3.051  -1.571  11.958  1.00 18.85 ? 57   ARG B CA  1 
ATOM   1027 C  C   . ARG B 1 57 ? -2.042  -0.449  12.267  1.00 17.89 ? 57   ARG B C   1 
ATOM   1028 O  O   . ARG B 1 57 ? -0.960  -0.440  11.726  1.00 15.78 ? 57   ARG B O   1 
ATOM   1029 C  CB  . ARG B 1 57 ? -3.045  -2.683  12.980  1.00 22.59 ? 57   ARG B CB  1 
ATOM   1030 C  CG  . ARG B 1 57 ? -1.701  -3.269  13.282  1.00 25.39 ? 57   ARG B CG  1 
ATOM   1031 C  CD  . ARG B 1 57 ? -1.911  -4.473  14.170  1.00 28.15 ? 57   ARG B CD  1 
ATOM   1032 N  NE  . ARG B 1 57 ? -0.663  -5.178  14.383  1.00 30.80 ? 57   ARG B NE  1 
ATOM   1033 C  CZ  . ARG B 1 57 ? -0.361  -6.361  13.834  1.00 30.62 ? 57   ARG B CZ  1 
ATOM   1034 N  NH1 . ARG B 1 57 ? -1.212  -7.001  13.036  1.00 29.06 ? 57   ARG B NH1 1 
ATOM   1035 N  NH2 . ARG B 1 57 ? 0.807   -6.912  14.106  1.00 34.08 ? 57   ARG B NH2 1 
ATOM   1036 N  N   . PRO B 1 58 ? -2.422  0.529   13.102  1.00 17.94 ? 58   PRO B N   1 
ATOM   1037 C  CA  . PRO B 1 58 ? -1.577  1.703   13.270  1.00 18.77 ? 58   PRO B CA  1 
ATOM   1038 C  C   . PRO B 1 58 ? -0.158  1.431   13.734  1.00 17.46 ? 58   PRO B C   1 
ATOM   1039 O  O   . PRO B 1 58 ? 0.773   2.152   13.312  1.00 17.02 ? 58   PRO B O   1 
ATOM   1040 C  CB  . PRO B 1 58 ? -2.358  2.553   14.283  1.00 19.04 ? 58   PRO B CB  1 
ATOM   1041 C  CG  . PRO B 1 58 ? -3.770  2.165   14.053  1.00 19.80 ? 58   PRO B CG  1 
ATOM   1042 C  CD  . PRO B 1 58 ? -3.724  0.698   13.794  1.00 18.80 ? 58   PRO B CD  1 
ATOM   1043 N  N   . GLU B 1 59 ? 0.030   0.390   14.537  1.00 18.35 ? 59   GLU B N   1 
ATOM   1044 C  CA  . GLU B 1 59 ? 1.355   0.048   15.069  1.00 21.08 ? 59   GLU B CA  1 
ATOM   1045 C  C   . GLU B 1 59 ? 2.357   -0.440  13.988  1.00 19.94 ? 59   GLU B C   1 
ATOM   1046 O  O   . GLU B 1 59 ? 3.558   -0.620  14.284  1.00 20.06 ? 59   GLU B O   1 
ATOM   1047 C  CB  . GLU B 1 59 ? 1.252   -1.045  16.147  1.00 25.18 ? 59   GLU B CB  1 
ATOM   1048 C  CG  . GLU B 1 59 ? 0.076   -0.878  17.100  1.00 30.07 ? 59   GLU B CG  1 
ATOM   1049 C  CD  . GLU B 1 59 ? -1.190  -1.585  16.614  1.00 35.38 ? 59   GLU B CD  1 
ATOM   1050 O  OE1 . GLU B 1 59 ? -1.195  -2.840  16.541  1.00 42.17 ? 59   GLU B OE1 1 
ATOM   1051 O  OE2 . GLU B 1 59 ? -2.170  -0.887  16.311  1.00 33.40 ? 59   GLU B OE2 1 
ATOM   1052 N  N   . LEU B 1 60 ? 1.865   -0.674  12.771  1.00 16.40 ? 60   LEU B N   1 
ATOM   1053 C  CA  . LEU B 1 60 ? 2.705   -1.137  11.667  1.00 15.60 ? 60   LEU B CA  1 
ATOM   1054 C  C   . LEU B 1 60 ? 3.055   -0.007  10.727  1.00 14.51 ? 60   LEU B C   1 
ATOM   1055 O  O   . LEU B 1 60 ? 3.884   -0.203  9.821   1.00 13.47 ? 60   LEU B O   1 
ATOM   1056 C  CB  . LEU B 1 60 ? 1.995   -2.234  10.881  1.00 15.13 ? 60   LEU B CB  1 
ATOM   1057 C  CG  . LEU B 1 60 ? 1.664   -3.509  11.657  1.00 16.14 ? 60   LEU B CG  1 
ATOM   1058 C  CD1 . LEU B 1 60 ? 1.112   -4.599  10.771  1.00 15.61 ? 60   LEU B CD1 1 
ATOM   1059 C  CD2 . LEU B 1 60 ? 2.857   -4.020  12.425  1.00 16.49 ? 60   LEU B CD2 1 
ATOM   1060 N  N   . LEU B 1 61 ? 2.432   1.162   10.903  1.00 15.39 ? 61   LEU B N   1 
ATOM   1061 C  CA  . LEU B 1 61 ? 2.672   2.270   10.026  1.00 15.99 ? 61   LEU B CA  1 
ATOM   1062 C  C   . LEU B 1 61 ? 4.132   2.683   9.925   1.00 15.22 ? 61   LEU B C   1 
ATOM   1063 O  O   . LEU B 1 61 ? 4.603   2.931   8.821   1.00 12.83 ? 61   LEU B O   1 
ATOM   1064 C  CB  . LEU B 1 61 ? 1.868   3.538   10.397  1.00 19.47 ? 61   LEU B CB  1 
ATOM   1065 C  CG  . LEU B 1 61 ? 0.482   3.759   9.833   1.00 22.92 ? 61   LEU B CG  1 
ATOM   1066 C  CD1 . LEU B 1 61 ? -0.179  4.949   10.530  1.00 24.76 ? 61   LEU B CD1 1 
ATOM   1067 C  CD2 . LEU B 1 61 ? 0.499   3.976   8.340   1.00 24.18 ? 61   LEU B CD2 1 
ATOM   1068 N  N   . ALA B 1 62 ? 4.822   2.828   11.066  1.00 14.11 ? 62   ALA B N   1 
ATOM   1069 C  CA  . ALA B 1 62 ? 6.231   3.247   11.030  1.00 13.56 ? 62   ALA B CA  1 
ATOM   1070 C  C   . ALA B 1 62 ? 7.092   2.342   10.127  1.00 13.06 ? 62   ALA B C   1 
ATOM   1071 O  O   . ALA B 1 62 ? 7.917   2.822   9.370   1.00 13.05 ? 62   ALA B O   1 
ATOM   1072 C  CB  . ALA B 1 62 ? 6.807   3.327   12.438  1.00 13.91 ? 62   ALA B CB  1 
ATOM   1073 N  N   . GLN B 1 63 ? 6.873   1.041   10.188  1.00 12.26 ? 63   GLN B N   1 
ATOM   1074 C  CA  . GLN B 1 63 ? 7.617   0.106   9.416   1.00 12.54 ? 63   GLN B CA  1 
ATOM   1075 C  C   . GLN B 1 63 ? 7.299   0.242   7.934   1.00 12.25 ? 63   GLN B C   1 
ATOM   1076 O  O   . GLN B 1 63 ? 8.179   0.100   7.081   1.00 13.50 ? 63   GLN B O   1 
ATOM   1077 C  CB  . GLN B 1 63 ? 7.291   -1.283  9.916   1.00 13.23 ? 63   GLN B CB  1 
ATOM   1078 C  CG  . GLN B 1 63 ? 8.116   -1.678  11.130  1.00 13.98 ? 63   GLN B CG  1 
ATOM   1079 C  CD  . GLN B 1 63 ? 7.558   -2.932  11.779  1.00 14.50 ? 63   GLN B CD  1 
ATOM   1080 O  OE1 . GLN B 1 63 ? 6.786   -2.856  12.704  1.00 16.23 ? 63   GLN B OE1 1 
ATOM   1081 N  NE2 . GLN B 1 63 ? 7.895   -4.063  11.243  1.00 15.72 ? 63   GLN B NE2 1 
ATOM   1082 N  N   . VAL B 1 64 ? 6.029   0.509   7.622   1.00 11.78 ? 64   VAL B N   1 
ATOM   1083 C  CA  . VAL B 1 64 ? 5.657   0.685   6.234   1.00 12.28 ? 64   VAL B CA  1 
ATOM   1084 C  C   . VAL B 1 64 ? 6.291   1.970   5.697   1.00 11.83 ? 64   VAL B C   1 
ATOM   1085 O  O   . VAL B 1 64 ? 6.828   1.997   4.598   1.00 12.48 ? 64   VAL B O   1 
ATOM   1086 C  CB  . VAL B 1 64 ? 4.136   0.664   6.056   1.00 12.43 ? 64   VAL B CB  1 
ATOM   1087 C  CG1 . VAL B 1 64 ? 3.745   1.042   4.633   1.00 13.02 ? 64   VAL B CG1 1 
ATOM   1088 C  CG2 . VAL B 1 64 ? 3.624   -0.725  6.396   1.00 12.99 ? 64   VAL B CG2 1 
ATOM   1089 N  N   . ILE B 1 65 ? 6.236   3.031   6.483   1.00 12.03 ? 65   ILE B N   1 
ATOM   1090 C  CA  . ILE B 1 65 ? 6.914   4.304   6.137   1.00 12.18 ? 65   ILE B CA  1 
ATOM   1091 C  C   . ILE B 1 65 ? 8.407   4.088   5.890   1.00 12.77 ? 65   ILE B C   1 
ATOM   1092 O  O   . ILE B 1 65 ? 8.946   4.556   4.881   1.00 13.49 ? 65   ILE B O   1 
ATOM   1093 C  CB  . ILE B 1 65 ? 6.679   5.406   7.220   1.00 12.18 ? 65   ILE B CB  1 
ATOM   1094 C  CG1 . ILE B 1 65 ? 5.209   5.821   7.229   1.00 12.83 ? 65   ILE B CG1 1 
ATOM   1095 C  CG2 . ILE B 1 65 ? 7.514   6.647   6.934   1.00 12.24 ? 65   ILE B CG2 1 
ATOM   1096 C  CD1 . ILE B 1 65 ? 4.723   6.573   8.426   1.00 13.12 ? 65   ILE B CD1 1 
ATOM   1097 N  N   . GLN B 1 66 ? 9.071   3.435   6.832   1.00 13.46 ? 66   GLN B N   1 
ATOM   1098 C  CA  . GLN B 1 66 ? 10.515  3.196   6.708   1.00 14.34 ? 66   GLN B CA  1 
ATOM   1099 C  C   . GLN B 1 66 ? 10.865  2.366   5.483   1.00 14.33 ? 66   GLN B C   1 
ATOM   1100 O  O   . GLN B 1 66 ? 11.860  2.632   4.813   1.00 15.21 ? 66   GLN B O   1 
ATOM   1101 C  CB  . GLN B 1 66 ? 11.070  2.622   8.014   1.00 15.64 ? 66   GLN B CB  1 
ATOM   1102 C  CG  . GLN B 1 66 ? 11.017  3.694   9.093   1.00 17.47 ? 66   GLN B CG  1 
ATOM   1103 C  CD  . GLN B 1 66 ? 11.713  3.333   10.376  1.00 20.55 ? 66   GLN B CD  1 
ATOM   1104 O  OE1 . GLN B 1 66 ? 12.090  2.181   10.602  1.00 20.75 ? 66   GLN B OE1 1 
ATOM   1105 N  NE2 . GLN B 1 66 ? 11.862  4.329   11.251  1.00 21.60 ? 66   GLN B NE2 1 
ATOM   1106 N  N   . GLY B 1 67 ? 10.040  1.374   5.154   1.00 14.13 ? 67   GLY B N   1 
ATOM   1107 C  CA  . GLY B 1 67 ? 10.267  0.621   3.950   1.00 14.12 ? 67   GLY B CA  1 
ATOM   1108 C  C   . GLY B 1 67 ? 10.162  1.447   2.677   1.00 14.23 ? 67   GLY B C   1 
ATOM   1109 O  O   . GLY B 1 67 ? 10.933  1.249   1.746   1.00 13.11 ? 67   GLY B O   1 
ATOM   1110 N  N   . LEU B 1 68 ? 9.196   2.356   2.639   1.00 13.74 ? 68   LEU B N   1 
ATOM   1111 C  CA  . LEU B 1 68 ? 9.027   3.237   1.494   1.00 14.36 ? 68   LEU B CA  1 
ATOM   1112 C  C   . LEU B 1 68 ? 10.175  4.235   1.376   1.00 14.25 ? 68   LEU B C   1 
ATOM   1113 O  O   . LEU B 1 68 ? 10.581  4.547   0.263   1.00 15.63 ? 68   LEU B O   1 
ATOM   1114 C  CB  . LEU B 1 68 ? 7.668   3.944   1.551   1.00 14.09 ? 68   LEU B CB  1 
ATOM   1115 C  CG  . LEU B 1 68 ? 6.439   3.063   1.378   1.00 14.07 ? 68   LEU B CG  1 
ATOM   1116 C  CD1 . LEU B 1 68 ? 5.174   3.898   1.480   1.00 14.29 ? 68   LEU B CD1 1 
ATOM   1117 C  CD2 . LEU B 1 68 ? 6.467   2.378   0.020   1.00 14.20 ? 68   LEU B CD2 1 
ATOM   1118 N  N   . LEU B 1 69 ? 10.646  4.762   2.510   1.00 15.55 ? 69   LEU B N   1 
ATOM   1119 C  CA  . LEU B 1 69 ? 11.813  5.622   2.524   1.00 16.60 ? 69   LEU B CA  1 
ATOM   1120 C  C   . LEU B 1 69 ? 13.011  4.913   1.927   1.00 15.11 ? 69   LEU B C   1 
ATOM   1121 O  O   . LEU B 1 69 ? 13.700  5.491   1.109   1.00 16.45 ? 69   LEU B O   1 
ATOM   1122 C  CB  . LEU B 1 69 ? 12.127  6.101   3.941   1.00 18.16 ? 69   LEU B CB  1 
ATOM   1123 C  CG  . LEU B 1 69 ? 11.163  7.170   4.439   1.00 19.31 ? 69   LEU B CG  1 
ATOM   1124 C  CD1 . LEU B 1 69 ? 11.322  7.354   5.941   1.00 21.35 ? 69   LEU B CD1 1 
ATOM   1125 C  CD2 . LEU B 1 69 ? 11.347  8.508   3.714   1.00 20.48 ? 69   LEU B CD2 1 
ATOM   1126 N  N   . LEU B 1 70 ? 13.235  3.658   2.300   1.00 14.56 ? 70   LEU B N   1 
ATOM   1127 C  CA  . LEU B 1 70 ? 14.289  2.843   1.689   1.00 15.79 ? 70   LEU B CA  1 
ATOM   1128 C  C   . LEU B 1 70 ? 14.095  2.565   0.216   1.00 14.54 ? 70   LEU B C   1 
ATOM   1129 O  O   . LEU B 1 70 ? 15.061  2.619   -0.602  1.00 15.05 ? 70   LEU B O   1 
ATOM   1130 C  CB  . LEU B 1 70 ? 14.420  1.507   2.427   1.00 17.52 ? 70   LEU B CB  1 
ATOM   1131 C  CG  . LEU B 1 70 ? 15.068  1.570   3.782   1.00 19.32 ? 70   LEU B CG  1 
ATOM   1132 C  CD1 . LEU B 1 70 ? 15.182  0.143   4.330   1.00 21.43 ? 70   LEU B CD1 1 
ATOM   1133 C  CD2 . LEU B 1 70 ? 16.462  2.172   3.659   1.00 21.95 ? 70   LEU B CD2 1 
ATOM   1134 N  N   . ALA B 1 71 ? 12.851  2.300   -0.182  1.00 14.71 ? 71   ALA B N   1 
ATOM   1135 C  CA  . ALA B 1 71 ? 12.566  2.004   -1.566  1.00 15.04 ? 71   ALA B CA  1 
ATOM   1136 C  C   . ALA B 1 71 ? 12.859  3.242   -2.433  1.00 16.62 ? 71   ALA B C   1 
ATOM   1137 O  O   . ALA B 1 71 ? 13.167  3.118   -3.618  1.00 18.02 ? 71   ALA B O   1 
ATOM   1138 C  CB  . ALA B 1 71 ? 11.118  1.545   -1.727  1.00 15.26 ? 71   ALA B CB  1 
ATOM   1139 N  N   . SER B 1 72 ? 12.772  4.431   -1.836  1.00 16.65 ? 72   SER B N   1 
ATOM   1140 C  CA  A SER B 1 72 ? 13.027  5.672   -2.556  0.50 16.41 ? 72   SER B CA  1 
ATOM   1141 C  CA  B SER B 1 72 ? 13.031  5.680   -2.555  0.50 16.60 ? 72   SER B CA  1 
ATOM   1142 C  C   . SER B 1 72 ? 14.499  5.799   -2.987  1.00 16.74 ? 72   SER B C   1 
ATOM   1143 O  O   . SER B 1 72 ? 14.800  6.539   -3.898  1.00 16.51 ? 72   SER B O   1 
ATOM   1144 C  CB  A SER B 1 72 ? 12.632  6.875   -1.696  0.50 16.22 ? 72   SER B CB  1 
ATOM   1145 C  CB  B SER B 1 72 ? 12.689  6.902   -1.694  0.50 16.61 ? 72   SER B CB  1 
ATOM   1146 O  OG  A SER B 1 72 ? 13.593  7.129   -0.674  0.50 15.30 ? 72   SER B OG  1 
ATOM   1147 O  OG  B SER B 1 72 ? 11.314  6.996   -1.384  0.50 16.06 ? 72   SER B OG  1 
ATOM   1148 N  N   . ARG B 1 73 ? 15.390  5.099   -2.295  1.00 16.98 ? 73   ARG B N   1 
ATOM   1149 C  CA  . ARG B 1 73 ? 16.850  5.088   -2.631  1.00 17.70 ? 73   ARG B CA  1 
ATOM   1150 C  C   . ARG B 1 73 ? 17.236  4.219   -3.799  1.00 17.95 ? 73   ARG B C   1 
ATOM   1151 O  O   . ARG B 1 73 ? 18.358  4.318   -4.297  1.00 16.68 ? 73   ARG B O   1 
ATOM   1152 C  CB  . ARG B 1 73 ? 17.668  4.613   -1.443  1.00 17.51 ? 73   ARG B CB  1 
ATOM   1153 C  CG  . ARG B 1 73 ? 17.557  5.471   -0.219  1.00 18.67 ? 73   ARG B CG  1 
ATOM   1154 C  CD  . ARG B 1 73 ? 18.445  4.893   0.864   1.00 19.83 ? 73   ARG B CD  1 
ATOM   1155 N  NE  . ARG B 1 73 ? 18.357  5.674   2.078   1.00 21.13 ? 73   ARG B NE  1 
ATOM   1156 C  CZ  . ARG B 1 73 ? 18.805  5.301   3.281   1.00 22.02 ? 73   ARG B CZ  1 
ATOM   1157 N  NH1 . ARG B 1 73 ? 19.398  4.127   3.486   1.00 21.88 ? 73   ARG B NH1 1 
ATOM   1158 N  NH2 . ARG B 1 73 ? 18.620  6.129   4.295   1.00 24.50 ? 73   ARG B NH2 1 
ATOM   1159 N  N   . GLU B 1 74 ? 16.343  3.331   -4.218  1.00 18.24 ? 74   GLU B N   1 
ATOM   1160 C  CA  . GLU B 1 74 ? 16.584  2.542   -5.402  1.00 21.81 ? 74   GLU B CA  1 
ATOM   1161 C  C   . GLU B 1 74 ? 16.460  3.565   -6.525  1.00 24.42 ? 74   GLU B C   1 
ATOM   1162 O  O   . GLU B 1 74 ? 15.969  4.663   -6.322  1.00 28.35 ? 74   GLU B O   1 
ATOM   1163 C  CB  . GLU B 1 74 ? 15.563  1.424   -5.517  1.00 21.66 ? 74   GLU B CB  1 
ATOM   1164 C  CG  . GLU B 1 74 ? 15.538  0.504   -4.313  1.00 21.51 ? 74   GLU B CG  1 
ATOM   1165 C  CD  . GLU B 1 74 ? 16.799  -0.344  -4.169  1.00 22.87 ? 74   GLU B CD  1 
ATOM   1166 O  OE1 . GLU B 1 74 ? 17.403  -0.719  -5.191  1.00 24.50 ? 74   GLU B OE1 1 
ATOM   1167 O  OE2 . GLU B 1 74 ? 17.154  -0.700  -3.031  1.00 23.13 ? 74   GLU B OE2 1 
ATOM   1168 N  N   . GLY B 1 75 ? 16.959  3.263   -7.690  1.00 27.29 ? 75   GLY B N   1 
ATOM   1169 C  CA  . GLY B 1 75 ? 16.891  4.258   -8.761  1.00 28.57 ? 75   GLY B CA  1 
ATOM   1170 C  C   . GLY B 1 75 ? 18.103  4.180   -9.649  1.00 30.09 ? 75   GLY B C   1 
ATOM   1171 O  O   . GLY B 1 75 ? 18.004  4.466   -10.847 1.00 30.01 ? 75   GLY B O   1 
ATOM   1172 O  OXT . GLY B 1 75 ? 19.182  3.851   -9.159  1.00 31.46 ? 75   GLY B OXT 1 
HETATM 1173 CL CL  . CL  C 2 .  ? 1.860   4.794   -11.026 1.00 22.31 ? 1076 CL  A CL  1 
HETATM 1174 CL CL  . CL  D 2 .  ? 11.138  4.674   -13.880 1.00 34.52 ? 1077 CL  A CL  1 
HETATM 1175 CL CL  . CL  E 2 .  ? -10.202 -4.966  -8.009  1.00 34.90 ? 1076 CL  B CL  1 
HETATM 1176 CL CL  . CL  F 2 .  ? -2.607  -5.316  10.580  1.00 51.52 ? 1077 CL  B CL  1 
HETATM 1177 CL CL  . CL  G 2 .  ? -14.074 10.776  -4.288  1.00 27.47 ? 1078 CL  B CL  1 
HETATM 1178 CL CL  . CL  H 2 .  ? 9.900   -4.044  8.799   1.00 28.97 ? 1079 CL  B CL  1 
HETATM 1179 O  O   . HOH I 3 .  ? 7.161   -15.228 -7.331  1.00 37.92 ? 2001 HOH A O   1 
HETATM 1180 O  O   . HOH I 3 .  ? 13.784  -11.770 -1.359  1.00 37.82 ? 2002 HOH A O   1 
HETATM 1181 O  O   . HOH I 3 .  ? 8.060   -6.525  -6.972  1.00 36.11 ? 2003 HOH A O   1 
HETATM 1182 O  O   . HOH I 3 .  ? 12.911  -9.659  -10.365 1.00 47.29 ? 2004 HOH A O   1 
HETATM 1183 O  O   . HOH I 3 .  ? 5.239   -17.832 12.112  0.50 19.64 ? 2005 HOH A O   1 
HETATM 1184 O  O   . HOH I 3 .  ? 5.031   -19.666 11.633  0.50 21.26 ? 2006 HOH A O   1 
HETATM 1185 O  O   . HOH I 3 .  ? 19.940  -2.011  -5.022  1.00 33.74 ? 2007 HOH A O   1 
HETATM 1186 O  O   . HOH I 3 .  ? 15.391  -9.416  -2.312  1.00 20.14 ? 2008 HOH A O   1 
HETATM 1187 O  O   . HOH I 3 .  ? 11.543  -5.924  7.053   1.00 25.07 ? 2009 HOH A O   1 
HETATM 1188 O  O   . HOH I 3 .  ? 9.805   -10.904 8.117   1.00 23.18 ? 2010 HOH A O   1 
HETATM 1189 O  O   . HOH I 3 .  ? 15.420  -0.798  -21.686 1.00 27.12 ? 2011 HOH A O   1 
HETATM 1190 O  O   . HOH I 3 .  ? 5.517   -6.219  12.580  1.00 23.21 ? 2012 HOH A O   1 
HETATM 1191 O  O   . HOH I 3 .  ? 5.269   -9.367  14.221  1.00 19.39 ? 2013 HOH A O   1 
HETATM 1192 O  O   . HOH I 3 .  ? -3.976  -6.107  4.417   1.00 27.99 ? 2014 HOH A O   1 
HETATM 1193 O  O   . HOH I 3 .  ? 5.091   -13.270 9.588   1.00 21.81 ? 2015 HOH A O   1 
HETATM 1194 O  O   . HOH I 3 .  ? -3.099  -15.739 11.626  1.00 39.01 ? 2016 HOH A O   1 
HETATM 1195 O  O   . HOH I 3 .  ? -0.107  -14.784 14.340  1.00 20.03 ? 2017 HOH A O   1 
HETATM 1196 O  O   . HOH I 3 .  ? 5.381   -16.422 9.607   1.00 32.86 ? 2018 HOH A O   1 
HETATM 1197 O  O   . HOH I 3 .  ? 11.438  10.650  -3.308  1.00 28.38 ? 2019 HOH A O   1 
HETATM 1198 O  O   . HOH I 3 .  ? 5.622   -6.378  -2.916  1.00 14.57 ? 2020 HOH A O   1 
HETATM 1199 O  O   . HOH I 3 .  ? 4.935   -9.243  -3.221  1.00 20.15 ? 2021 HOH A O   1 
HETATM 1200 O  O   . HOH I 3 .  ? -0.622  14.294  2.780   1.00 20.25 ? 2022 HOH A O   1 
HETATM 1201 O  O   . HOH I 3 .  ? 0.672   16.542  3.737   1.00 35.56 ? 2023 HOH A O   1 
HETATM 1202 O  O   . HOH I 3 .  ? 15.410  -3.155  -7.555  1.00 29.97 ? 2024 HOH A O   1 
HETATM 1203 O  O   . HOH I 3 .  ? 6.494   -5.509  -15.125 1.00 27.96 ? 2025 HOH A O   1 
HETATM 1204 O  O   . HOH I 3 .  ? 13.129  -6.406  -11.197 0.50 15.71 ? 2026 HOH A O   1 
HETATM 1205 O  O   . HOH I 3 .  ? 10.937  -7.260  -13.369 1.00 27.50 ? 2027 HOH A O   1 
HETATM 1206 O  O   . HOH I 3 .  ? 17.469  -0.504  -8.261  1.00 28.78 ? 2028 HOH A O   1 
HETATM 1207 O  O   . HOH I 3 .  ? 7.926   -1.551  -18.204 1.00 20.95 ? 2029 HOH A O   1 
HETATM 1208 O  O   . HOH I 3 .  ? 9.710   -7.559  -22.755 1.00 19.60 ? 2030 HOH A O   1 
HETATM 1209 O  O   . HOH I 3 .  ? 15.414  -3.259  -23.177 1.00 18.40 ? 2031 HOH A O   1 
HETATM 1210 O  O   . HOH I 3 .  ? 15.108  3.605   -19.602 1.00 37.91 ? 2032 HOH A O   1 
HETATM 1211 O  O   . HOH I 3 .  ? 12.991  6.943   -5.859  1.00 19.85 ? 2033 HOH A O   1 
HETATM 1212 O  O   . HOH I 3 .  ? 5.886   -3.846  -17.124 1.00 30.43 ? 2034 HOH A O   1 
HETATM 1213 O  O   . HOH I 3 .  ? -3.287  -5.927  -7.112  1.00 17.35 ? 2035 HOH A O   1 
HETATM 1214 O  O   . HOH I 3 .  ? -1.795  -3.695  -7.675  1.00 26.57 ? 2036 HOH A O   1 
HETATM 1215 O  O   . HOH I 3 .  ? -2.416  -15.862 -4.097  1.00 18.01 ? 2037 HOH A O   1 
HETATM 1216 O  O   . HOH I 3 .  ? -6.146  -11.420 -3.800  1.00 23.45 ? 2038 HOH A O   1 
HETATM 1217 O  O   . HOH I 3 .  ? -6.458  -10.994 0.439   1.00 38.97 ? 2039 HOH A O   1 
HETATM 1218 O  O   . HOH I 3 .  ? -3.384  -1.703  -6.926  1.00 26.81 ? 2040 HOH A O   1 
HETATM 1219 O  O   . HOH I 3 .  ? -1.705  0.262   -8.008  1.00 19.03 ? 2041 HOH A O   1 
HETATM 1220 O  O   . HOH I 3 .  ? 8.479   10.634  -5.099  1.00 18.24 ? 2042 HOH A O   1 
HETATM 1221 O  O   . HOH I 3 .  ? 11.182  8.896   -5.813  1.00 20.95 ? 2043 HOH A O   1 
HETATM 1222 O  O   . HOH I 3 .  ? 11.322  9.803   -8.333  1.00 35.23 ? 2044 HOH A O   1 
HETATM 1223 O  O   . HOH I 3 .  ? 4.221   13.372  -8.944  1.00 32.49 ? 2045 HOH A O   1 
HETATM 1224 O  O   . HOH I 3 .  ? 5.787   12.195  -4.907  1.00 21.94 ? 2046 HOH A O   1 
HETATM 1225 O  O   . HOH I 3 .  ? 0.408   13.357  0.200   1.00 21.24 ? 2047 HOH A O   1 
HETATM 1226 O  O   . HOH I 3 .  ? 2.891   14.520  6.322   1.00 20.06 ? 2048 HOH A O   1 
HETATM 1227 O  O   . HOH I 3 .  ? -2.670  5.957   12.417  1.00 34.85 ? 2049 HOH A O   1 
HETATM 1228 O  O   . HOH I 3 .  ? -1.398  6.591   14.710  1.00 32.17 ? 2050 HOH A O   1 
HETATM 1229 O  O   . HOH I 3 .  ? 5.430   12.906  15.030  1.00 38.85 ? 2051 HOH A O   1 
HETATM 1230 O  O   . HOH I 3 .  ? 2.920   14.954  9.284   1.00 24.29 ? 2052 HOH A O   1 
HETATM 1231 O  O   . HOH I 3 .  ? 8.438   12.917  10.173  1.00 32.38 ? 2053 HOH A O   1 
HETATM 1232 O  O   . HOH I 3 .  ? -5.330  14.556  8.667   1.00 31.93 ? 2054 HOH A O   1 
HETATM 1233 O  O   . HOH J 3 .  ? -13.964 0.789   -8.166  1.00 36.96 ? 2001 HOH B O   1 
HETATM 1234 O  O   . HOH J 3 .  ? -19.337 0.419   -5.071  1.00 28.93 ? 2002 HOH B O   1 
HETATM 1235 O  O   . HOH J 3 .  ? -18.002 1.846   -3.209  1.00 28.87 ? 2003 HOH B O   1 
HETATM 1236 O  O   . HOH J 3 .  ? -10.662 3.600   0.045   1.00 20.80 ? 2004 HOH B O   1 
HETATM 1237 O  O   . HOH J 3 .  ? -20.106 5.030   -5.457  1.00 22.87 ? 2005 HOH B O   1 
HETATM 1238 O  O   . HOH J 3 .  ? -21.952 1.870   7.446   1.00 31.59 ? 2006 HOH B O   1 
HETATM 1239 O  O   . HOH J 3 .  ? -16.147 7.446   3.585   1.00 16.47 ? 2007 HOH B O   1 
HETATM 1240 O  O   . HOH J 3 .  ? -14.949 8.221   0.408   1.00 26.76 ? 2008 HOH B O   1 
HETATM 1241 O  O   . HOH J 3 .  ? -12.582 5.705   -0.410  1.00 32.58 ? 2009 HOH B O   1 
HETATM 1242 O  O   . HOH J 3 .  ? -18.181 4.551   -3.502  1.00 24.79 ? 2010 HOH B O   1 
HETATM 1243 O  O   . HOH J 3 .  ? -13.254 13.144  1.446   1.00 30.37 ? 2011 HOH B O   1 
HETATM 1244 O  O   . HOH J 3 .  ? -2.104  8.974   -17.557 1.00 30.38 ? 2012 HOH B O   1 
HETATM 1245 O  O   . HOH J 3 .  ? -15.915 5.116   9.230   0.50 11.86 ? 2013 HOH B O   1 
HETATM 1246 O  O   . HOH J 3 .  ? -12.267 7.620   2.267   1.00 33.19 ? 2014 HOH B O   1 
HETATM 1247 O  O   . HOH J 3 .  ? -13.272 11.751  4.113   1.00 21.40 ? 2015 HOH B O   1 
HETATM 1248 O  O   . HOH J 3 .  ? -12.690 11.331  -0.299  1.00 21.42 ? 2016 HOH B O   1 
HETATM 1249 O  O   . HOH J 3 .  ? -6.049  15.124  5.787   1.00 19.81 ? 2017 HOH B O   1 
HETATM 1250 O  O   . HOH J 3 .  ? -3.535  15.119  2.412   1.00 21.89 ? 2018 HOH B O   1 
HETATM 1251 O  O   . HOH J 3 .  ? -4.055  14.475  -0.676  1.00 30.97 ? 2019 HOH B O   1 
HETATM 1252 O  O   . HOH J 3 .  ? -1.262  13.938  -1.833  1.00 30.12 ? 2020 HOH B O   1 
HETATM 1253 O  O   . HOH J 3 .  ? -10.844 12.809  -2.113  1.00 22.00 ? 2021 HOH B O   1 
HETATM 1254 O  O   . HOH J 3 .  ? -6.895  14.921  -5.335  1.00 34.06 ? 2022 HOH B O   1 
HETATM 1255 O  O   . HOH J 3 .  ? -0.104  8.720   -15.401 1.00 20.97 ? 2023 HOH B O   1 
HETATM 1256 O  O   . HOH J 3 .  ? -0.475  11.208  -14.750 1.00 27.63 ? 2024 HOH B O   1 
HETATM 1257 O  O   . HOH J 3 .  ? -0.682  5.749   -14.516 1.00 29.70 ? 2025 HOH B O   1 
HETATM 1258 O  O   . HOH J 3 .  ? -6.648  11.786  -10.155 1.00 16.42 ? 2026 HOH B O   1 
HETATM 1259 O  O   . HOH J 3 .  ? -6.206  7.499   -16.861 1.00 23.07 ? 2027 HOH B O   1 
HETATM 1260 O  O   . HOH J 3 .  ? -4.107  10.558  -17.166 1.00 12.22 ? 2028 HOH B O   1 
HETATM 1261 O  O   . HOH J 3 .  ? -9.819  12.980  -12.578 1.00 15.46 ? 2029 HOH B O   1 
HETATM 1262 O  O   . HOH J 3 .  ? -8.531  3.616   -15.726 1.00 18.63 ? 2030 HOH B O   1 
HETATM 1263 O  O   . HOH J 3 .  ? -2.677  4.727   -16.098 1.00 29.89 ? 2031 HOH B O   1 
HETATM 1264 O  O   . HOH J 3 .  ? -8.015  13.872  -10.829 1.00 16.47 ? 2032 HOH B O   1 
HETATM 1265 O  O   . HOH J 3 .  ? -8.232  4.074   1.373   1.00 10.75 ? 2033 HOH B O   1 
HETATM 1266 O  O   . HOH J 3 .  ? 12.701  -0.988  6.069   1.00 19.94 ? 2034 HOH B O   1 
HETATM 1267 O  O   . HOH J 3 .  ? 14.620  1.108   7.571   1.00 32.68 ? 2035 HOH B O   1 
HETATM 1268 O  O   . HOH J 3 .  ? -8.246  -4.908  0.622   1.00 46.30 ? 2036 HOH B O   1 
HETATM 1269 O  O   . HOH J 3 .  ? -8.133  -4.309  3.223   1.00 42.88 ? 2037 HOH B O   1 
HETATM 1270 O  O   . HOH J 3 .  ? -16.143 3.653   -11.755 1.00 29.87 ? 2038 HOH B O   1 
HETATM 1271 O  O   . HOH J 3 .  ? -15.491 11.036  -14.924 1.00 31.62 ? 2039 HOH B O   1 
HETATM 1272 O  O   . HOH J 3 .  ? -19.978 10.379  -7.627  1.00 29.09 ? 2040 HOH B O   1 
HETATM 1273 O  O   . HOH J 3 .  ? -20.966 6.110   -12.062 1.00 26.51 ? 2041 HOH B O   1 
HETATM 1274 O  O   . HOH J 3 .  ? -17.095 12.985  -15.862 1.00 32.83 ? 2042 HOH B O   1 
HETATM 1275 O  O   . HOH J 3 .  ? -18.940 4.506   -12.924 1.00 35.08 ? 2043 HOH B O   1 
HETATM 1276 O  O   . HOH J 3 .  ? -12.228 13.713  -11.575 1.00 25.72 ? 2044 HOH B O   1 
HETATM 1277 O  O   . HOH J 3 .  ? -12.419 -4.052  -7.221  1.00 27.88 ? 2045 HOH B O   1 
HETATM 1278 O  O   . HOH J 3 .  ? -5.785  -5.914  2.833   1.00 31.89 ? 2046 HOH B O   1 
HETATM 1279 O  O   . HOH J 3 .  ? 3.532   2.908   13.673  1.00 16.58 ? 2047 HOH B O   1 
HETATM 1280 O  O   . HOH J 3 .  ? 5.910   -0.085  12.926  1.00 13.99 ? 2048 HOH B O   1 
HETATM 1281 O  O   . HOH J 3 .  ? 10.391  -1.377  7.589   1.00 16.34 ? 2049 HOH B O   1 
HETATM 1282 O  O   . HOH J 3 .  ? 6.099   -4.698  14.601  1.00 23.29 ? 2050 HOH B O   1 
HETATM 1283 O  O   . HOH J 3 .  ? 14.096  3.839   6.249   1.00 24.60 ? 2051 HOH B O   1 
HETATM 1284 O  O   . HOH J 3 .  ? 11.310  -0.287  10.018  1.00 21.29 ? 2052 HOH B O   1 
HETATM 1285 O  O   . HOH J 3 .  ? 13.852  1.608   12.456  1.00 17.69 ? 2053 HOH B O   1 
HETATM 1286 O  O   . HOH J 3 .  ? 14.675  7.719   2.165   1.00 35.43 ? 2054 HOH B O   1 
HETATM 1287 O  O   . HOH J 3 .  ? 17.011  0.397   -0.562  1.00 23.35 ? 2055 HOH B O   1 
HETATM 1288 O  O   . HOH J 3 .  ? 20.432  2.646   5.833   1.00 28.14 ? 2056 HOH B O   1 
HETATM 1289 O  O   . HOH J 3 .  ? 20.280  2.167   1.761   1.00 30.07 ? 2057 HOH B O   1 
HETATM 1290 O  O   . HOH J 3 .  ? 17.576  9.175   2.682   1.00 29.48 ? 2058 HOH B O   1 
# 
